data_4PF1
#
_entry.id   4PF1
#
_cell.length_a   118.434
_cell.length_b   108.144
_cell.length_c   120.384
_cell.angle_alpha   90.00
_cell.angle_beta   95.08
_cell.angle_gamma   90.00
#
_symmetry.space_group_name_H-M   'P 1 21 1'
#
loop_
_entity.id
_entity.type
_entity.pdbx_description
1 polymer 'Peptidase S15/CocE/NonD'
2 non-polymer 'TRIETHYLENE GLYCOL'
3 non-polymer GLYCEROL
4 water water
#
_entity_poly.entity_id   1
_entity_poly.type   'polypeptide(L)'
_entity_poly.pdbx_seq_one_letter_code
;SNAMKKLRDDFSEDSDSDIPEKFTPKTDLFDYTRREEMIPMRDGVKLNTIILIPKGVQNTPIVLTRTPYHAERRTLRFNS
SSLSMVVPQMNDTTSAARYIIVYQDVRGKYGSEGGYMMNKPLTGPLNTTGTDHSTDTYDTIDWLVKNIPESNGRVAAIGG
SYEGYTTLMCTINPHPALKAVVPFASMVDGWMGDDWFHMGAFRQEASLPYAYNQEATRKNEIKWWSGSYDTYDAYLRAGN
AGAMAASRGMESIGFWKKLAAHPSYDSFWQQQAMDKMLAQHPLTVPMLIVGGLFDQEDIYGSPKLYKVLAPKDPEGKLVH
FVLGPWNHGQGRRDARSLGPLQFEGDTGGWFRRNVMQPFLDHYLKDAPKLDIPRVLSYETGANAWHRYDDWPPERTEGQE
AHYCDLYVQEDGKLGFEMPAAKQAFDEYVSDPAKPVPYRQRPTIPSYAAESTWGEWLVDDQRHTASRTDVLVWATEPLKE
PLRVAGQPVARLFASTSGSDADWVVKIIDVWPDEVPENPKLGGYQQMLSADIFRGRYREDFAVAKPLVPDKVLEYRIPLP
QVSHTFLPGHRIMVQVQSSWFPLYDRNPQTFVPNIMFAPPESYRKATQRVWRTAEYPTAIEIHIIS
;
_entity_poly.pdbx_strand_id   A,B,C,D
#
# COMPACT_ATOMS: atom_id res chain seq x y z
N PHE A 11 -38.42 -12.95 33.51
CA PHE A 11 -37.67 -11.73 33.18
C PHE A 11 -38.62 -10.55 33.01
N SER A 12 -38.35 -9.45 33.74
CA SER A 12 -39.15 -8.23 33.64
C SER A 12 -38.37 -7.17 32.87
N GLU A 13 -38.90 -6.76 31.70
CA GLU A 13 -38.27 -5.78 30.80
C GLU A 13 -38.18 -4.38 31.42
N ASP A 14 -39.02 -4.09 32.44
CA ASP A 14 -39.12 -2.80 33.11
C ASP A 14 -38.15 -2.62 34.31
N SER A 15 -37.45 -3.69 34.74
CA SER A 15 -36.59 -3.58 35.92
C SER A 15 -35.34 -4.46 35.89
N ASP A 16 -35.46 -5.72 35.42
CA ASP A 16 -34.35 -6.69 35.45
C ASP A 16 -33.16 -6.25 34.60
N SER A 17 -31.95 -6.54 35.09
CA SER A 17 -30.70 -6.27 34.40
C SER A 17 -30.60 -7.19 33.19
N ASP A 18 -30.17 -6.63 32.05
CA ASP A 18 -30.04 -7.39 30.81
C ASP A 18 -28.85 -8.36 30.88
N ILE A 19 -27.86 -8.04 31.74
CA ILE A 19 -26.67 -8.87 31.92
C ILE A 19 -26.98 -10.01 32.89
N PRO A 20 -26.91 -11.29 32.45
CA PRO A 20 -27.14 -12.40 33.38
C PRO A 20 -26.03 -12.49 34.43
N GLU A 21 -26.34 -13.03 35.63
CA GLU A 21 -25.39 -13.16 36.74
C GLU A 21 -24.15 -13.96 36.31
N LYS A 22 -24.37 -15.09 35.62
CA LYS A 22 -23.31 -15.95 35.11
C LYS A 22 -23.62 -16.38 33.68
N PHE A 23 -22.77 -16.00 32.74
CA PHE A 23 -22.92 -16.38 31.34
C PHE A 23 -21.83 -17.35 30.93
N THR A 24 -22.21 -18.45 30.29
CA THR A 24 -21.26 -19.46 29.79
C THR A 24 -21.41 -19.55 28.27
N PRO A 25 -20.35 -19.26 27.48
CA PRO A 25 -20.47 -19.33 26.02
C PRO A 25 -20.84 -20.73 25.52
N LYS A 26 -21.56 -20.81 24.40
CA LYS A 26 -21.98 -22.07 23.79
C LYS A 26 -20.82 -22.62 22.95
N THR A 27 -20.16 -23.69 23.46
CA THR A 27 -18.97 -24.26 22.82
C THR A 27 -19.18 -25.71 22.31
N ASP A 28 -20.41 -26.24 22.36
CA ASP A 28 -20.69 -27.62 21.93
C ASP A 28 -20.50 -27.84 20.41
N LEU A 29 -20.48 -26.75 19.60
CA LEU A 29 -20.25 -26.82 18.16
C LEU A 29 -18.77 -26.59 17.80
N PHE A 30 -17.89 -26.47 18.83
CA PHE A 30 -16.45 -26.26 18.63
C PHE A 30 -15.78 -27.61 18.32
N ASP A 31 -14.68 -27.61 17.56
CA ASP A 31 -13.98 -28.86 17.26
C ASP A 31 -12.94 -29.20 18.37
N TYR A 32 -13.01 -28.49 19.51
CA TYR A 32 -12.11 -28.66 20.64
C TYR A 32 -12.80 -28.31 21.96
N THR A 33 -12.28 -28.84 23.08
CA THR A 33 -12.78 -28.53 24.43
C THR A 33 -11.72 -27.71 25.16
N ARG A 34 -12.14 -26.66 25.86
CA ARG A 34 -11.24 -25.78 26.61
C ARG A 34 -11.39 -26.03 28.11
N ARG A 35 -10.34 -26.62 28.73
CA ARG A 35 -10.31 -26.89 30.16
C ARG A 35 -9.41 -25.90 30.88
N GLU A 36 -9.99 -25.13 31.82
CA GLU A 36 -9.24 -24.14 32.60
C GLU A 36 -9.04 -24.66 34.01
N GLU A 37 -7.77 -24.92 34.39
CA GLU A 37 -7.47 -25.52 35.68
C GLU A 37 -6.46 -24.71 36.48
N MET A 38 -6.71 -24.59 37.79
CA MET A 38 -5.78 -23.96 38.72
C MET A 38 -5.03 -25.08 39.45
N ILE A 39 -3.92 -25.54 38.84
CA ILE A 39 -3.13 -26.66 39.35
C ILE A 39 -2.32 -26.25 40.58
N PRO A 40 -2.50 -26.94 41.72
CA PRO A 40 -1.71 -26.59 42.92
C PRO A 40 -0.30 -27.16 42.84
N MET A 41 0.71 -26.32 43.12
CA MET A 41 2.11 -26.74 43.14
C MET A 41 2.41 -27.38 44.50
N ARG A 42 3.65 -27.90 44.70
CA ARG A 42 4.07 -28.57 45.95
C ARG A 42 4.02 -27.64 47.19
N ASP A 43 3.98 -26.31 46.98
CA ASP A 43 3.91 -25.34 48.07
C ASP A 43 2.47 -24.80 48.25
N GLY A 44 1.52 -25.34 47.48
CA GLY A 44 0.11 -24.95 47.56
C GLY A 44 -0.30 -23.84 46.61
N VAL A 45 0.67 -23.10 46.05
CA VAL A 45 0.44 -22.01 45.10
C VAL A 45 -0.14 -22.59 43.79
N LYS A 46 -1.26 -22.01 43.29
CA LYS A 46 -1.95 -22.53 42.10
C LYS A 46 -1.57 -21.77 40.82
N LEU A 47 -1.30 -22.52 39.73
CA LEU A 47 -0.96 -21.94 38.42
C LEU A 47 -2.11 -22.11 37.43
N ASN A 48 -2.44 -21.01 36.71
CA ASN A 48 -3.51 -21.02 35.72
C ASN A 48 -3.09 -21.81 34.49
N THR A 49 -3.81 -22.90 34.19
CA THR A 49 -3.46 -23.82 33.11
C THR A 49 -4.62 -23.98 32.12
N ILE A 50 -4.35 -23.67 30.84
CA ILE A 50 -5.34 -23.75 29.76
C ILE A 50 -5.06 -25.00 28.93
N ILE A 51 -5.97 -25.98 28.98
CA ILE A 51 -5.83 -27.26 28.29
C ILE A 51 -6.81 -27.32 27.10
N LEU A 52 -6.26 -27.47 25.89
CA LEU A 52 -7.07 -27.55 24.66
C LEU A 52 -7.06 -28.99 24.14
N ILE A 53 -8.20 -29.66 24.25
CA ILE A 53 -8.33 -31.05 23.82
C ILE A 53 -9.16 -31.13 22.54
N PRO A 54 -8.59 -31.67 21.43
CA PRO A 54 -9.40 -31.82 20.20
C PRO A 54 -10.55 -32.79 20.44
N LYS A 55 -11.75 -32.47 19.92
CA LYS A 55 -12.93 -33.31 20.14
C LYS A 55 -12.80 -34.67 19.43
N GLY A 56 -13.12 -35.74 20.16
CA GLY A 56 -13.11 -37.11 19.65
C GLY A 56 -11.78 -37.83 19.74
N VAL A 57 -10.70 -37.11 20.07
CA VAL A 57 -9.35 -37.68 20.14
C VAL A 57 -9.15 -38.52 21.42
N GLN A 58 -8.25 -39.50 21.35
CA GLN A 58 -7.85 -40.38 22.45
C GLN A 58 -6.41 -40.86 22.23
N ASN A 59 -5.70 -41.15 23.34
CA ASN A 59 -4.30 -41.62 23.35
C ASN A 59 -3.37 -40.70 22.50
N THR A 60 -3.54 -39.37 22.66
CA THR A 60 -2.75 -38.37 21.92
C THR A 60 -1.75 -37.67 22.88
N PRO A 61 -0.54 -37.26 22.43
CA PRO A 61 0.41 -36.60 23.36
C PRO A 61 0.01 -35.17 23.73
N ILE A 62 0.75 -34.59 24.69
CA ILE A 62 0.56 -33.21 25.16
C ILE A 62 1.74 -32.34 24.73
N VAL A 63 1.46 -31.11 24.26
CA VAL A 63 2.49 -30.15 23.92
C VAL A 63 2.30 -28.92 24.86
N LEU A 64 3.24 -28.76 25.81
CA LEU A 64 3.17 -27.75 26.88
C LEU A 64 4.02 -26.51 26.59
N THR A 65 3.45 -25.33 26.88
CA THR A 65 4.14 -24.05 26.77
C THR A 65 3.84 -23.25 28.05
N ARG A 66 4.89 -22.79 28.74
CA ARG A 66 4.78 -22.04 29.99
C ARG A 66 5.16 -20.58 29.70
N THR A 67 4.19 -19.66 29.86
CA THR A 67 4.34 -18.27 29.43
C THR A 67 4.08 -17.19 30.49
N PRO A 68 4.82 -16.06 30.44
CA PRO A 68 4.48 -14.89 31.28
C PRO A 68 3.63 -13.89 30.46
N TYR A 69 3.07 -14.33 29.30
CA TYR A 69 2.36 -13.43 28.36
C TYR A 69 0.87 -13.77 28.18
N HIS A 70 0.17 -14.13 29.28
CA HIS A 70 -1.28 -14.36 29.31
C HIS A 70 -1.70 -15.62 28.51
N ALA A 71 -1.67 -16.79 29.18
CA ALA A 71 -2.03 -18.09 28.60
C ALA A 71 -3.43 -18.06 27.97
N GLU A 72 -4.38 -17.31 28.58
CA GLU A 72 -5.76 -17.18 28.09
C GLU A 72 -5.81 -16.37 26.78
N ARG A 73 -4.82 -15.47 26.56
CA ARG A 73 -4.75 -14.70 25.31
C ARG A 73 -3.90 -15.44 24.27
N ARG A 74 -2.82 -16.13 24.70
CA ARG A 74 -1.97 -16.94 23.79
C ARG A 74 -2.81 -18.05 23.11
N THR A 75 -3.79 -18.63 23.86
CA THR A 75 -4.70 -19.67 23.38
C THR A 75 -5.96 -19.10 22.71
N LEU A 76 -5.88 -17.83 22.26
CA LEU A 76 -6.99 -17.18 21.56
C LEU A 76 -6.44 -16.21 20.50
N ARG A 77 -5.59 -16.73 19.57
CA ARG A 77 -5.02 -15.96 18.45
C ARG A 77 -6.17 -15.24 17.72
N PHE A 78 -7.27 -15.97 17.48
CA PHE A 78 -8.54 -15.49 16.96
C PHE A 78 -9.65 -16.07 17.85
N ASN A 79 -10.72 -15.30 18.08
CA ASN A 79 -11.85 -15.77 18.88
C ASN A 79 -12.69 -16.72 18.03
N SER A 80 -12.21 -17.97 17.91
CA SER A 80 -12.79 -18.93 16.98
C SER A 80 -13.31 -20.22 17.63
N SER A 81 -14.17 -20.94 16.87
CA SER A 81 -14.74 -22.23 17.22
C SER A 81 -13.84 -23.36 16.71
N SER A 82 -12.78 -22.99 15.98
CA SER A 82 -11.81 -23.93 15.39
C SER A 82 -10.49 -23.90 16.16
N LEU A 83 -9.96 -25.10 16.48
CA LEU A 83 -8.70 -25.26 17.23
C LEU A 83 -7.51 -24.68 16.45
N SER A 84 -7.52 -24.83 15.11
CA SER A 84 -6.48 -24.33 14.21
C SER A 84 -6.34 -22.80 14.27
N MET A 85 -7.41 -22.08 14.64
CA MET A 85 -7.46 -20.61 14.64
C MET A 85 -7.16 -19.97 16.01
N VAL A 86 -7.30 -20.73 17.12
CA VAL A 86 -7.10 -20.17 18.47
C VAL A 86 -5.64 -20.28 18.95
N VAL A 87 -4.89 -21.26 18.45
CA VAL A 87 -3.52 -21.52 18.89
C VAL A 87 -2.49 -20.61 18.17
N PRO A 88 -1.33 -20.31 18.81
CA PRO A 88 -0.28 -19.57 18.08
C PRO A 88 0.20 -20.38 16.86
N GLN A 89 0.70 -19.69 15.82
CA GLN A 89 1.17 -20.34 14.58
C GLN A 89 2.22 -21.43 14.85
N MET A 90 2.96 -21.30 15.97
CA MET A 90 3.96 -22.26 16.41
C MET A 90 3.35 -23.67 16.56
N ASN A 91 2.09 -23.73 17.03
CA ASN A 91 1.38 -24.99 17.28
C ASN A 91 0.55 -25.48 16.07
N ASP A 92 0.80 -24.95 14.84
CA ASP A 92 0.03 -25.35 13.65
C ASP A 92 0.15 -26.86 13.37
N THR A 93 1.37 -27.41 13.37
CA THR A 93 1.59 -28.84 13.10
C THR A 93 1.06 -29.73 14.23
N THR A 94 1.16 -29.28 15.51
CA THR A 94 0.68 -30.06 16.67
C THR A 94 -0.85 -30.09 16.71
N SER A 95 -1.50 -28.97 16.29
CA SER A 95 -2.96 -28.86 16.21
C SER A 95 -3.50 -29.74 15.10
N ALA A 96 -2.81 -29.76 13.92
CA ALA A 96 -3.20 -30.58 12.76
C ALA A 96 -3.05 -32.08 13.09
N ALA A 97 -2.03 -32.43 13.92
CA ALA A 97 -1.77 -33.81 14.37
C ALA A 97 -2.72 -34.21 15.51
N ARG A 98 -3.55 -33.24 15.99
CA ARG A 98 -4.56 -33.41 17.04
C ARG A 98 -3.93 -33.73 18.41
N TYR A 99 -2.82 -33.03 18.74
CA TYR A 99 -2.17 -33.11 20.06
C TYR A 99 -3.02 -32.34 21.06
N ILE A 100 -2.81 -32.58 22.35
CA ILE A 100 -3.43 -31.76 23.37
C ILE A 100 -2.49 -30.56 23.56
N ILE A 101 -3.01 -29.34 23.39
CA ILE A 101 -2.19 -28.13 23.49
C ILE A 101 -2.46 -27.46 24.84
N VAL A 102 -1.40 -27.29 25.65
CA VAL A 102 -1.53 -26.73 27.00
C VAL A 102 -0.66 -25.47 27.15
N TYR A 103 -1.28 -24.38 27.63
CA TYR A 103 -0.60 -23.12 27.94
C TYR A 103 -0.82 -22.79 29.40
N GLN A 104 0.26 -22.54 30.13
CA GLN A 104 0.16 -22.25 31.55
C GLN A 104 0.80 -20.91 31.89
N ASP A 105 0.11 -20.10 32.72
CA ASP A 105 0.67 -18.86 33.23
C ASP A 105 1.76 -19.22 34.23
N VAL A 106 2.99 -18.71 34.04
CA VAL A 106 4.08 -18.96 34.98
C VAL A 106 3.74 -18.32 36.33
N ARG A 107 4.38 -18.79 37.41
CA ARG A 107 4.17 -18.28 38.77
C ARG A 107 4.25 -16.74 38.81
N GLY A 108 3.26 -16.13 39.45
CA GLY A 108 3.20 -14.69 39.65
C GLY A 108 2.67 -13.85 38.49
N LYS A 109 2.27 -14.49 37.37
CA LYS A 109 1.78 -13.75 36.22
C LYS A 109 0.32 -14.05 35.87
N TYR A 110 -0.42 -12.98 35.52
CA TYR A 110 -1.82 -12.97 35.06
C TYR A 110 -2.76 -13.81 35.96
N GLY A 111 -3.17 -14.99 35.48
CA GLY A 111 -4.10 -15.86 36.18
C GLY A 111 -3.53 -16.68 37.30
N SER A 112 -2.19 -16.79 37.37
CA SER A 112 -1.50 -17.60 38.38
C SER A 112 -1.24 -16.84 39.67
N GLU A 113 -1.16 -17.59 40.78
CA GLU A 113 -0.86 -17.07 42.11
C GLU A 113 0.67 -17.00 42.30
N GLY A 114 1.09 -16.54 43.47
CA GLY A 114 2.50 -16.48 43.84
C GLY A 114 3.18 -15.18 43.44
N GLY A 115 4.46 -15.10 43.77
CA GLY A 115 5.31 -13.96 43.46
C GLY A 115 5.99 -14.12 42.12
N TYR A 116 6.31 -12.99 41.46
CA TYR A 116 6.95 -13.07 40.16
C TYR A 116 8.38 -12.57 40.21
N MET A 117 9.31 -13.46 39.83
CA MET A 117 10.73 -13.17 39.72
C MET A 117 11.12 -13.32 38.26
N MET A 118 11.57 -12.21 37.61
CA MET A 118 11.97 -12.18 36.20
C MET A 118 12.93 -13.33 35.90
N ASN A 119 12.54 -14.24 34.97
CA ASN A 119 13.32 -15.43 34.60
C ASN A 119 13.81 -16.15 35.84
N LYS A 120 12.89 -16.47 36.78
CA LYS A 120 13.18 -17.09 38.07
C LYS A 120 14.22 -18.22 37.92
N PRO A 121 15.42 -18.06 38.54
CA PRO A 121 16.44 -19.10 38.40
C PRO A 121 16.16 -20.32 39.28
N LEU A 122 16.98 -21.38 39.16
CA LEU A 122 16.87 -22.59 39.97
C LEU A 122 17.10 -22.28 41.44
N THR A 123 16.50 -23.11 42.34
CA THR A 123 16.69 -22.95 43.79
C THR A 123 18.19 -22.98 44.12
N GLY A 124 18.63 -22.03 44.93
CA GLY A 124 20.03 -21.88 45.31
C GLY A 124 20.35 -20.49 45.82
N PRO A 125 21.55 -19.95 45.48
CA PRO A 125 21.93 -18.61 46.00
C PRO A 125 21.06 -17.46 45.46
N LEU A 126 20.41 -17.64 44.30
CA LEU A 126 19.57 -16.59 43.71
C LEU A 126 18.07 -16.94 43.83
N ASN A 127 17.73 -18.04 44.53
CA ASN A 127 16.33 -18.46 44.73
C ASN A 127 16.19 -19.29 46.02
N THR A 128 15.68 -18.63 47.09
CA THR A 128 15.47 -19.24 48.40
C THR A 128 13.97 -19.48 48.69
N THR A 129 13.11 -19.44 47.64
CA THR A 129 11.66 -19.61 47.80
C THR A 129 11.28 -21.08 48.03
N GLY A 130 12.11 -22.00 47.53
CA GLY A 130 11.87 -23.43 47.63
C GLY A 130 11.39 -24.06 46.34
N THR A 131 10.84 -23.23 45.43
CA THR A 131 10.34 -23.67 44.13
C THR A 131 11.01 -22.91 42.99
N ASP A 132 10.99 -23.48 41.78
CA ASP A 132 11.51 -22.84 40.57
C ASP A 132 10.70 -23.35 39.36
N HIS A 133 11.06 -22.91 38.14
CA HIS A 133 10.33 -23.32 36.93
C HIS A 133 10.37 -24.84 36.70
N SER A 134 11.48 -25.51 37.09
CA SER A 134 11.61 -26.97 36.92
C SER A 134 10.70 -27.75 37.89
N THR A 135 10.57 -27.28 39.16
CA THR A 135 9.71 -27.95 40.14
C THR A 135 8.25 -27.72 39.80
N ASP A 136 7.91 -26.48 39.36
CA ASP A 136 6.56 -26.12 38.93
C ASP A 136 6.16 -26.94 37.69
N THR A 137 7.12 -27.14 36.75
CA THR A 137 6.92 -27.95 35.54
C THR A 137 6.63 -29.40 35.91
N TYR A 138 7.44 -29.97 36.86
CA TYR A 138 7.27 -31.36 37.32
C TYR A 138 5.85 -31.57 37.90
N ASP A 139 5.38 -30.62 38.74
CA ASP A 139 4.06 -30.68 39.38
C ASP A 139 2.94 -30.49 38.34
N THR A 140 3.21 -29.71 37.28
CA THR A 140 2.26 -29.47 36.18
C THR A 140 2.11 -30.72 35.31
N ILE A 141 3.26 -31.33 34.87
CA ILE A 141 3.26 -32.52 34.02
C ILE A 141 2.59 -33.70 34.76
N ASP A 142 2.88 -33.86 36.06
CA ASP A 142 2.32 -34.92 36.91
C ASP A 142 0.79 -34.84 36.98
N TRP A 143 0.25 -33.62 37.15
CA TRP A 143 -1.20 -33.40 37.19
C TRP A 143 -1.82 -33.68 35.81
N LEU A 144 -1.20 -33.16 34.73
CA LEU A 144 -1.70 -33.31 33.35
C LEU A 144 -1.87 -34.77 32.93
N VAL A 145 -0.80 -35.61 33.07
CA VAL A 145 -0.84 -37.03 32.67
C VAL A 145 -1.80 -37.86 33.56
N LYS A 146 -2.08 -37.40 34.79
CA LYS A 146 -2.98 -38.09 35.72
C LYS A 146 -4.44 -37.66 35.57
N ASN A 147 -4.70 -36.42 35.12
CA ASN A 147 -6.08 -35.90 35.06
C ASN A 147 -6.63 -35.70 33.64
N ILE A 148 -5.81 -35.87 32.59
CA ILE A 148 -6.30 -35.75 31.22
C ILE A 148 -6.35 -37.17 30.63
N PRO A 149 -7.56 -37.79 30.54
CA PRO A 149 -7.64 -39.19 30.08
C PRO A 149 -7.41 -39.39 28.59
N GLU A 150 -7.55 -38.33 27.78
CA GLU A 150 -7.37 -38.39 26.33
C GLU A 150 -5.88 -38.48 25.94
N SER A 151 -4.96 -38.27 26.90
CA SER A 151 -3.53 -38.30 26.63
C SER A 151 -2.95 -39.71 26.68
N ASN A 152 -1.77 -39.91 26.02
CA ASN A 152 -1.04 -41.18 26.00
C ASN A 152 0.02 -41.20 27.13
N GLY A 153 0.00 -40.16 27.97
CA GLY A 153 0.92 -40.01 29.10
C GLY A 153 2.29 -39.48 28.71
N ARG A 154 2.43 -38.99 27.47
CA ARG A 154 3.70 -38.42 26.96
C ARG A 154 3.56 -36.92 26.74
N VAL A 155 4.58 -36.14 27.15
CA VAL A 155 4.55 -34.68 27.07
C VAL A 155 5.82 -34.14 26.40
N ALA A 156 5.67 -33.05 25.62
CA ALA A 156 6.78 -32.32 25.03
C ALA A 156 6.62 -30.84 25.34
N ALA A 157 7.72 -30.13 25.57
CA ALA A 157 7.69 -28.70 25.86
C ALA A 157 8.28 -27.91 24.71
N ILE A 158 7.52 -26.94 24.17
CA ILE A 158 7.98 -26.09 23.07
C ILE A 158 7.68 -24.62 23.39
N GLY A 159 8.39 -23.71 22.73
CA GLY A 159 8.21 -22.27 22.95
C GLY A 159 9.42 -21.45 22.57
N GLY A 160 9.20 -20.17 22.33
CA GLY A 160 10.25 -19.22 21.96
C GLY A 160 10.46 -18.11 22.96
N SER A 161 11.69 -17.54 22.98
CA SER A 161 12.10 -16.43 23.86
C SER A 161 11.98 -16.82 25.35
N TYR A 162 11.11 -16.14 26.14
CA TYR A 162 10.85 -16.46 27.55
C TYR A 162 10.23 -17.87 27.64
N GLU A 163 9.36 -18.21 26.67
CA GLU A 163 8.73 -19.54 26.59
C GLU A 163 9.78 -20.59 26.21
N GLY A 164 10.87 -20.15 25.58
CA GLY A 164 12.01 -20.99 25.26
C GLY A 164 12.86 -21.24 26.49
N TYR A 165 12.98 -20.20 27.35
CA TYR A 165 13.68 -20.28 28.63
C TYR A 165 12.96 -21.26 29.55
N THR A 166 11.60 -21.19 29.61
CA THR A 166 10.82 -22.10 30.44
C THR A 166 10.91 -23.54 29.90
N THR A 167 11.02 -23.70 28.55
CA THR A 167 11.18 -24.99 27.88
C THR A 167 12.50 -25.65 28.35
N LEU A 168 13.59 -24.85 28.43
CA LEU A 168 14.89 -25.33 28.90
C LEU A 168 14.83 -25.78 30.36
N MET A 169 14.03 -25.06 31.18
CA MET A 169 13.87 -25.38 32.61
C MET A 169 13.11 -26.71 32.82
N CYS A 170 12.37 -27.19 31.79
CA CYS A 170 11.65 -28.48 31.84
C CYS A 170 12.64 -29.66 31.89
N THR A 171 13.86 -29.45 31.34
CA THR A 171 14.89 -30.48 31.22
C THR A 171 15.72 -30.67 32.51
N ILE A 172 15.54 -29.79 33.52
CA ILE A 172 16.23 -29.90 34.81
C ILE A 172 15.36 -30.79 35.72
N ASN A 173 15.94 -31.91 36.25
CA ASN A 173 15.23 -32.94 37.03
C ASN A 173 13.88 -33.23 36.33
N PRO A 174 13.91 -33.72 35.07
CA PRO A 174 12.68 -33.83 34.29
C PRO A 174 11.73 -34.90 34.76
N HIS A 175 10.42 -34.64 34.56
CA HIS A 175 9.37 -35.59 34.85
C HIS A 175 9.50 -36.74 33.84
N PRO A 176 9.35 -38.02 34.26
CA PRO A 176 9.52 -39.15 33.31
C PRO A 176 8.60 -39.09 32.08
N ALA A 177 7.48 -38.33 32.15
CA ALA A 177 6.55 -38.18 31.04
C ALA A 177 7.07 -37.21 29.95
N LEU A 178 8.06 -36.34 30.29
CA LEU A 178 8.65 -35.42 29.31
C LEU A 178 9.56 -36.21 28.36
N LYS A 179 9.19 -36.25 27.06
CA LYS A 179 9.86 -37.07 26.05
C LYS A 179 10.73 -36.27 25.08
N ALA A 180 10.49 -34.95 24.93
CA ALA A 180 11.27 -34.09 24.01
C ALA A 180 11.04 -32.61 24.29
N VAL A 181 11.96 -31.74 23.84
CA VAL A 181 11.84 -30.29 23.97
C VAL A 181 12.25 -29.59 22.66
N VAL A 182 11.56 -28.49 22.31
CA VAL A 182 11.87 -27.67 21.13
C VAL A 182 12.01 -26.19 21.56
N PRO A 183 13.16 -25.78 22.14
CA PRO A 183 13.32 -24.38 22.54
C PRO A 183 13.69 -23.47 21.35
N PHE A 184 12.80 -22.50 21.03
CA PHE A 184 13.02 -21.52 19.97
C PHE A 184 13.60 -20.25 20.54
N ALA A 185 14.56 -19.62 19.84
CA ALA A 185 15.17 -18.33 20.18
C ALA A 185 15.14 -18.02 21.69
N SER A 186 15.65 -18.98 22.51
CA SER A 186 15.59 -18.92 23.97
C SER A 186 16.43 -17.81 24.60
N MET A 187 15.97 -17.33 25.77
CA MET A 187 16.70 -16.39 26.61
C MET A 187 17.76 -17.20 27.36
N VAL A 188 19.04 -17.01 27.02
CA VAL A 188 20.12 -17.83 27.61
C VAL A 188 21.04 -16.97 28.46
N ASP A 189 21.57 -15.88 27.90
CA ASP A 189 22.43 -14.98 28.65
C ASP A 189 22.04 -13.54 28.34
N GLY A 190 21.28 -12.95 29.26
CA GLY A 190 20.76 -11.58 29.15
C GLY A 190 21.82 -10.49 29.19
N TRP A 191 23.05 -10.85 29.63
CA TRP A 191 24.16 -9.89 29.71
C TRP A 191 25.13 -10.06 28.55
N MET A 192 25.53 -11.32 28.25
CA MET A 192 26.51 -11.60 27.20
C MET A 192 26.02 -11.17 25.82
N GLY A 193 24.79 -11.49 25.45
CA GLY A 193 24.30 -11.08 24.13
C GLY A 193 22.84 -11.34 23.79
N ASP A 194 21.97 -11.45 24.80
CA ASP A 194 20.57 -11.68 24.48
C ASP A 194 19.72 -10.38 24.64
N ASP A 195 18.79 -10.32 25.61
CA ASP A 195 17.84 -9.21 25.70
C ASP A 195 18.28 -7.93 26.42
N TRP A 196 18.92 -8.04 27.59
CA TRP A 196 19.22 -6.86 28.43
C TRP A 196 20.52 -6.14 28.06
N PHE A 197 21.60 -6.89 27.80
CA PHE A 197 22.90 -6.33 27.41
C PHE A 197 23.55 -7.16 26.30
N HIS A 198 24.43 -6.52 25.51
CA HIS A 198 25.28 -7.17 24.51
C HIS A 198 26.71 -6.83 24.85
N MET A 199 27.42 -7.78 25.48
CA MET A 199 28.81 -7.63 25.95
C MET A 199 29.00 -6.34 26.81
N GLY A 200 28.04 -6.09 27.71
CA GLY A 200 28.07 -4.96 28.62
C GLY A 200 27.26 -3.73 28.23
N ALA A 201 26.94 -3.58 26.93
CA ALA A 201 26.17 -2.44 26.45
C ALA A 201 24.68 -2.65 26.74
N PHE A 202 24.10 -1.78 27.58
CA PHE A 202 22.71 -1.88 28.05
C PHE A 202 21.67 -1.56 26.97
N ARG A 203 20.70 -2.49 26.77
CA ARG A 203 19.57 -2.33 25.85
C ARG A 203 18.40 -1.66 26.59
N GLN A 204 18.54 -0.35 26.87
CA GLN A 204 17.55 0.46 27.60
C GLN A 204 16.14 0.41 26.98
N GLU A 205 16.03 0.41 25.64
CA GLU A 205 14.75 0.39 24.92
C GLU A 205 14.03 -0.96 25.07
N ALA A 206 14.78 -2.07 25.07
CA ALA A 206 14.21 -3.40 25.21
C ALA A 206 14.01 -3.79 26.67
N SER A 207 14.72 -3.13 27.60
CA SER A 207 14.65 -3.49 29.02
C SER A 207 13.61 -2.69 29.82
N LEU A 208 13.74 -1.34 29.86
CA LEU A 208 12.89 -0.48 30.70
C LEU A 208 11.37 -0.61 30.41
N PRO A 209 10.86 -0.45 29.16
CA PRO A 209 9.40 -0.60 28.94
C PRO A 209 8.90 -2.01 29.27
N TYR A 210 9.71 -3.04 28.95
CA TYR A 210 9.36 -4.44 29.20
C TYR A 210 9.28 -4.75 30.71
N ALA A 211 10.29 -4.31 31.50
CA ALA A 211 10.28 -4.51 32.96
C ALA A 211 9.08 -3.79 33.58
N TYR A 212 8.74 -2.59 33.07
CA TYR A 212 7.61 -1.80 33.53
C TYR A 212 6.29 -2.53 33.27
N ASN A 213 6.05 -2.93 32.01
CA ASN A 213 4.82 -3.61 31.58
C ASN A 213 4.61 -4.95 32.29
N GLN A 214 5.63 -5.80 32.32
CA GLN A 214 5.55 -7.13 32.94
C GLN A 214 5.61 -7.10 34.48
N GLU A 215 6.12 -6.01 35.10
CA GLU A 215 6.30 -6.03 36.56
C GLU A 215 5.60 -4.91 37.35
N ALA A 216 4.95 -3.94 36.69
CA ALA A 216 4.21 -2.92 37.46
C ALA A 216 3.01 -3.59 38.16
N THR A 217 2.30 -4.47 37.43
CA THR A 217 1.15 -5.24 37.95
C THR A 217 1.26 -6.72 37.53
N ARG A 218 0.51 -7.58 38.22
CA ARG A 218 0.44 -9.01 37.93
C ARG A 218 -0.19 -9.28 36.55
N LYS A 219 -1.27 -8.55 36.21
CA LYS A 219 -2.05 -8.75 34.99
C LYS A 219 -1.78 -7.71 33.89
N ASN A 220 -0.59 -7.04 33.91
CA ASN A 220 -0.22 -5.99 32.94
C ASN A 220 -1.34 -4.93 32.78
N GLU A 221 -1.82 -4.38 33.91
CA GLU A 221 -2.89 -3.38 33.94
C GLU A 221 -2.32 -1.96 33.87
N ILE A 222 -1.03 -1.80 34.22
CA ILE A 222 -0.33 -0.50 34.17
C ILE A 222 0.75 -0.61 33.10
N LYS A 223 0.63 0.19 32.02
CA LYS A 223 1.55 0.10 30.89
C LYS A 223 2.33 1.38 30.65
N TRP A 224 3.57 1.22 30.15
CA TRP A 224 4.55 2.28 29.85
C TRP A 224 3.91 3.43 29.07
N TRP A 225 4.01 4.65 29.61
CA TRP A 225 3.47 5.83 28.97
C TRP A 225 4.55 6.53 28.14
N SER A 226 4.14 7.33 27.14
CA SER A 226 5.05 8.06 26.26
C SER A 226 4.73 9.56 26.22
N GLY A 227 5.77 10.36 26.02
CA GLY A 227 5.65 11.81 25.88
C GLY A 227 6.23 12.28 24.56
N SER A 228 6.74 11.34 23.75
CA SER A 228 7.39 11.61 22.48
C SER A 228 7.26 10.41 21.55
N TYR A 229 6.96 10.67 20.25
CA TYR A 229 6.84 9.61 19.24
C TYR A 229 8.22 9.03 18.92
N ASP A 230 9.21 9.91 18.65
CA ASP A 230 10.59 9.50 18.36
C ASP A 230 11.32 9.18 19.67
N THR A 231 11.67 7.89 19.87
CA THR A 231 12.34 7.41 21.09
C THR A 231 13.78 7.95 21.21
N TYR A 232 14.45 8.17 20.05
CA TYR A 232 15.81 8.73 19.98
C TYR A 232 15.86 10.03 20.79
N ASP A 233 14.91 10.94 20.52
CA ASP A 233 14.76 12.23 21.19
C ASP A 233 14.50 12.05 22.69
N ALA A 234 13.55 11.16 23.05
CA ALA A 234 13.15 10.88 24.44
C ALA A 234 14.31 10.39 25.31
N TYR A 235 15.05 9.35 24.86
CA TYR A 235 16.15 8.77 25.62
C TYR A 235 17.37 9.70 25.70
N LEU A 236 17.62 10.52 24.65
CA LEU A 236 18.73 11.48 24.64
C LEU A 236 18.49 12.62 25.65
N ARG A 237 17.24 13.11 25.75
CA ARG A 237 16.85 14.18 26.68
C ARG A 237 16.96 13.70 28.14
N ALA A 238 16.70 12.39 28.38
CA ALA A 238 16.83 11.79 29.72
C ALA A 238 18.30 11.72 30.15
N GLY A 239 19.20 11.57 29.17
CA GLY A 239 20.65 11.54 29.40
C GLY A 239 21.18 10.15 29.65
N ASN A 240 20.65 9.46 30.66
CA ASN A 240 21.06 8.11 31.00
C ASN A 240 19.83 7.22 31.27
N ALA A 241 20.02 5.89 31.28
CA ALA A 241 18.95 4.91 31.49
C ALA A 241 18.28 5.05 32.88
N GLY A 242 19.05 5.47 33.88
CA GLY A 242 18.57 5.68 35.24
C GLY A 242 17.52 6.78 35.34
N ALA A 243 17.76 7.92 34.65
CA ALA A 243 16.83 9.05 34.66
C ALA A 243 15.55 8.71 33.88
N MET A 244 15.65 7.80 32.89
CA MET A 244 14.48 7.35 32.13
C MET A 244 13.60 6.46 33.01
N ALA A 245 14.24 5.56 33.80
CA ALA A 245 13.54 4.67 34.72
C ALA A 245 12.92 5.45 35.89
N ALA A 246 13.64 6.47 36.40
CA ALA A 246 13.16 7.33 37.49
C ALA A 246 12.00 8.22 37.03
N SER A 247 11.99 8.63 35.74
CA SER A 247 10.91 9.47 35.17
C SER A 247 9.56 8.69 35.10
N ARG A 248 9.63 7.35 35.17
CA ARG A 248 8.46 6.47 35.14
C ARG A 248 8.17 5.87 36.53
N GLY A 249 8.99 6.25 37.52
CA GLY A 249 8.87 5.79 38.90
C GLY A 249 9.07 4.29 39.04
N MET A 250 10.21 3.79 38.50
CA MET A 250 10.52 2.35 38.46
C MET A 250 11.40 1.89 39.63
N GLU A 251 11.56 2.74 40.67
CA GLU A 251 12.37 2.43 41.85
C GLU A 251 11.91 1.17 42.60
N SER A 252 10.60 0.85 42.54
CA SER A 252 10.00 -0.31 43.23
C SER A 252 9.89 -1.57 42.33
N ILE A 253 10.19 -1.43 41.01
CA ILE A 253 10.13 -2.57 40.08
C ILE A 253 11.44 -3.39 40.25
N GLY A 254 11.26 -4.65 40.67
CA GLY A 254 12.33 -5.58 41.01
C GLY A 254 13.44 -5.81 39.99
N PHE A 255 13.08 -6.04 38.71
CA PHE A 255 14.09 -6.32 37.68
C PHE A 255 14.95 -5.08 37.38
N TRP A 256 14.39 -3.85 37.50
CA TRP A 256 15.18 -2.63 37.30
C TRP A 256 16.22 -2.50 38.42
N LYS A 257 15.82 -2.82 39.67
CA LYS A 257 16.71 -2.81 40.84
C LYS A 257 17.88 -3.78 40.60
N LYS A 258 17.61 -4.94 39.99
CA LYS A 258 18.61 -5.94 39.63
C LYS A 258 19.55 -5.42 38.53
N LEU A 259 18.97 -4.79 37.46
CA LEU A 259 19.74 -4.24 36.34
C LEU A 259 20.69 -3.12 36.80
N ALA A 260 20.17 -2.19 37.64
CA ALA A 260 20.95 -1.06 38.16
C ALA A 260 22.04 -1.51 39.15
N ALA A 261 21.75 -2.54 39.97
CA ALA A 261 22.71 -3.08 40.95
C ALA A 261 23.77 -3.98 40.30
N HIS A 262 23.47 -4.55 39.12
CA HIS A 262 24.40 -5.45 38.44
C HIS A 262 24.71 -5.01 36.98
N PRO A 263 25.42 -3.87 36.75
CA PRO A 263 25.75 -3.47 35.37
C PRO A 263 26.82 -4.38 34.73
N SER A 264 27.73 -4.94 35.55
CA SER A 264 28.80 -5.82 35.09
C SER A 264 28.40 -7.30 35.17
N TYR A 265 29.13 -8.18 34.45
CA TYR A 265 28.89 -9.62 34.40
C TYR A 265 29.38 -10.28 35.70
N ASP A 266 28.76 -9.91 36.84
CA ASP A 266 29.13 -10.43 38.16
C ASP A 266 28.46 -11.78 38.44
N SER A 267 28.50 -12.25 39.71
CA SER A 267 27.93 -13.53 40.16
C SER A 267 26.44 -13.66 39.79
N PHE A 268 25.69 -12.55 39.82
CA PHE A 268 24.25 -12.53 39.50
C PHE A 268 23.97 -13.02 38.07
N TRP A 269 24.78 -12.57 37.10
CA TRP A 269 24.60 -12.93 35.70
C TRP A 269 25.31 -14.24 35.35
N GLN A 270 26.49 -14.49 35.94
CA GLN A 270 27.27 -15.71 35.70
C GLN A 270 26.50 -16.97 36.14
N GLN A 271 25.80 -16.91 37.29
CA GLN A 271 25.01 -18.02 37.85
C GLN A 271 23.71 -18.28 37.07
N GLN A 272 23.23 -17.28 36.30
CA GLN A 272 21.97 -17.40 35.55
C GLN A 272 22.15 -17.81 34.07
N ALA A 273 23.40 -17.81 33.56
CA ALA A 273 23.69 -18.20 32.16
C ALA A 273 23.22 -19.63 31.91
N MET A 274 22.19 -19.79 31.07
CA MET A 274 21.55 -21.07 30.77
C MET A 274 22.48 -22.09 30.12
N ASP A 275 23.44 -21.63 29.29
CA ASP A 275 24.42 -22.52 28.66
C ASP A 275 25.37 -23.11 29.72
N LYS A 276 25.82 -22.27 30.67
CA LYS A 276 26.72 -22.68 31.75
C LYS A 276 25.99 -23.57 32.76
N MET A 277 24.70 -23.24 33.06
CA MET A 277 23.85 -23.99 33.98
C MET A 277 23.53 -25.41 33.42
N LEU A 278 23.00 -25.49 32.18
CA LEU A 278 22.64 -26.77 31.54
C LEU A 278 23.86 -27.68 31.34
N ALA A 279 25.07 -27.10 31.21
CA ALA A 279 26.31 -27.86 31.04
C ALA A 279 26.67 -28.62 32.32
N GLN A 280 26.26 -28.08 33.50
CA GLN A 280 26.51 -28.67 34.81
C GLN A 280 25.42 -29.69 35.22
N HIS A 281 24.41 -29.91 34.36
CA HIS A 281 23.31 -30.83 34.63
C HIS A 281 23.26 -31.98 33.59
N PRO A 282 22.72 -33.17 33.94
CA PRO A 282 22.66 -34.25 32.95
C PRO A 282 21.75 -33.92 31.77
N LEU A 283 22.19 -34.32 30.57
CA LEU A 283 21.45 -34.13 29.32
C LEU A 283 20.78 -35.46 28.97
N THR A 284 19.46 -35.57 29.23
CA THR A 284 18.71 -36.81 29.04
C THR A 284 17.54 -36.64 28.06
N VAL A 285 16.98 -35.42 27.99
CA VAL A 285 15.81 -35.10 27.17
C VAL A 285 16.24 -34.71 25.73
N PRO A 286 15.66 -35.34 24.68
CA PRO A 286 16.00 -34.93 23.29
C PRO A 286 15.64 -33.46 23.06
N MET A 287 16.58 -32.71 22.47
CA MET A 287 16.45 -31.28 22.26
C MET A 287 16.61 -30.89 20.81
N LEU A 288 15.70 -30.04 20.32
CA LEU A 288 15.75 -29.47 18.98
C LEU A 288 15.89 -27.95 19.14
N ILE A 289 17.14 -27.46 19.19
CA ILE A 289 17.43 -26.04 19.37
C ILE A 289 17.20 -25.31 18.06
N VAL A 290 16.28 -24.34 18.07
CA VAL A 290 15.90 -23.58 16.87
C VAL A 290 16.32 -22.12 17.03
N GLY A 291 17.31 -21.72 16.24
CA GLY A 291 17.83 -20.37 16.23
C GLY A 291 17.61 -19.64 14.91
N GLY A 292 17.64 -18.33 14.96
CA GLY A 292 17.47 -17.47 13.80
C GLY A 292 18.69 -16.62 13.53
N LEU A 293 19.09 -16.53 12.25
CA LEU A 293 20.25 -15.74 11.80
C LEU A 293 20.06 -14.23 12.05
N PHE A 294 18.81 -13.75 11.97
CA PHE A 294 18.52 -12.32 12.11
C PHE A 294 17.64 -12.03 13.33
N ASP A 295 17.76 -12.85 14.39
CA ASP A 295 17.04 -12.69 15.64
C ASP A 295 17.46 -11.38 16.34
N GLN A 296 16.56 -10.37 16.33
CA GLN A 296 16.81 -9.04 16.89
C GLN A 296 16.67 -9.00 18.44
N GLU A 297 16.41 -10.15 19.09
CA GLU A 297 16.23 -10.18 20.54
C GLU A 297 17.14 -11.19 21.24
N ASP A 298 17.26 -12.42 20.72
CA ASP A 298 18.08 -13.48 21.33
C ASP A 298 18.96 -14.18 20.29
N ILE A 299 19.93 -13.43 19.72
CA ILE A 299 20.83 -13.91 18.66
C ILE A 299 22.04 -14.72 19.23
N TYR A 300 22.27 -14.66 20.56
CA TYR A 300 23.40 -15.29 21.24
C TYR A 300 23.08 -16.70 21.74
N GLY A 301 21.90 -16.83 22.35
CA GLY A 301 21.43 -18.04 23.03
C GLY A 301 21.54 -19.38 22.35
N SER A 302 20.79 -19.58 21.26
CA SER A 302 20.69 -20.87 20.55
C SER A 302 22.05 -21.44 20.06
N PRO A 303 22.93 -20.68 19.33
CA PRO A 303 24.23 -21.26 18.94
C PRO A 303 25.13 -21.58 20.13
N LYS A 304 25.07 -20.76 21.21
CA LYS A 304 25.86 -21.01 22.44
C LYS A 304 25.34 -22.28 23.14
N LEU A 305 24.01 -22.53 23.07
CA LEU A 305 23.39 -23.74 23.64
C LEU A 305 23.92 -24.99 22.96
N TYR A 306 23.92 -25.01 21.60
CA TYR A 306 24.46 -26.14 20.83
C TYR A 306 25.94 -26.35 21.16
N LYS A 307 26.74 -25.26 21.21
CA LYS A 307 28.18 -25.31 21.47
C LYS A 307 28.51 -26.01 22.79
N VAL A 308 27.73 -25.77 23.85
CA VAL A 308 27.99 -26.34 25.17
C VAL A 308 27.34 -27.74 25.35
N LEU A 309 26.21 -28.00 24.66
CA LEU A 309 25.48 -29.27 24.82
C LEU A 309 25.88 -30.35 23.80
N ALA A 310 26.49 -29.96 22.65
CA ALA A 310 26.94 -30.92 21.64
C ALA A 310 28.07 -31.85 22.15
N PRO A 311 29.11 -31.37 22.91
CA PRO A 311 30.13 -32.32 23.40
C PRO A 311 29.59 -33.29 24.45
N LYS A 312 28.49 -32.91 25.15
CA LYS A 312 27.82 -33.76 26.14
C LYS A 312 27.07 -34.91 25.45
N ASP A 313 26.79 -34.76 24.15
CA ASP A 313 26.11 -35.75 23.30
C ASP A 313 27.01 -36.05 22.08
N PRO A 314 28.09 -36.87 22.24
CA PRO A 314 29.03 -37.08 21.13
C PRO A 314 28.43 -37.72 19.88
N GLU A 315 27.69 -38.82 20.04
CA GLU A 315 27.09 -39.58 18.93
C GLU A 315 25.94 -38.82 18.21
N GLY A 316 25.47 -37.72 18.81
CA GLY A 316 24.36 -36.93 18.28
C GLY A 316 23.05 -37.66 18.43
N LYS A 317 22.76 -38.12 19.66
CA LYS A 317 21.56 -38.88 19.98
C LYS A 317 20.41 -38.00 20.49
N LEU A 318 20.74 -36.90 21.19
CA LEU A 318 19.71 -36.05 21.81
C LEU A 318 19.69 -34.60 21.30
N VAL A 319 20.85 -34.00 20.98
CA VAL A 319 20.91 -32.59 20.60
C VAL A 319 20.96 -32.38 19.06
N HIS A 320 20.07 -31.51 18.57
CA HIS A 320 20.00 -31.08 17.17
C HIS A 320 19.91 -29.55 17.13
N PHE A 321 20.68 -28.91 16.23
CA PHE A 321 20.67 -27.46 16.09
C PHE A 321 20.16 -27.04 14.71
N VAL A 322 19.12 -26.20 14.69
CA VAL A 322 18.52 -25.67 13.46
C VAL A 322 18.73 -24.16 13.45
N LEU A 323 19.37 -23.64 12.38
CA LEU A 323 19.64 -22.22 12.21
C LEU A 323 19.02 -21.74 10.90
N GLY A 324 17.87 -21.08 11.01
CA GLY A 324 17.11 -20.59 9.86
C GLY A 324 17.30 -19.11 9.56
N PRO A 325 16.82 -18.63 8.37
CA PRO A 325 16.98 -17.20 8.03
C PRO A 325 15.86 -16.39 8.67
N TRP A 326 15.80 -16.44 10.00
CA TRP A 326 14.68 -15.91 10.72
C TRP A 326 15.02 -14.80 11.68
N ASN A 327 14.05 -13.90 11.87
CA ASN A 327 14.11 -12.91 12.91
C ASN A 327 13.63 -13.59 14.21
N HIS A 328 13.36 -12.84 15.27
CA HIS A 328 12.97 -13.40 16.56
C HIS A 328 11.74 -14.37 16.52
N GLY A 329 10.69 -14.04 15.78
CA GLY A 329 9.47 -14.86 15.77
C GLY A 329 9.19 -15.70 14.54
N GLN A 330 10.02 -15.59 13.48
CA GLN A 330 9.80 -16.27 12.20
C GLN A 330 9.94 -17.80 12.22
N GLY A 331 10.68 -18.34 13.17
CA GLY A 331 10.81 -19.79 13.32
C GLY A 331 9.51 -20.42 13.79
N ARG A 332 8.64 -19.59 14.44
CA ARG A 332 7.35 -20.00 15.01
C ARG A 332 6.15 -19.55 14.14
N ARG A 333 6.41 -19.00 12.95
CA ARG A 333 5.36 -18.57 12.02
C ARG A 333 5.85 -18.71 10.56
N ASP A 334 5.21 -17.99 9.63
CA ASP A 334 5.60 -17.96 8.22
C ASP A 334 6.90 -17.16 8.05
N ALA A 335 7.77 -17.60 7.15
CA ALA A 335 9.03 -16.90 6.89
C ALA A 335 9.46 -17.03 5.42
N ARG A 336 8.71 -16.38 4.51
N ARG A 336 8.71 -16.38 4.51
CA ARG A 336 9.00 -16.38 3.08
CA ARG A 336 8.98 -16.39 3.07
C ARG A 336 10.02 -15.31 2.75
C ARG A 336 9.97 -15.28 2.72
N SER A 337 9.99 -14.22 3.53
CA SER A 337 10.86 -13.05 3.34
C SER A 337 11.16 -12.38 4.67
N LEU A 338 12.09 -11.40 4.66
CA LEU A 338 12.45 -10.56 5.80
C LEU A 338 12.98 -9.23 5.28
N GLY A 339 12.13 -8.22 5.34
CA GLY A 339 12.44 -6.91 4.75
C GLY A 339 12.54 -7.04 3.25
N PRO A 340 13.68 -6.64 2.63
CA PRO A 340 13.81 -6.80 1.18
C PRO A 340 14.29 -8.20 0.75
N LEU A 341 14.77 -9.01 1.72
CA LEU A 341 15.29 -10.36 1.44
C LEU A 341 14.17 -11.36 1.21
N GLN A 342 14.27 -12.14 0.13
CA GLN A 342 13.27 -13.15 -0.22
C GLN A 342 13.90 -14.55 -0.17
N PHE A 343 13.27 -15.45 0.60
CA PHE A 343 13.77 -16.81 0.79
C PHE A 343 12.96 -17.80 -0.07
N GLU A 344 13.50 -19.02 -0.26
CA GLU A 344 12.86 -20.02 -1.12
C GLU A 344 11.71 -20.71 -0.40
N GLY A 345 10.52 -20.08 -0.48
CA GLY A 345 9.30 -20.58 0.13
C GLY A 345 9.18 -20.24 1.60
N ASP A 346 8.13 -20.75 2.25
CA ASP A 346 7.91 -20.54 3.68
C ASP A 346 8.84 -21.47 4.47
N THR A 347 10.06 -20.96 4.79
CA THR A 347 11.10 -21.69 5.52
C THR A 347 10.65 -22.06 6.95
N GLY A 348 9.82 -21.20 7.56
CA GLY A 348 9.28 -21.40 8.89
C GLY A 348 8.34 -22.58 8.94
N GLY A 349 7.32 -22.53 8.06
CA GLY A 349 6.35 -23.61 7.90
C GLY A 349 6.99 -24.91 7.42
N TRP A 350 8.04 -24.81 6.56
CA TRP A 350 8.77 -25.98 6.06
C TRP A 350 9.49 -26.70 7.21
N PHE A 351 10.12 -25.93 8.12
CA PHE A 351 10.84 -26.50 9.25
C PHE A 351 9.88 -27.23 10.20
N ARG A 352 8.75 -26.59 10.57
CA ARG A 352 7.81 -27.17 11.53
C ARG A 352 7.15 -28.44 10.99
N ARG A 353 6.73 -28.45 9.72
CA ARG A 353 6.07 -29.61 9.12
C ARG A 353 7.04 -30.78 8.84
N ASN A 354 8.23 -30.48 8.27
CA ASN A 354 9.16 -31.52 7.82
C ASN A 354 10.23 -31.94 8.84
N VAL A 355 10.51 -31.11 9.86
CA VAL A 355 11.56 -31.42 10.84
C VAL A 355 11.00 -31.52 12.27
N MET A 356 10.32 -30.45 12.75
CA MET A 356 9.80 -30.40 14.13
C MET A 356 8.69 -31.44 14.40
N GLN A 357 7.67 -31.52 13.52
CA GLN A 357 6.58 -32.47 13.73
C GLN A 357 7.08 -33.95 13.66
N PRO A 358 7.92 -34.38 12.68
CA PRO A 358 8.42 -35.78 12.71
C PRO A 358 9.30 -36.05 13.94
N PHE A 359 10.04 -35.03 14.43
CA PHE A 359 10.85 -35.12 15.66
C PHE A 359 9.93 -35.45 16.84
N LEU A 360 8.86 -34.66 17.01
CA LEU A 360 7.87 -34.84 18.09
C LEU A 360 7.10 -36.15 17.95
N ASP A 361 6.64 -36.47 16.72
CA ASP A 361 5.86 -37.68 16.46
C ASP A 361 6.65 -38.95 16.80
N HIS A 362 7.98 -38.95 16.56
CA HIS A 362 8.81 -40.11 16.88
C HIS A 362 8.87 -40.38 18.39
N TYR A 363 9.16 -39.34 19.21
CA TYR A 363 9.30 -39.50 20.65
C TYR A 363 7.97 -39.53 21.41
N LEU A 364 6.88 -39.04 20.79
CA LEU A 364 5.58 -38.99 21.49
C LEU A 364 4.54 -39.98 20.97
N LYS A 365 4.74 -40.54 19.74
CA LYS A 365 3.77 -41.48 19.16
C LYS A 365 4.44 -42.73 18.58
N ASP A 366 5.77 -42.90 18.81
CA ASP A 366 6.59 -44.03 18.32
C ASP A 366 6.58 -44.12 16.77
N ALA A 367 6.46 -42.97 16.10
CA ALA A 367 6.47 -42.84 14.64
C ALA A 367 7.90 -43.08 14.11
N PRO A 368 8.09 -43.46 12.80
CA PRO A 368 9.45 -43.71 12.30
C PRO A 368 10.40 -42.53 12.53
N LYS A 369 11.62 -42.83 13.02
CA LYS A 369 12.62 -41.82 13.35
C LYS A 369 13.19 -41.18 12.07
N LEU A 370 12.98 -39.87 11.91
CA LEU A 370 13.51 -39.12 10.78
C LEU A 370 15.00 -38.83 11.02
N ASP A 371 15.82 -39.00 9.97
CA ASP A 371 17.25 -38.75 10.05
C ASP A 371 17.52 -37.24 10.02
N ILE A 372 17.35 -36.58 11.19
CA ILE A 372 17.61 -35.15 11.36
C ILE A 372 19.11 -34.97 11.54
N PRO A 373 19.78 -34.06 10.79
CA PRO A 373 21.22 -33.89 10.97
C PRO A 373 21.56 -33.23 12.31
N ARG A 374 22.85 -33.28 12.69
CA ARG A 374 23.35 -32.62 13.89
C ARG A 374 23.06 -31.12 13.80
N VAL A 375 23.35 -30.54 12.62
CA VAL A 375 23.12 -29.13 12.33
C VAL A 375 22.36 -28.97 11.00
N LEU A 376 21.26 -28.22 11.04
CA LEU A 376 20.44 -27.90 9.87
C LEU A 376 20.54 -26.39 9.69
N SER A 377 21.34 -25.96 8.70
CA SER A 377 21.62 -24.55 8.50
C SER A 377 21.12 -24.06 7.14
N TYR A 378 20.40 -22.92 7.17
CA TYR A 378 19.94 -22.28 5.94
C TYR A 378 20.96 -21.24 5.54
N GLU A 379 21.47 -21.34 4.31
CA GLU A 379 22.46 -20.44 3.79
C GLU A 379 21.79 -19.33 2.99
N THR A 380 21.93 -18.07 3.44
CA THR A 380 21.38 -16.92 2.74
C THR A 380 22.24 -16.63 1.50
N GLY A 381 21.67 -15.95 0.51
CA GLY A 381 22.35 -15.71 -0.76
C GLY A 381 22.11 -16.87 -1.71
N ALA A 382 22.55 -18.08 -1.30
CA ALA A 382 22.36 -19.33 -2.04
C ALA A 382 20.92 -19.86 -1.87
N ASN A 383 20.27 -19.53 -0.73
CA ASN A 383 18.89 -19.92 -0.38
C ASN A 383 18.71 -21.45 -0.37
N ALA A 384 19.52 -22.15 0.44
CA ALA A 384 19.48 -23.60 0.53
C ALA A 384 19.72 -24.10 1.94
N TRP A 385 19.02 -25.17 2.32
CA TRP A 385 19.17 -25.85 3.62
C TRP A 385 20.31 -26.87 3.49
N HIS A 386 21.19 -26.91 4.48
CA HIS A 386 22.32 -27.84 4.45
C HIS A 386 22.31 -28.76 5.65
N ARG A 387 22.80 -29.99 5.46
CA ARG A 387 22.98 -30.97 6.51
C ARG A 387 24.45 -30.92 6.95
N TYR A 388 24.69 -30.49 8.20
CA TYR A 388 26.06 -30.39 8.72
C TYR A 388 26.25 -31.29 9.94
N ASP A 389 27.48 -31.79 10.13
CA ASP A 389 27.82 -32.66 11.26
C ASP A 389 28.24 -31.85 12.48
N ASP A 390 28.62 -30.58 12.27
CA ASP A 390 29.06 -29.66 13.32
C ASP A 390 28.83 -28.21 12.87
N TRP A 391 28.89 -27.25 13.83
CA TRP A 391 28.77 -25.84 13.53
C TRP A 391 29.99 -25.07 14.07
N PRO A 392 30.84 -24.48 13.20
CA PRO A 392 30.74 -24.43 11.73
C PRO A 392 31.13 -25.76 11.07
N PRO A 393 30.74 -26.01 9.78
CA PRO A 393 31.12 -27.28 9.15
C PRO A 393 32.63 -27.39 8.96
N GLU A 394 33.18 -28.60 9.18
CA GLU A 394 34.62 -28.86 9.08
C GLU A 394 34.93 -29.69 7.82
N GLU A 400 34.87 -28.70 1.86
CA GLU A 400 36.11 -28.27 2.48
C GLU A 400 35.93 -26.93 3.21
N ALA A 401 36.88 -26.57 4.11
CA ALA A 401 36.81 -25.35 4.93
C ALA A 401 38.19 -24.73 5.20
N HIS A 402 38.22 -23.41 5.53
CA HIS A 402 39.44 -22.66 5.88
C HIS A 402 39.10 -21.34 6.61
N TYR A 403 39.66 -21.17 7.81
CA TYR A 403 39.45 -20.02 8.70
C TYR A 403 40.55 -18.95 8.44
N CYS A 404 40.16 -17.78 7.90
CA CYS A 404 41.11 -16.73 7.52
C CYS A 404 40.75 -15.33 8.06
N ASP A 405 41.62 -14.33 7.80
CA ASP A 405 41.46 -12.95 8.27
C ASP A 405 41.11 -11.99 7.14
N LEU A 406 40.13 -11.11 7.40
CA LEU A 406 39.68 -10.06 6.50
C LEU A 406 40.14 -8.71 7.07
N TYR A 407 41.33 -8.25 6.64
CA TYR A 407 41.99 -7.04 7.16
C TYR A 407 41.39 -5.73 6.66
N VAL A 408 41.28 -4.73 7.56
CA VAL A 408 40.87 -3.36 7.19
C VAL A 408 42.12 -2.69 6.58
N GLN A 409 41.96 -1.98 5.46
CA GLN A 409 43.11 -1.39 4.75
C GLN A 409 42.90 0.11 4.44
N GLU A 410 43.95 0.76 3.87
CA GLU A 410 43.93 2.17 3.47
C GLU A 410 42.94 2.40 2.32
N ASP A 411 42.51 3.67 2.11
CA ASP A 411 41.58 4.11 1.06
C ASP A 411 40.23 3.35 1.13
N GLY A 412 39.78 3.05 2.35
CA GLY A 412 38.52 2.34 2.61
C GLY A 412 38.44 0.95 2.01
N LYS A 413 39.59 0.27 1.88
CA LYS A 413 39.67 -1.08 1.31
C LYS A 413 39.59 -2.16 2.38
N LEU A 414 39.16 -3.35 1.96
CA LEU A 414 39.07 -4.56 2.79
C LEU A 414 39.58 -5.73 1.96
N GLY A 415 40.60 -6.43 2.47
CA GLY A 415 41.19 -7.55 1.74
C GLY A 415 41.95 -8.55 2.58
N PHE A 416 42.46 -9.61 1.93
CA PHE A 416 43.20 -10.70 2.58
C PHE A 416 44.68 -10.34 2.83
N GLU A 417 45.17 -9.24 2.23
CA GLU A 417 46.56 -8.80 2.38
C GLU A 417 46.82 -8.28 3.80
N MET A 418 47.88 -8.81 4.46
CA MET A 418 48.29 -8.37 5.80
C MET A 418 48.86 -6.95 5.74
N PRO A 419 48.62 -6.10 6.78
CA PRO A 419 49.13 -4.71 6.72
C PRO A 419 50.64 -4.60 6.95
N ALA A 420 51.25 -3.53 6.41
CA ALA A 420 52.68 -3.26 6.56
C ALA A 420 53.01 -2.71 7.96
N ALA A 421 54.31 -2.59 8.29
CA ALA A 421 54.80 -2.15 9.60
C ALA A 421 54.52 -0.67 9.88
N LYS A 422 54.65 0.22 8.85
CA LYS A 422 54.48 1.68 8.97
C LYS A 422 53.18 2.07 9.70
N GLN A 423 53.22 3.21 10.43
CA GLN A 423 52.08 3.75 11.17
C GLN A 423 50.89 3.96 10.24
N ALA A 424 49.74 3.38 10.59
CA ALA A 424 48.51 3.45 9.80
C ALA A 424 47.29 3.22 10.69
N PHE A 425 46.28 4.07 10.52
CA PHE A 425 45.01 4.00 11.24
C PHE A 425 43.97 4.85 10.54
N ASP A 426 42.70 4.60 10.84
CA ASP A 426 41.59 5.41 10.36
C ASP A 426 41.01 6.15 11.55
N GLU A 427 40.83 7.47 11.42
CA GLU A 427 40.39 8.32 12.53
C GLU A 427 39.00 8.90 12.33
N TYR A 428 38.26 9.06 13.44
CA TYR A 428 36.94 9.71 13.50
C TYR A 428 36.67 10.22 14.91
N VAL A 429 35.76 11.20 15.03
CA VAL A 429 35.39 11.75 16.33
C VAL A 429 33.97 11.28 16.67
N SER A 430 33.83 10.64 17.84
CA SER A 430 32.54 10.18 18.32
C SER A 430 32.00 11.18 19.34
N ASP A 431 30.84 11.79 19.02
CA ASP A 431 30.24 12.80 19.86
C ASP A 431 28.98 12.24 20.57
N PRO A 432 29.04 12.04 21.92
CA PRO A 432 27.87 11.52 22.64
C PRO A 432 26.65 12.46 22.60
N ALA A 433 26.87 13.77 22.29
CA ALA A 433 25.76 14.73 22.15
C ALA A 433 24.99 14.46 20.84
N LYS A 434 25.65 13.79 19.87
CA LYS A 434 25.06 13.39 18.59
C LYS A 434 25.26 11.86 18.37
N PRO A 435 24.59 10.98 19.17
CA PRO A 435 24.81 9.53 18.97
C PRO A 435 24.28 9.06 17.63
N VAL A 436 24.94 8.04 17.06
CA VAL A 436 24.55 7.46 15.78
C VAL A 436 23.20 6.70 15.96
N PRO A 437 22.14 7.04 15.18
CA PRO A 437 20.88 6.31 15.34
C PRO A 437 21.01 4.88 14.77
N TYR A 438 20.60 3.85 15.57
CA TYR A 438 20.71 2.44 15.17
C TYR A 438 19.85 2.14 13.94
N ARG A 439 18.83 2.97 13.72
CA ARG A 439 17.95 2.93 12.56
C ARG A 439 17.67 4.34 12.12
N GLN A 440 17.07 4.50 10.92
CA GLN A 440 16.67 5.81 10.43
C GLN A 440 15.55 6.35 11.31
N ARG A 441 15.58 7.65 11.60
CA ARG A 441 14.60 8.27 12.47
C ARG A 441 13.28 8.55 11.72
N PRO A 442 12.11 8.51 12.41
CA PRO A 442 11.91 8.35 13.86
C PRO A 442 12.04 6.90 14.36
N THR A 443 12.69 6.72 15.52
CA THR A 443 12.80 5.39 16.15
C THR A 443 11.61 5.22 17.09
N ILE A 444 10.90 4.09 16.95
CA ILE A 444 9.69 3.82 17.75
C ILE A 444 9.85 2.50 18.54
N PRO A 445 9.05 2.26 19.61
CA PRO A 445 9.20 1.01 20.37
C PRO A 445 8.80 -0.22 19.54
N SER A 446 9.33 -1.38 19.95
CA SER A 446 9.13 -2.69 19.30
C SER A 446 7.66 -3.14 19.27
N TYR A 447 6.88 -2.76 20.31
CA TYR A 447 5.47 -3.15 20.43
C TYR A 447 4.53 -2.24 19.63
N ALA A 448 4.99 -1.04 19.18
CA ALA A 448 4.19 -0.11 18.39
C ALA A 448 3.52 -0.81 17.18
N ALA A 449 2.30 -0.38 16.82
CA ALA A 449 1.49 -1.00 15.76
C ALA A 449 2.18 -1.02 14.38
N GLU A 450 2.93 0.05 14.06
N GLU A 450 2.93 0.04 14.02
CA GLU A 450 3.63 0.25 12.79
CA GLU A 450 3.61 0.09 12.72
C GLU A 450 5.15 -0.06 12.89
C GLU A 450 5.13 -0.17 12.83
N SER A 451 5.56 -0.76 13.98
CA SER A 451 6.98 -1.10 14.21
C SER A 451 7.51 -2.14 13.23
N THR A 452 8.73 -1.91 12.71
CA THR A 452 9.43 -2.85 11.81
C THR A 452 10.70 -3.39 12.53
N TRP A 453 10.65 -3.44 13.88
CA TRP A 453 11.71 -3.92 14.80
C TRP A 453 12.23 -5.33 14.42
N GLY A 454 11.32 -6.15 13.89
CA GLY A 454 11.62 -7.51 13.47
C GLY A 454 12.48 -7.59 12.21
N GLU A 455 12.54 -6.49 11.43
CA GLU A 455 13.29 -6.44 10.18
C GLU A 455 14.61 -5.66 10.30
N TRP A 456 14.86 -5.01 11.45
CA TRP A 456 15.98 -4.08 11.66
C TRP A 456 17.38 -4.68 11.43
N LEU A 457 17.60 -5.97 11.71
CA LEU A 457 18.94 -6.54 11.53
C LEU A 457 19.35 -6.72 10.04
N VAL A 458 18.42 -6.50 9.09
CA VAL A 458 18.75 -6.56 7.66
C VAL A 458 18.61 -5.14 7.02
N ASP A 459 18.56 -4.08 7.88
CA ASP A 459 18.46 -2.68 7.46
C ASP A 459 19.60 -2.27 6.53
N ASP A 460 19.31 -1.35 5.59
CA ASP A 460 20.30 -0.75 4.72
C ASP A 460 21.20 0.14 5.58
N GLN A 461 22.51 -0.09 5.54
CA GLN A 461 23.46 0.65 6.36
C GLN A 461 24.10 1.82 5.57
N ARG A 462 23.47 2.23 4.46
CA ARG A 462 23.95 3.38 3.67
C ARG A 462 23.84 4.70 4.46
N HIS A 463 22.85 4.81 5.40
CA HIS A 463 22.61 6.02 6.19
C HIS A 463 23.76 6.31 7.17
N THR A 464 24.48 5.26 7.62
CA THR A 464 25.64 5.42 8.49
C THR A 464 26.94 5.48 7.66
N ALA A 465 26.92 4.91 6.44
CA ALA A 465 28.09 4.86 5.55
C ALA A 465 28.64 6.26 5.20
N SER A 466 27.75 7.25 4.99
CA SER A 466 28.16 8.60 4.60
C SER A 466 28.51 9.47 5.81
N ARG A 467 28.26 8.98 7.04
CA ARG A 467 28.51 9.73 8.28
C ARG A 467 30.01 9.82 8.60
N THR A 468 30.44 11.00 9.09
CA THR A 468 31.85 11.26 9.42
C THR A 468 32.25 10.60 10.74
N ASP A 469 31.27 10.23 11.60
CA ASP A 469 31.53 9.57 12.89
C ASP A 469 31.41 8.02 12.75
N VAL A 470 31.57 7.51 11.51
CA VAL A 470 31.49 6.08 11.18
C VAL A 470 32.66 5.73 10.23
N LEU A 471 33.32 4.59 10.45
CA LEU A 471 34.40 4.13 9.56
C LEU A 471 33.86 3.06 8.63
N VAL A 472 34.30 3.07 7.37
CA VAL A 472 33.81 2.12 6.36
C VAL A 472 34.99 1.50 5.58
N TRP A 473 34.91 0.18 5.34
CA TRP A 473 35.86 -0.59 4.53
C TRP A 473 35.06 -1.57 3.68
N ALA A 474 35.47 -1.74 2.41
CA ALA A 474 34.77 -2.65 1.50
C ALA A 474 35.71 -3.28 0.51
N THR A 475 35.45 -4.54 0.14
CA THR A 475 36.21 -5.24 -0.89
C THR A 475 35.79 -4.72 -2.27
N GLU A 476 36.51 -5.11 -3.32
CA GLU A 476 36.07 -4.78 -4.69
C GLU A 476 34.93 -5.76 -5.06
N PRO A 477 34.07 -5.49 -6.07
CA PRO A 477 33.00 -6.47 -6.39
C PRO A 477 33.58 -7.86 -6.67
N LEU A 478 33.03 -8.90 -6.01
CA LEU A 478 33.50 -10.28 -6.13
C LEU A 478 33.26 -10.83 -7.53
N LYS A 479 34.25 -11.55 -8.06
CA LYS A 479 34.16 -12.14 -9.40
C LYS A 479 33.61 -13.57 -9.33
N GLU A 480 33.72 -14.20 -8.14
CA GLU A 480 33.21 -15.54 -7.89
C GLU A 480 32.50 -15.57 -6.51
N PRO A 481 31.60 -16.54 -6.24
CA PRO A 481 30.91 -16.55 -4.93
C PRO A 481 31.85 -16.86 -3.76
N LEU A 482 31.61 -16.21 -2.60
CA LEU A 482 32.38 -16.41 -1.38
C LEU A 482 31.44 -16.91 -0.28
N ARG A 483 31.67 -18.14 0.19
CA ARG A 483 30.84 -18.79 1.21
C ARG A 483 31.43 -18.64 2.60
N VAL A 484 30.63 -18.18 3.57
CA VAL A 484 31.05 -18.04 4.98
C VAL A 484 30.09 -18.84 5.89
N ALA A 485 30.65 -19.44 6.95
CA ALA A 485 29.87 -20.21 7.92
C ALA A 485 30.50 -20.11 9.31
N GLY A 486 29.66 -20.13 10.34
CA GLY A 486 30.10 -20.04 11.72
C GLY A 486 30.02 -18.66 12.32
N GLN A 487 30.84 -18.41 13.35
CA GLN A 487 30.83 -17.14 14.05
C GLN A 487 32.04 -16.28 13.65
N PRO A 488 31.80 -15.11 13.02
CA PRO A 488 32.92 -14.19 12.75
C PRO A 488 33.40 -13.55 14.04
N VAL A 489 34.70 -13.29 14.16
CA VAL A 489 35.26 -12.65 15.36
C VAL A 489 36.04 -11.41 14.93
N ALA A 490 35.68 -10.25 15.50
CA ALA A 490 36.36 -9.01 15.20
C ALA A 490 37.57 -8.84 16.11
N ARG A 491 38.77 -8.82 15.50
CA ARG A 491 40.00 -8.57 16.23
C ARG A 491 40.32 -7.11 16.02
N LEU A 492 39.80 -6.26 16.93
CA LEU A 492 39.90 -4.83 16.78
C LEU A 492 41.01 -4.23 17.63
N PHE A 493 41.92 -3.51 16.99
CA PHE A 493 42.98 -2.75 17.65
C PHE A 493 42.61 -1.29 17.54
N ALA A 494 42.14 -0.71 18.66
CA ALA A 494 41.64 0.65 18.64
C ALA A 494 42.12 1.49 19.82
N SER A 495 42.25 2.79 19.60
CA SER A 495 42.61 3.76 20.63
C SER A 495 41.54 4.84 20.72
N THR A 496 41.33 5.38 21.93
CA THR A 496 40.39 6.47 22.18
C THR A 496 41.07 7.54 23.01
N SER A 497 40.70 8.82 22.80
CA SER A 497 41.24 9.91 23.61
C SER A 497 40.52 9.97 24.98
N GLY A 498 39.47 9.16 25.15
CA GLY A 498 38.70 9.07 26.39
C GLY A 498 39.13 7.91 27.28
N SER A 499 38.38 7.69 28.40
CA SER A 499 38.69 6.62 29.36
C SER A 499 37.66 5.48 29.31
N ASP A 500 36.69 5.56 28.39
CA ASP A 500 35.68 4.53 28.13
C ASP A 500 35.19 4.67 26.69
N ALA A 501 34.67 3.58 26.10
CA ALA A 501 34.19 3.58 24.71
C ALA A 501 33.37 2.36 24.39
N ASP A 502 32.41 2.51 23.48
CA ASP A 502 31.63 1.42 22.90
C ASP A 502 32.14 1.19 21.50
N TRP A 503 32.26 -0.06 21.08
CA TRP A 503 32.73 -0.35 19.73
C TRP A 503 31.71 -1.24 19.02
N VAL A 504 31.07 -0.70 17.98
CA VAL A 504 30.08 -1.39 17.16
C VAL A 504 30.78 -1.90 15.90
N VAL A 505 30.71 -3.22 15.64
CA VAL A 505 31.30 -3.80 14.44
C VAL A 505 30.17 -4.41 13.61
N LYS A 506 30.06 -4.01 12.33
CA LYS A 506 29.03 -4.53 11.42
C LYS A 506 29.64 -5.22 10.21
N ILE A 507 29.10 -6.40 9.84
CA ILE A 507 29.45 -7.10 8.60
C ILE A 507 28.29 -6.88 7.65
N ILE A 508 28.58 -6.42 6.44
CA ILE A 508 27.55 -6.07 5.48
C ILE A 508 27.79 -6.73 4.12
N ASP A 509 26.70 -7.14 3.45
CA ASP A 509 26.74 -7.61 2.08
C ASP A 509 26.25 -6.46 1.22
N VAL A 510 27.14 -5.85 0.45
CA VAL A 510 26.79 -4.75 -0.46
C VAL A 510 26.29 -5.35 -1.76
N TRP A 511 25.01 -5.15 -2.07
CA TRP A 511 24.39 -5.66 -3.29
C TRP A 511 24.98 -4.94 -4.52
N PRO A 512 24.98 -5.57 -5.73
CA PRO A 512 25.59 -4.89 -6.90
C PRO A 512 24.94 -3.54 -7.21
N ASP A 513 25.67 -2.69 -8.00
CA ASP A 513 25.23 -1.35 -8.43
C ASP A 513 23.81 -1.40 -9.03
N GLU A 514 23.57 -2.43 -9.87
CA GLU A 514 22.27 -2.69 -10.49
C GLU A 514 21.89 -4.15 -10.23
N VAL A 515 20.63 -4.40 -9.84
CA VAL A 515 20.12 -5.74 -9.51
C VAL A 515 18.94 -6.08 -10.45
N PRO A 516 19.14 -6.91 -11.50
CA PRO A 516 18.03 -7.20 -12.44
C PRO A 516 16.82 -7.92 -11.82
N GLU A 517 17.04 -8.71 -10.74
CA GLU A 517 15.97 -9.45 -10.04
C GLU A 517 15.08 -8.50 -9.21
N ASN A 518 15.64 -7.39 -8.70
CA ASN A 518 14.94 -6.37 -7.91
C ASN A 518 15.69 -5.05 -8.02
N PRO A 519 15.37 -4.21 -9.05
CA PRO A 519 16.13 -2.96 -9.28
C PRO A 519 16.27 -2.03 -8.08
N LYS A 520 15.20 -1.89 -7.26
CA LYS A 520 15.20 -1.04 -6.06
C LYS A 520 16.28 -1.42 -5.04
N LEU A 521 16.92 -2.59 -5.20
CA LEU A 521 17.93 -3.07 -4.27
C LEU A 521 19.39 -2.81 -4.71
N GLY A 522 19.56 -1.94 -5.71
CA GLY A 522 20.89 -1.57 -6.21
C GLY A 522 21.65 -0.72 -5.21
N GLY A 523 22.84 -1.18 -4.83
CA GLY A 523 23.71 -0.49 -3.88
C GLY A 523 23.41 -0.80 -2.42
N TYR A 524 22.32 -1.53 -2.16
CA TYR A 524 21.82 -1.91 -0.84
C TYR A 524 22.93 -2.50 0.05
N GLN A 525 23.19 -1.82 1.17
CA GLN A 525 24.18 -2.21 2.17
C GLN A 525 23.51 -3.04 3.26
N GLN A 526 23.15 -4.28 2.90
CA GLN A 526 22.43 -5.21 3.77
C GLN A 526 23.27 -5.65 4.95
N MET A 527 22.85 -5.28 6.18
CA MET A 527 23.53 -5.73 7.38
C MET A 527 23.35 -7.25 7.50
N LEU A 528 24.42 -7.97 7.86
CA LEU A 528 24.41 -9.44 7.89
C LEU A 528 24.73 -9.99 9.28
N SER A 529 25.74 -9.40 9.94
CA SER A 529 26.16 -9.80 11.29
C SER A 529 26.79 -8.60 11.97
N ALA A 530 26.22 -8.16 13.10
CA ALA A 530 26.70 -6.99 13.80
C ALA A 530 26.50 -7.09 15.30
N ASP A 531 27.44 -6.53 16.08
CA ASP A 531 27.31 -6.48 17.52
C ASP A 531 28.11 -5.32 18.12
N ILE A 532 27.96 -5.11 19.43
CA ILE A 532 28.58 -4.01 20.17
C ILE A 532 29.35 -4.55 21.39
N PHE A 533 30.45 -3.88 21.73
CA PHE A 533 31.25 -4.23 22.90
C PHE A 533 31.44 -2.99 23.78
N ARG A 534 31.11 -3.10 25.08
CA ARG A 534 31.32 -1.99 26.02
C ARG A 534 32.76 -2.09 26.53
N GLY A 535 33.59 -1.15 26.08
CA GLY A 535 35.04 -1.09 26.31
C GLY A 535 35.54 -1.22 27.73
N ARG A 536 34.72 -0.82 28.73
CA ARG A 536 35.10 -0.92 30.14
C ARG A 536 35.29 -2.40 30.59
N TYR A 537 34.76 -3.37 29.79
CA TYR A 537 34.87 -4.81 30.09
C TYR A 537 35.89 -5.52 29.16
N ARG A 538 36.89 -4.76 28.65
CA ARG A 538 37.93 -5.27 27.74
C ARG A 538 38.79 -6.38 28.34
N GLU A 539 39.13 -6.28 29.64
CA GLU A 539 40.02 -7.25 30.26
C GLU A 539 39.29 -8.19 31.22
N ASP A 540 38.10 -7.80 31.66
CA ASP A 540 37.26 -8.60 32.56
C ASP A 540 35.80 -8.21 32.40
N PHE A 541 34.95 -9.16 32.02
CA PHE A 541 33.52 -8.92 31.87
C PHE A 541 32.86 -8.61 33.24
N ALA A 542 33.41 -9.21 34.33
CA ALA A 542 32.92 -9.05 35.71
C ALA A 542 33.36 -7.74 36.38
N VAL A 543 34.50 -7.17 35.96
CA VAL A 543 35.02 -5.94 36.57
C VAL A 543 35.20 -4.82 35.53
N ALA A 544 34.56 -3.66 35.77
CA ALA A 544 34.68 -2.50 34.88
C ALA A 544 36.02 -1.80 35.13
N LYS A 545 36.83 -1.67 34.07
CA LYS A 545 38.15 -1.03 34.15
C LYS A 545 38.26 0.12 33.14
N PRO A 546 38.88 1.27 33.50
CA PRO A 546 38.99 2.37 32.54
C PRO A 546 40.00 2.08 31.42
N LEU A 547 39.78 2.70 30.25
CA LEU A 547 40.71 2.58 29.12
C LEU A 547 41.80 3.62 29.26
N VAL A 548 43.06 3.24 28.96
CA VAL A 548 44.17 4.18 29.01
C VAL A 548 44.03 5.14 27.81
N PRO A 549 43.90 6.48 28.05
CA PRO A 549 43.70 7.40 26.92
C PRO A 549 44.85 7.36 25.91
N ASP A 550 44.49 7.37 24.60
CA ASP A 550 45.39 7.40 23.44
C ASP A 550 46.20 6.09 23.23
N LYS A 551 45.97 5.04 24.06
CA LYS A 551 46.69 3.78 23.93
C LYS A 551 45.97 2.81 22.98
N VAL A 552 46.71 2.17 22.05
CA VAL A 552 46.14 1.20 21.10
C VAL A 552 45.86 -0.10 21.87
N LEU A 553 44.57 -0.42 22.07
CA LEU A 553 44.16 -1.61 22.83
C LEU A 553 43.46 -2.64 21.95
N GLU A 554 43.67 -3.93 22.27
CA GLU A 554 43.08 -5.05 21.54
C GLU A 554 41.74 -5.46 22.14
N TYR A 555 40.73 -5.65 21.27
CA TYR A 555 39.38 -6.09 21.60
C TYR A 555 39.03 -7.35 20.84
N ARG A 556 38.37 -8.30 21.52
CA ARG A 556 37.89 -9.52 20.88
C ARG A 556 36.37 -9.43 20.87
N ILE A 557 35.77 -9.22 19.68
CA ILE A 557 34.32 -9.05 19.58
C ILE A 557 33.72 -10.17 18.71
N PRO A 558 33.23 -11.27 19.34
CA PRO A 558 32.55 -12.31 18.57
C PRO A 558 31.24 -11.75 18.01
N LEU A 559 30.94 -12.04 16.74
CA LEU A 559 29.76 -11.48 16.08
C LEU A 559 28.69 -12.55 15.82
N PRO A 560 27.40 -12.16 15.62
CA PRO A 560 26.35 -13.17 15.36
C PRO A 560 26.69 -14.13 14.24
N GLN A 561 26.16 -15.35 14.31
CA GLN A 561 26.41 -16.43 13.34
C GLN A 561 26.10 -16.01 11.90
N VAL A 562 26.85 -16.59 10.96
CA VAL A 562 26.66 -16.39 9.52
C VAL A 562 26.62 -17.74 8.80
N SER A 563 25.82 -17.80 7.74
CA SER A 563 25.66 -18.92 6.81
C SER A 563 25.23 -18.26 5.54
N HIS A 564 26.21 -17.77 4.78
CA HIS A 564 25.92 -16.90 3.66
C HIS A 564 26.86 -17.09 2.48
N THR A 565 26.34 -16.82 1.29
CA THR A 565 27.13 -16.77 0.08
C THR A 565 27.13 -15.33 -0.43
N PHE A 566 28.30 -14.70 -0.45
CA PHE A 566 28.49 -13.38 -1.04
C PHE A 566 28.60 -13.62 -2.54
N LEU A 567 27.51 -13.37 -3.28
CA LEU A 567 27.41 -13.69 -4.70
C LEU A 567 28.27 -12.75 -5.60
N PRO A 568 28.56 -13.15 -6.88
CA PRO A 568 29.36 -12.27 -7.76
C PRO A 568 28.70 -10.90 -7.96
N GLY A 569 29.52 -9.86 -7.98
CA GLY A 569 29.05 -8.48 -8.09
C GLY A 569 28.80 -7.83 -6.75
N HIS A 570 28.70 -8.65 -5.68
CA HIS A 570 28.51 -8.17 -4.31
C HIS A 570 29.86 -7.82 -3.67
N ARG A 571 29.84 -6.96 -2.64
N ARG A 571 29.84 -6.95 -2.64
CA ARG A 571 31.03 -6.58 -1.88
CA ARG A 571 31.04 -6.56 -1.89
C ARG A 571 30.86 -6.99 -0.42
C ARG A 571 30.87 -6.93 -0.41
N ILE A 572 31.98 -7.24 0.28
CA ILE A 572 31.95 -7.51 1.72
C ILE A 572 32.31 -6.20 2.39
N MET A 573 31.45 -5.71 3.29
CA MET A 573 31.68 -4.43 3.95
C MET A 573 31.81 -4.57 5.46
N VAL A 574 32.66 -3.74 6.05
CA VAL A 574 32.84 -3.62 7.49
C VAL A 574 32.61 -2.16 7.89
N GLN A 575 31.68 -1.92 8.84
CA GLN A 575 31.41 -0.59 9.38
C GLN A 575 31.70 -0.58 10.87
N VAL A 576 32.43 0.45 11.34
CA VAL A 576 32.77 0.61 12.77
C VAL A 576 32.29 1.99 13.27
N GLN A 577 31.56 2.00 14.41
CA GLN A 577 31.04 3.21 15.03
C GLN A 577 31.11 3.09 16.57
N SER A 578 30.79 4.16 17.31
CA SER A 578 30.92 4.18 18.77
C SER A 578 29.59 4.38 19.53
N SER A 579 28.46 4.30 18.83
CA SER A 579 27.12 4.42 19.41
C SER A 579 26.08 3.73 18.52
N TRP A 580 25.00 3.24 19.14
CA TRP A 580 23.89 2.50 18.52
C TRP A 580 22.63 2.86 19.31
N PHE A 581 22.17 4.10 19.15
CA PHE A 581 21.14 4.76 19.95
C PHE A 581 19.75 4.84 19.26
N PRO A 582 18.60 4.79 20.00
CA PRO A 582 18.44 4.71 21.46
C PRO A 582 18.39 3.29 22.03
N LEU A 583 18.47 2.25 21.17
CA LEU A 583 18.44 0.84 21.61
C LEU A 583 19.47 0.62 22.72
N TYR A 584 20.71 1.08 22.51
CA TYR A 584 21.76 1.01 23.52
C TYR A 584 21.97 2.39 24.12
N ASP A 585 22.18 2.46 25.45
CA ASP A 585 22.47 3.75 26.10
C ASP A 585 23.87 4.22 25.68
N ARG A 586 24.10 5.53 25.67
CA ARG A 586 25.39 6.09 25.25
C ARG A 586 26.49 5.81 26.23
N ASN A 587 27.68 5.51 25.71
CA ASN A 587 28.85 5.42 26.55
C ASN A 587 29.32 6.87 26.79
N PRO A 588 29.54 7.29 28.06
CA PRO A 588 29.95 8.69 28.31
C PRO A 588 31.29 9.05 27.65
N GLN A 589 32.14 8.04 27.39
CA GLN A 589 33.47 8.13 26.79
C GLN A 589 34.50 8.70 27.80
N THR A 590 34.07 8.81 29.07
CA THR A 590 34.90 9.06 30.25
C THR A 590 34.47 8.00 31.24
N PHE A 591 35.41 7.41 31.99
CA PHE A 591 35.07 6.32 32.92
C PHE A 591 34.28 6.82 34.13
N VAL A 592 33.12 6.18 34.36
CA VAL A 592 32.22 6.41 35.50
C VAL A 592 31.98 5.06 36.21
N PRO A 593 31.67 5.02 37.54
CA PRO A 593 31.45 3.71 38.20
C PRO A 593 30.25 2.94 37.61
N ASN A 594 29.17 3.66 37.24
CA ASN A 594 27.97 3.06 36.69
C ASN A 594 27.38 3.97 35.59
N ILE A 595 27.33 3.46 34.35
CA ILE A 595 26.81 4.23 33.19
C ILE A 595 25.28 4.47 33.32
N MET A 596 24.58 3.63 34.13
CA MET A 596 23.13 3.81 34.39
C MET A 596 22.83 5.20 34.95
N PHE A 597 23.72 5.74 35.80
CA PHE A 597 23.56 7.02 36.47
C PHE A 597 24.70 8.00 36.14
N ALA A 598 25.31 7.87 34.94
CA ALA A 598 26.41 8.75 34.51
C ALA A 598 25.97 10.24 34.47
N PRO A 599 26.70 11.16 35.15
CA PRO A 599 26.28 12.58 35.16
C PRO A 599 26.46 13.25 33.79
N PRO A 600 25.72 14.35 33.48
CA PRO A 600 25.86 14.98 32.14
C PRO A 600 27.28 15.45 31.79
N GLU A 601 28.08 15.86 32.80
CA GLU A 601 29.46 16.35 32.60
C GLU A 601 30.41 15.24 32.10
N SER A 602 30.05 13.96 32.33
CA SER A 602 30.86 12.82 31.95
C SER A 602 30.78 12.51 30.43
N TYR A 603 29.76 13.03 29.73
CA TYR A 603 29.55 12.78 28.29
C TYR A 603 30.40 13.75 27.46
N ARG A 604 31.57 13.27 26.98
CA ARG A 604 32.50 14.11 26.21
C ARG A 604 32.90 13.48 24.89
N LYS A 605 33.23 14.36 23.90
CA LYS A 605 33.72 13.95 22.57
C LYS A 605 35.04 13.21 22.71
N ALA A 606 35.27 12.23 21.84
CA ALA A 606 36.51 11.47 21.86
C ALA A 606 36.99 11.19 20.45
N THR A 607 38.32 11.22 20.25
CA THR A 607 38.98 10.93 18.98
C THR A 607 39.24 9.43 18.93
N GLN A 608 38.61 8.73 17.98
CA GLN A 608 38.72 7.28 17.84
C GLN A 608 39.60 6.90 16.68
N ARG A 609 40.45 5.88 16.87
CA ARG A 609 41.37 5.41 15.83
C ARG A 609 41.37 3.90 15.72
N VAL A 610 41.04 3.38 14.53
CA VAL A 610 41.09 1.94 14.27
C VAL A 610 42.42 1.68 13.53
N TRP A 611 43.38 1.06 14.24
CA TRP A 611 44.73 0.82 13.75
C TRP A 611 44.81 -0.41 12.82
N ARG A 612 45.69 -0.33 11.80
CA ARG A 612 45.86 -1.38 10.80
C ARG A 612 47.34 -1.45 10.38
N THR A 613 48.17 -2.02 11.27
CA THR A 613 49.62 -2.17 11.07
C THR A 613 50.03 -3.62 11.33
N ALA A 614 51.31 -3.98 11.05
CA ALA A 614 51.83 -5.32 11.31
C ALA A 614 51.67 -5.69 12.80
N GLU A 615 51.95 -4.71 13.69
CA GLU A 615 51.85 -4.85 15.15
C GLU A 615 50.38 -4.90 15.60
N TYR A 616 49.51 -4.04 15.02
CA TYR A 616 48.09 -3.96 15.38
C TYR A 616 47.19 -4.26 14.14
N PRO A 617 47.09 -5.54 13.68
CA PRO A 617 46.29 -5.81 12.48
C PRO A 617 44.80 -6.04 12.77
N THR A 618 43.99 -4.97 12.65
CA THR A 618 42.54 -5.06 12.82
C THR A 618 41.98 -5.88 11.65
N ALA A 619 41.20 -6.92 11.96
CA ALA A 619 40.62 -7.80 10.95
C ALA A 619 39.40 -8.54 11.47
N ILE A 620 38.60 -9.06 10.54
CA ILE A 620 37.47 -9.93 10.86
C ILE A 620 37.94 -11.35 10.63
N GLU A 621 37.88 -12.19 11.67
CA GLU A 621 38.27 -13.59 11.57
C GLU A 621 37.05 -14.38 11.13
N ILE A 622 37.00 -14.76 9.84
CA ILE A 622 35.86 -15.47 9.25
C ILE A 622 36.27 -16.86 8.77
N HIS A 623 35.30 -17.78 8.76
CA HIS A 623 35.50 -19.16 8.35
C HIS A 623 34.88 -19.38 6.95
N ILE A 624 35.73 -19.37 5.91
CA ILE A 624 35.30 -19.55 4.51
C ILE A 624 35.28 -21.06 4.19
N ILE A 625 34.18 -21.52 3.59
CA ILE A 625 34.02 -22.92 3.21
C ILE A 625 33.97 -23.06 1.68
N SER A 626 34.52 -24.17 1.15
CA SER A 626 34.54 -24.42 -0.29
C SER A 626 33.34 -25.28 -0.72
N ASP B 10 -11.51 -6.84 -52.06
CA ASP B 10 -10.54 -7.46 -52.96
C ASP B 10 -9.33 -8.05 -52.18
N PHE B 11 -9.38 -7.96 -50.83
CA PHE B 11 -8.32 -8.45 -49.94
C PHE B 11 -8.13 -9.97 -50.08
N SER B 12 -6.89 -10.39 -50.35
CA SER B 12 -6.52 -11.80 -50.47
C SER B 12 -5.85 -12.26 -49.18
N GLU B 13 -6.53 -13.14 -48.42
CA GLU B 13 -6.09 -13.67 -47.12
C GLU B 13 -4.77 -14.44 -47.20
N ASP B 14 -4.44 -15.01 -48.37
CA ASP B 14 -3.24 -15.83 -48.57
C ASP B 14 -1.97 -15.05 -48.98
N SER B 15 -2.07 -13.71 -49.19
CA SER B 15 -0.89 -12.96 -49.65
C SER B 15 -0.85 -11.49 -49.19
N ASP B 16 -1.99 -10.78 -49.21
CA ASP B 16 -2.03 -9.36 -48.88
C ASP B 16 -1.65 -9.08 -47.43
N SER B 17 -0.94 -7.96 -47.21
CA SER B 17 -0.56 -7.51 -45.88
C SER B 17 -1.79 -7.07 -45.10
N ASP B 18 -1.85 -7.42 -43.82
CA ASP B 18 -2.96 -7.06 -42.95
C ASP B 18 -2.94 -5.55 -42.65
N ILE B 19 -1.75 -4.93 -42.69
CA ILE B 19 -1.57 -3.50 -42.42
C ILE B 19 -1.95 -2.69 -43.68
N PRO B 20 -2.98 -1.81 -43.61
CA PRO B 20 -3.31 -0.99 -44.80
C PRO B 20 -2.24 0.08 -45.05
N GLU B 21 -2.09 0.52 -46.31
CA GLU B 21 -1.09 1.53 -46.70
C GLU B 21 -1.18 2.79 -45.84
N LYS B 22 -2.42 3.30 -45.63
CA LYS B 22 -2.67 4.46 -44.79
C LYS B 22 -3.92 4.24 -43.97
N PHE B 23 -3.78 4.29 -42.64
CA PHE B 23 -4.91 4.12 -41.73
C PHE B 23 -5.25 5.46 -41.07
N THR B 24 -6.55 5.81 -41.08
CA THR B 24 -7.04 7.03 -40.43
C THR B 24 -7.98 6.62 -39.29
N PRO B 25 -7.68 7.02 -38.03
CA PRO B 25 -8.58 6.65 -36.92
C PRO B 25 -9.96 7.30 -37.05
N LYS B 26 -11.00 6.56 -36.68
CA LYS B 26 -12.38 7.04 -36.71
C LYS B 26 -12.61 7.96 -35.52
N THR B 27 -12.76 9.26 -35.77
CA THR B 27 -12.89 10.28 -34.73
C THR B 27 -14.19 11.11 -34.88
N ASP B 28 -15.11 10.68 -35.75
CA ASP B 28 -16.36 11.43 -35.99
C ASP B 28 -17.30 11.43 -34.76
N LEU B 29 -17.06 10.53 -33.79
CA LEU B 29 -17.86 10.49 -32.56
C LEU B 29 -17.09 11.11 -31.36
N PHE B 30 -15.96 11.80 -31.64
CA PHE B 30 -15.18 12.52 -30.61
C PHE B 30 -15.87 13.86 -30.32
N ASP B 31 -15.63 14.44 -29.14
CA ASP B 31 -16.22 15.76 -28.82
C ASP B 31 -15.29 16.91 -29.26
N TYR B 32 -14.24 16.59 -30.06
CA TYR B 32 -13.25 17.56 -30.54
C TYR B 32 -12.62 17.12 -31.86
N THR B 33 -12.11 18.11 -32.62
CA THR B 33 -11.39 17.87 -33.88
C THR B 33 -9.91 18.16 -33.63
N ARG B 34 -9.04 17.25 -34.07
CA ARG B 34 -7.60 17.41 -33.89
C ARG B 34 -7.00 17.90 -35.20
N ARG B 35 -6.53 19.16 -35.21
CA ARG B 35 -5.94 19.78 -36.39
C ARG B 35 -4.42 19.87 -36.22
N GLU B 36 -3.67 19.33 -37.19
CA GLU B 36 -2.21 19.33 -37.14
C GLU B 36 -1.68 20.14 -38.31
N GLU B 37 -0.97 21.24 -38.00
CA GLU B 37 -0.48 22.15 -39.02
C GLU B 37 1.01 22.47 -38.86
N MET B 38 1.74 22.49 -39.99
CA MET B 38 3.14 22.88 -40.03
C MET B 38 3.18 24.35 -40.45
N ILE B 39 3.06 25.25 -39.46
CA ILE B 39 2.99 26.70 -39.71
C ILE B 39 4.39 27.24 -40.09
N PRO B 40 4.54 27.88 -41.28
CA PRO B 40 5.85 28.42 -41.64
C PRO B 40 6.14 29.76 -40.91
N MET B 41 7.37 29.89 -40.38
CA MET B 41 7.80 31.13 -39.71
C MET B 41 8.31 32.12 -40.77
N ARG B 42 8.74 33.34 -40.35
CA ARG B 42 9.23 34.38 -41.27
C ARG B 42 10.52 33.97 -42.04
N ASP B 43 11.24 32.93 -41.55
CA ASP B 43 12.46 32.43 -42.19
C ASP B 43 12.22 31.06 -42.91
N GLY B 44 10.95 30.76 -43.22
CA GLY B 44 10.57 29.54 -43.93
C GLY B 44 10.56 28.26 -43.13
N VAL B 45 11.11 28.30 -41.88
CA VAL B 45 11.15 27.12 -41.00
C VAL B 45 9.73 26.84 -40.47
N LYS B 46 9.26 25.59 -40.61
CA LYS B 46 7.90 25.22 -40.19
C LYS B 46 7.85 24.62 -38.79
N LEU B 47 6.85 25.05 -37.98
CA LEU B 47 6.67 24.56 -36.61
C LEU B 47 5.42 23.67 -36.51
N ASN B 48 5.56 22.51 -35.84
CA ASN B 48 4.48 21.55 -35.62
C ASN B 48 3.49 22.09 -34.59
N THR B 49 2.23 22.30 -35.02
CA THR B 49 1.20 22.91 -34.19
C THR B 49 -0.04 22.01 -34.10
N ILE B 50 -0.43 21.64 -32.87
CA ILE B 50 -1.58 20.78 -32.62
C ILE B 50 -2.72 21.65 -32.10
N ILE B 51 -3.76 21.79 -32.93
CA ILE B 51 -4.92 22.63 -32.65
C ILE B 51 -6.12 21.75 -32.29
N LEU B 52 -6.56 21.84 -31.02
CA LEU B 52 -7.71 21.08 -30.53
C LEU B 52 -8.92 21.99 -30.50
N ILE B 53 -9.93 21.69 -31.34
CA ILE B 53 -11.14 22.52 -31.49
C ILE B 53 -12.37 21.75 -30.97
N PRO B 54 -13.03 22.24 -29.89
CA PRO B 54 -14.24 21.55 -29.40
C PRO B 54 -15.36 21.57 -30.45
N LYS B 55 -16.12 20.47 -30.55
CA LYS B 55 -17.19 20.37 -31.54
C LYS B 55 -18.43 21.20 -31.15
N GLY B 56 -19.00 21.87 -32.15
CA GLY B 56 -20.19 22.71 -31.99
C GLY B 56 -19.91 24.17 -31.62
N VAL B 57 -18.68 24.46 -31.16
CA VAL B 57 -18.31 25.79 -30.70
C VAL B 57 -18.00 26.74 -31.89
N GLN B 58 -18.38 28.01 -31.72
CA GLN B 58 -18.18 29.10 -32.66
C GLN B 58 -17.84 30.37 -31.88
N ASN B 59 -16.87 31.17 -32.36
CA ASN B 59 -16.42 32.44 -31.71
C ASN B 59 -15.88 32.17 -30.28
N THR B 60 -14.85 31.31 -30.16
CA THR B 60 -14.26 30.94 -28.87
C THR B 60 -12.76 31.30 -28.83
N PRO B 61 -12.19 31.70 -27.67
CA PRO B 61 -10.76 32.08 -27.65
C PRO B 61 -9.80 30.91 -27.77
N ILE B 62 -8.50 31.22 -27.96
CA ILE B 62 -7.42 30.26 -28.11
C ILE B 62 -6.51 30.29 -26.88
N VAL B 63 -6.16 29.12 -26.36
CA VAL B 63 -5.21 29.03 -25.26
C VAL B 63 -3.97 28.30 -25.82
N LEU B 64 -2.85 29.04 -25.93
CA LEU B 64 -1.63 28.57 -26.56
C LEU B 64 -0.56 28.16 -25.54
N THR B 65 0.14 27.06 -25.83
CA THR B 65 1.25 26.54 -25.02
C THR B 65 2.36 26.10 -25.98
N ARG B 66 3.55 26.68 -25.85
CA ARG B 66 4.71 26.36 -26.70
C ARG B 66 5.66 25.51 -25.87
N THR B 67 5.94 24.28 -26.34
CA THR B 67 6.65 23.28 -25.54
C THR B 67 7.82 22.56 -26.24
N PRO B 68 8.90 22.25 -25.47
CA PRO B 68 9.96 21.41 -26.04
C PRO B 68 9.77 19.93 -25.62
N TYR B 69 8.57 19.59 -25.09
CA TYR B 69 8.30 18.27 -24.54
C TYR B 69 7.22 17.48 -25.31
N HIS B 70 7.27 17.49 -26.67
CA HIS B 70 6.40 16.69 -27.56
C HIS B 70 4.92 17.10 -27.42
N ALA B 71 4.48 18.05 -28.26
CA ALA B 71 3.11 18.58 -28.28
C ALA B 71 2.06 17.49 -28.59
N GLU B 72 2.44 16.49 -29.42
CA GLU B 72 1.55 15.37 -29.78
C GLU B 72 1.29 14.47 -28.56
N ARG B 73 2.25 14.41 -27.61
CA ARG B 73 2.12 13.63 -26.37
C ARG B 73 1.42 14.47 -25.28
N ARG B 74 1.73 15.80 -25.22
CA ARG B 74 1.12 16.72 -24.24
C ARG B 74 -0.40 16.81 -24.45
N THR B 75 -0.85 16.73 -25.71
CA THR B 75 -2.26 16.78 -26.09
C THR B 75 -2.89 15.37 -26.13
N LEU B 76 -2.25 14.39 -25.47
CA LEU B 76 -2.77 13.03 -25.37
C LEU B 76 -2.46 12.45 -23.98
N ARG B 77 -2.96 13.13 -22.92
CA ARG B 77 -2.80 12.67 -21.52
C ARG B 77 -3.32 11.24 -21.41
N PHE B 78 -4.50 11.00 -22.00
CA PHE B 78 -5.13 9.69 -22.14
C PHE B 78 -5.60 9.55 -23.58
N ASN B 79 -5.49 8.34 -24.16
CA ASN B 79 -5.93 8.10 -25.54
C ASN B 79 -7.46 8.01 -25.55
N SER B 80 -8.11 9.19 -25.57
CA SER B 80 -9.55 9.30 -25.38
C SER B 80 -10.30 10.06 -26.48
N SER B 81 -11.62 9.78 -26.57
CA SER B 81 -12.55 10.45 -27.46
C SER B 81 -13.07 11.76 -26.82
N SER B 82 -12.72 11.98 -25.52
CA SER B 82 -13.10 13.18 -24.75
C SER B 82 -11.95 14.17 -24.69
N LEU B 83 -12.23 15.46 -24.99
CA LEU B 83 -11.24 16.54 -24.94
C LEU B 83 -10.74 16.76 -23.50
N SER B 84 -11.62 16.55 -22.51
CA SER B 84 -11.29 16.71 -21.08
C SER B 84 -10.25 15.68 -20.60
N MET B 85 -10.11 14.56 -21.34
CA MET B 85 -9.19 13.45 -21.02
C MET B 85 -7.85 13.54 -21.78
N VAL B 86 -7.78 14.27 -22.91
CA VAL B 86 -6.56 14.33 -23.73
C VAL B 86 -5.64 15.49 -23.30
N VAL B 87 -6.19 16.55 -22.71
CA VAL B 87 -5.44 17.75 -22.34
C VAL B 87 -4.74 17.61 -20.97
N PRO B 88 -3.62 18.33 -20.72
CA PRO B 88 -3.01 18.30 -19.38
C PRO B 88 -3.97 18.89 -18.34
N GLN B 89 -3.80 18.51 -17.06
CA GLN B 89 -4.64 18.99 -15.95
C GLN B 89 -4.69 20.53 -15.88
N MET B 90 -3.65 21.22 -16.39
CA MET B 90 -3.56 22.68 -16.45
C MET B 90 -4.69 23.27 -17.31
N ASN B 91 -5.11 22.53 -18.36
CA ASN B 91 -6.15 22.95 -19.29
C ASN B 91 -7.57 22.47 -18.90
N ASP B 92 -7.77 21.97 -17.66
CA ASP B 92 -9.08 21.47 -17.22
C ASP B 92 -10.19 22.55 -17.30
N THR B 93 -9.91 23.78 -16.82
CA THR B 93 -10.91 24.87 -16.83
C THR B 93 -11.09 25.44 -18.24
N THR B 94 -10.02 25.48 -19.06
CA THR B 94 -10.12 25.99 -20.44
C THR B 94 -10.86 24.99 -21.33
N SER B 95 -10.69 23.67 -21.06
CA SER B 95 -11.38 22.59 -21.78
C SER B 95 -12.88 22.62 -21.44
N ALA B 96 -13.21 22.85 -20.15
CA ALA B 96 -14.59 22.93 -19.67
C ALA B 96 -15.28 24.19 -20.20
N ALA B 97 -14.51 25.29 -20.41
CA ALA B 97 -15.02 26.54 -20.96
C ALA B 97 -15.14 26.45 -22.51
N ARG B 98 -14.62 25.34 -23.08
CA ARG B 98 -14.64 25.00 -24.52
C ARG B 98 -13.79 25.98 -25.35
N TYR B 99 -12.56 26.21 -24.88
CA TYR B 99 -11.56 27.04 -25.57
C TYR B 99 -10.88 26.20 -26.65
N ILE B 100 -10.25 26.85 -27.63
CA ILE B 100 -9.41 26.13 -28.58
C ILE B 100 -8.06 25.96 -27.89
N ILE B 101 -7.62 24.73 -27.70
CA ILE B 101 -6.37 24.45 -27.00
C ILE B 101 -5.29 24.15 -28.04
N VAL B 102 -4.22 24.96 -28.05
CA VAL B 102 -3.14 24.82 -29.02
C VAL B 102 -1.82 24.52 -28.31
N TYR B 103 -1.15 23.44 -28.72
CA TYR B 103 0.18 23.06 -28.24
C TYR B 103 1.12 23.02 -29.44
N GLN B 104 2.25 23.73 -29.35
CA GLN B 104 3.20 23.82 -30.45
C GLN B 104 4.60 23.36 -30.01
N ASP B 105 5.26 22.57 -30.86
CA ASP B 105 6.65 22.17 -30.64
C ASP B 105 7.53 23.35 -30.94
N VAL B 106 8.36 23.77 -29.97
CA VAL B 106 9.28 24.90 -30.15
C VAL B 106 10.28 24.56 -31.26
N ARG B 107 10.88 25.59 -31.87
CA ARG B 107 11.88 25.46 -32.95
C ARG B 107 12.95 24.42 -32.59
N GLY B 108 13.16 23.47 -33.51
CA GLY B 108 14.18 22.43 -33.38
C GLY B 108 13.82 21.21 -32.53
N LYS B 109 12.56 21.12 -32.05
CA LYS B 109 12.16 19.98 -31.22
C LYS B 109 11.05 19.15 -31.83
N TYR B 110 11.17 17.81 -31.68
CA TYR B 110 10.21 16.78 -32.11
C TYR B 110 9.71 16.99 -33.55
N GLY B 111 8.46 17.41 -33.71
CA GLY B 111 7.82 17.59 -35.01
C GLY B 111 8.18 18.85 -35.77
N SER B 112 8.82 19.82 -35.08
CA SER B 112 9.19 21.10 -35.69
C SER B 112 10.56 21.07 -36.36
N GLU B 113 10.72 21.90 -37.41
CA GLU B 113 11.98 22.05 -38.15
C GLU B 113 12.92 23.01 -37.40
N GLY B 114 14.07 23.30 -38.01
CA GLY B 114 15.05 24.24 -37.49
C GLY B 114 15.98 23.68 -36.43
N GLY B 115 16.87 24.55 -35.93
CA GLY B 115 17.84 24.22 -34.90
C GLY B 115 17.31 24.44 -33.51
N TYR B 116 17.87 23.74 -32.52
CA TYR B 116 17.40 23.89 -31.15
C TYR B 116 18.46 24.54 -30.26
N MET B 117 18.08 25.68 -29.66
CA MET B 117 18.91 26.39 -28.70
C MET B 117 18.16 26.37 -27.38
N MET B 118 18.79 25.78 -26.33
CA MET B 118 18.21 25.67 -24.97
C MET B 118 17.77 27.06 -24.49
N ASN B 119 16.45 27.23 -24.25
CA ASN B 119 15.83 28.50 -23.82
C ASN B 119 16.33 29.65 -24.69
N LYS B 120 16.19 29.51 -26.02
CA LYS B 120 16.68 30.46 -27.03
C LYS B 120 16.40 31.91 -26.61
N PRO B 121 17.46 32.72 -26.36
CA PRO B 121 17.23 34.10 -25.92
C PRO B 121 16.80 34.99 -27.08
N LEU B 122 16.39 36.24 -26.77
CA LEU B 122 15.99 37.22 -27.79
C LEU B 122 17.14 37.52 -28.74
N THR B 123 16.82 37.92 -30.00
CA THR B 123 17.84 38.29 -30.99
C THR B 123 18.75 39.36 -30.40
N GLY B 124 20.06 39.12 -30.49
CA GLY B 124 21.08 40.01 -29.94
C GLY B 124 22.45 39.35 -29.91
N PRO B 125 23.31 39.69 -28.92
CA PRO B 125 24.66 39.10 -28.90
C PRO B 125 24.67 37.59 -28.61
N LEU B 126 23.58 37.05 -28.02
CA LEU B 126 23.47 35.63 -27.71
C LEU B 126 22.57 34.89 -28.73
N ASN B 127 22.02 35.62 -29.73
CA ASN B 127 21.16 35.05 -30.76
C ASN B 127 21.27 35.86 -32.07
N THR B 128 22.02 35.31 -33.06
CA THR B 128 22.24 35.95 -34.36
C THR B 128 21.56 35.14 -35.50
N THR B 129 20.59 34.28 -35.15
CA THR B 129 19.87 33.44 -36.13
C THR B 129 18.88 34.25 -36.96
N GLY B 130 18.37 35.33 -36.40
CA GLY B 130 17.38 36.19 -37.05
C GLY B 130 15.99 36.05 -36.44
N THR B 131 15.74 34.94 -35.74
CA THR B 131 14.45 34.67 -35.07
C THR B 131 14.67 34.26 -33.61
N ASP B 132 13.61 34.37 -32.80
CA ASP B 132 13.60 33.96 -31.39
C ASP B 132 12.19 33.45 -31.05
N HIS B 133 11.92 33.16 -29.76
CA HIS B 133 10.59 32.67 -29.35
C HIS B 133 9.50 33.72 -29.56
N SER B 134 9.83 35.02 -29.39
CA SER B 134 8.84 36.09 -29.55
C SER B 134 8.41 36.27 -31.01
N THR B 135 9.34 36.15 -31.98
CA THR B 135 9.00 36.28 -33.40
C THR B 135 8.22 35.05 -33.86
N ASP B 136 8.65 33.85 -33.40
CA ASP B 136 8.00 32.59 -33.72
C ASP B 136 6.58 32.56 -33.18
N THR B 137 6.35 33.18 -32.00
CA THR B 137 5.03 33.30 -31.38
C THR B 137 4.16 34.24 -32.22
N TYR B 138 4.68 35.44 -32.58
CA TYR B 138 3.95 36.43 -33.39
C TYR B 138 3.46 35.80 -34.72
N ASP B 139 4.34 35.05 -35.41
CA ASP B 139 4.02 34.37 -36.67
C ASP B 139 3.01 33.24 -36.47
N THR B 140 3.04 32.57 -35.29
CA THR B 140 2.12 31.49 -34.93
C THR B 140 0.73 32.07 -34.64
N ILE B 141 0.65 33.10 -33.77
CA ILE B 141 -0.62 33.76 -33.39
C ILE B 141 -1.28 34.40 -34.62
N ASP B 142 -0.48 34.97 -35.54
CA ASP B 142 -1.00 35.58 -36.77
C ASP B 142 -1.70 34.55 -37.64
N TRP B 143 -1.09 33.35 -37.80
CA TRP B 143 -1.65 32.26 -38.60
C TRP B 143 -2.93 31.70 -37.94
N LEU B 144 -2.90 31.47 -36.60
CA LEU B 144 -4.01 30.90 -35.85
C LEU B 144 -5.30 31.77 -35.94
N VAL B 145 -5.17 33.10 -35.78
CA VAL B 145 -6.34 33.99 -35.83
C VAL B 145 -6.86 34.18 -37.26
N LYS B 146 -6.03 33.89 -38.28
CA LYS B 146 -6.40 34.05 -39.69
C LYS B 146 -6.93 32.75 -40.32
N ASN B 147 -6.53 31.57 -39.79
CA ASN B 147 -6.89 30.29 -40.42
C ASN B 147 -7.85 29.41 -39.59
N ILE B 148 -8.20 29.82 -38.34
CA ILE B 148 -9.16 29.06 -37.53
C ILE B 148 -10.50 29.85 -37.48
N PRO B 149 -11.53 29.41 -38.25
CA PRO B 149 -12.80 30.16 -38.27
C PRO B 149 -13.61 30.07 -36.96
N GLU B 150 -13.34 29.06 -36.11
CA GLU B 150 -14.06 28.87 -34.84
C GLU B 150 -13.58 29.83 -33.74
N SER B 151 -12.43 30.50 -33.95
CA SER B 151 -11.86 31.41 -32.95
C SER B 151 -12.54 32.80 -32.95
N ASN B 152 -12.44 33.52 -31.83
CA ASN B 152 -12.98 34.87 -31.67
C ASN B 152 -11.91 35.93 -32.01
N GLY B 153 -10.71 35.46 -32.36
CA GLY B 153 -9.58 36.31 -32.71
C GLY B 153 -8.75 36.73 -31.51
N ARG B 154 -9.00 36.13 -30.34
CA ARG B 154 -8.28 36.42 -29.10
C ARG B 154 -7.48 35.21 -28.65
N VAL B 155 -6.21 35.43 -28.26
CA VAL B 155 -5.29 34.37 -27.84
C VAL B 155 -4.71 34.67 -26.45
N ALA B 156 -4.52 33.62 -25.64
CA ALA B 156 -3.87 33.68 -24.33
C ALA B 156 -2.78 32.61 -24.28
N ALA B 157 -1.66 32.91 -23.61
CA ALA B 157 -0.57 31.96 -23.48
C ALA B 157 -0.44 31.49 -22.04
N ILE B 158 -0.46 30.16 -21.82
CA ILE B 158 -0.34 29.59 -20.47
C ILE B 158 0.70 28.46 -20.50
N GLY B 159 1.34 28.22 -19.37
CA GLY B 159 2.36 27.18 -19.27
C GLY B 159 3.23 27.28 -18.04
N GLY B 160 3.85 26.16 -17.68
CA GLY B 160 4.73 26.05 -16.53
C GLY B 160 6.15 25.65 -16.87
N SER B 161 7.13 26.12 -16.06
CA SER B 161 8.58 25.85 -16.19
C SER B 161 9.10 26.35 -17.56
N TYR B 162 9.53 25.43 -18.47
CA TYR B 162 9.96 25.80 -19.82
C TYR B 162 8.79 26.40 -20.59
N GLU B 163 7.57 25.84 -20.40
CA GLU B 163 6.34 26.34 -21.03
C GLU B 163 5.96 27.71 -20.42
N GLY B 164 6.47 28.01 -19.22
CA GLY B 164 6.30 29.28 -18.57
C GLY B 164 7.25 30.31 -19.15
N TYR B 165 8.49 29.86 -19.49
CA TYR B 165 9.52 30.66 -20.14
C TYR B 165 9.03 31.12 -21.52
N THR B 166 8.40 30.19 -22.29
CA THR B 166 7.85 30.49 -23.62
C THR B 166 6.66 31.45 -23.50
N THR B 167 5.86 31.32 -22.41
CA THR B 167 4.71 32.17 -22.10
C THR B 167 5.20 33.63 -21.87
N LEU B 168 6.32 33.80 -21.14
CA LEU B 168 6.90 35.13 -20.89
C LEU B 168 7.44 35.74 -22.18
N MET B 169 7.98 34.89 -23.10
CA MET B 169 8.51 35.34 -24.38
C MET B 169 7.40 35.86 -25.31
N CYS B 170 6.14 35.41 -25.10
CA CYS B 170 4.96 35.86 -25.86
C CYS B 170 4.70 37.36 -25.65
N THR B 171 5.11 37.90 -24.47
CA THR B 171 4.88 39.30 -24.09
C THR B 171 5.90 40.28 -24.72
N ILE B 172 6.99 39.77 -25.34
CA ILE B 172 7.98 40.62 -26.00
C ILE B 172 7.49 40.92 -27.41
N ASN B 173 7.33 42.23 -27.76
CA ASN B 173 6.75 42.69 -29.04
C ASN B 173 5.53 41.82 -29.36
N PRO B 174 4.49 41.87 -28.50
CA PRO B 174 3.39 40.91 -28.63
C PRO B 174 2.46 41.19 -29.80
N HIS B 175 1.80 40.12 -30.27
CA HIS B 175 0.79 40.19 -31.31
C HIS B 175 -0.45 40.88 -30.72
N PRO B 176 -1.14 41.79 -31.46
CA PRO B 176 -2.31 42.47 -30.90
C PRO B 176 -3.43 41.52 -30.41
N ALA B 177 -3.49 40.29 -30.96
CA ALA B 177 -4.48 39.28 -30.59
C ALA B 177 -4.19 38.64 -29.22
N LEU B 178 -2.96 38.81 -28.67
CA LEU B 178 -2.60 38.30 -27.35
C LEU B 178 -3.24 39.20 -26.28
N LYS B 179 -4.12 38.62 -25.44
CA LYS B 179 -4.91 39.38 -24.46
C LYS B 179 -4.49 39.13 -23.00
N ALA B 180 -3.85 37.98 -22.70
CA ALA B 180 -3.41 37.65 -21.33
C ALA B 180 -2.37 36.52 -21.33
N VAL B 181 -1.63 36.39 -20.22
CA VAL B 181 -0.63 35.32 -20.03
C VAL B 181 -0.72 34.77 -18.61
N VAL B 182 -0.49 33.45 -18.45
CA VAL B 182 -0.47 32.79 -17.15
C VAL B 182 0.84 31.95 -17.04
N PRO B 183 1.98 32.59 -16.68
CA PRO B 183 3.23 31.82 -16.55
C PRO B 183 3.37 31.16 -15.17
N PHE B 184 3.30 29.81 -15.14
CA PHE B 184 3.47 29.02 -13.91
C PHE B 184 4.93 28.67 -13.72
N ALA B 185 5.44 28.74 -12.47
CA ALA B 185 6.79 28.29 -12.09
C ALA B 185 7.81 28.40 -13.25
N SER B 186 7.90 29.58 -13.85
CA SER B 186 8.72 29.85 -15.03
C SER B 186 10.22 29.74 -14.80
N MET B 187 10.95 29.41 -15.88
CA MET B 187 12.40 29.43 -15.91
C MET B 187 12.81 30.88 -16.11
N VAL B 188 13.35 31.52 -15.05
CA VAL B 188 13.68 32.96 -15.10
C VAL B 188 15.20 33.15 -15.04
N ASP B 189 15.87 32.59 -14.03
CA ASP B 189 17.33 32.71 -13.92
C ASP B 189 17.95 31.37 -13.51
N GLY B 190 18.50 30.68 -14.50
CA GLY B 190 19.10 29.36 -14.33
C GLY B 190 20.35 29.29 -13.46
N TRP B 191 21.03 30.44 -13.25
CA TRP B 191 22.25 30.48 -12.44
C TRP B 191 21.96 30.93 -11.01
N MET B 192 21.15 31.99 -10.84
CA MET B 192 20.87 32.56 -9.52
C MET B 192 20.13 31.60 -8.59
N GLY B 193 19.05 30.98 -9.06
CA GLY B 193 18.30 30.06 -8.21
C GLY B 193 17.22 29.23 -8.86
N ASP B 194 17.30 28.99 -10.17
CA ASP B 194 16.30 28.14 -10.81
C ASP B 194 16.84 26.71 -11.09
N ASP B 195 16.92 26.27 -12.35
CA ASP B 195 17.22 24.89 -12.71
C ASP B 195 18.69 24.44 -12.70
N TRP B 196 19.61 25.23 -13.28
CA TRP B 196 20.99 24.78 -13.48
C TRP B 196 21.90 25.02 -12.28
N PHE B 197 21.80 26.19 -11.65
CA PHE B 197 22.59 26.54 -10.48
C PHE B 197 21.74 27.29 -9.46
N HIS B 198 22.15 27.23 -8.19
CA HIS B 198 21.61 28.01 -7.09
C HIS B 198 22.77 28.78 -6.48
N MET B 199 22.89 30.08 -6.85
N MET B 199 22.88 30.08 -6.84
CA MET B 199 23.97 30.98 -6.40
CA MET B 199 23.94 31.00 -6.41
C MET B 199 25.37 30.38 -6.70
C MET B 199 25.36 30.41 -6.70
N GLY B 200 25.51 29.83 -7.89
CA GLY B 200 26.77 29.24 -8.34
C GLY B 200 26.95 27.75 -8.11
N ALA B 201 26.18 27.18 -7.17
CA ALA B 201 26.24 25.75 -6.86
C ALA B 201 25.53 24.98 -7.97
N PHE B 202 26.30 24.15 -8.72
CA PHE B 202 25.79 23.44 -9.89
C PHE B 202 24.89 22.25 -9.56
N ARG B 203 23.66 22.26 -10.12
CA ARG B 203 22.69 21.17 -9.99
C ARG B 203 22.97 20.14 -11.08
N GLN B 204 24.08 19.37 -10.90
CA GLN B 204 24.56 18.37 -11.86
C GLN B 204 23.49 17.32 -12.22
N GLU B 205 22.75 16.82 -11.21
CA GLU B 205 21.71 15.80 -11.37
C GLU B 205 20.51 16.34 -12.17
N ALA B 206 20.15 17.61 -11.99
CA ALA B 206 19.03 18.22 -12.70
C ALA B 206 19.42 18.71 -14.10
N SER B 207 20.73 18.91 -14.35
CA SER B 207 21.21 19.47 -15.61
C SER B 207 21.70 18.44 -16.64
N LEU B 208 22.61 17.52 -16.24
CA LEU B 208 23.25 16.58 -17.17
C LEU B 208 22.25 15.61 -17.85
N PRO B 209 21.42 14.79 -17.14
CA PRO B 209 20.50 13.89 -17.85
C PRO B 209 19.48 14.64 -18.71
N TYR B 210 19.00 15.81 -18.22
CA TYR B 210 18.04 16.66 -18.95
C TYR B 210 18.65 17.19 -20.27
N ALA B 211 19.89 17.73 -20.23
CA ALA B 211 20.58 18.24 -21.43
C ALA B 211 20.87 17.10 -22.42
N TYR B 212 21.16 15.89 -21.89
CA TYR B 212 21.41 14.70 -22.71
C TYR B 212 20.13 14.28 -23.46
N ASN B 213 19.01 14.11 -22.73
CA ASN B 213 17.73 13.65 -23.29
C ASN B 213 17.15 14.65 -24.29
N GLN B 214 17.09 15.94 -23.92
CA GLN B 214 16.50 16.98 -24.75
C GLN B 214 17.38 17.41 -25.93
N GLU B 215 18.71 17.16 -25.89
CA GLU B 215 19.59 17.67 -26.95
C GLU B 215 20.42 16.61 -27.71
N ALA B 216 20.37 15.32 -27.33
CA ALA B 216 21.12 14.31 -28.11
C ALA B 216 20.50 14.16 -29.48
N THR B 217 19.14 14.21 -29.55
CA THR B 217 18.37 14.10 -30.79
C THR B 217 17.21 15.13 -30.80
N ARG B 218 16.58 15.31 -31.96
CA ARG B 218 15.44 16.21 -32.14
C ARG B 218 14.18 15.66 -31.43
N LYS B 219 13.96 14.33 -31.49
CA LYS B 219 12.75 13.67 -30.98
C LYS B 219 13.01 12.77 -29.74
N ASN B 220 14.09 13.05 -28.95
CA ASN B 220 14.45 12.28 -27.74
C ASN B 220 14.52 10.76 -28.01
N GLU B 221 15.23 10.38 -29.09
CA GLU B 221 15.37 8.98 -29.49
C GLU B 221 16.54 8.33 -28.76
N ILE B 222 17.48 9.15 -28.25
CA ILE B 222 18.63 8.69 -27.46
C ILE B 222 18.45 9.22 -26.03
N LYS B 223 18.28 8.31 -25.06
CA LYS B 223 18.05 8.69 -23.68
C LYS B 223 19.20 8.29 -22.75
N TRP B 224 19.34 9.04 -21.62
CA TRP B 224 20.37 8.86 -20.60
C TRP B 224 20.37 7.42 -20.05
N TRP B 225 21.54 6.76 -20.12
CA TRP B 225 21.71 5.39 -19.62
C TRP B 225 22.28 5.41 -18.19
N SER B 226 22.05 4.31 -17.43
CA SER B 226 22.51 4.22 -16.05
C SER B 226 23.31 2.93 -15.82
N GLY B 227 24.25 3.00 -14.87
CA GLY B 227 25.05 1.86 -14.45
C GLY B 227 24.96 1.64 -12.96
N SER B 228 24.10 2.43 -12.28
CA SER B 228 23.90 2.37 -10.83
C SER B 228 22.51 2.91 -10.46
N TYR B 229 21.79 2.20 -9.56
CA TYR B 229 20.47 2.64 -9.09
C TYR B 229 20.60 3.87 -8.17
N ASP B 230 21.55 3.82 -7.21
CA ASP B 230 21.82 4.92 -6.28
C ASP B 230 22.73 5.96 -6.97
N THR B 231 22.18 7.16 -7.24
CA THR B 231 22.88 8.24 -7.94
C THR B 231 23.96 8.88 -7.05
N TYR B 232 23.82 8.79 -5.71
CA TYR B 232 24.81 9.32 -4.77
C TYR B 232 26.16 8.64 -5.02
N ASP B 233 26.16 7.29 -5.12
CA ASP B 233 27.35 6.50 -5.39
C ASP B 233 27.90 6.81 -6.79
N ALA B 234 27.00 6.91 -7.79
CA ALA B 234 27.36 7.17 -9.19
C ALA B 234 28.05 8.52 -9.38
N TYR B 235 27.47 9.63 -8.84
CA TYR B 235 28.05 10.97 -8.99
C TYR B 235 29.33 11.15 -8.15
N LEU B 236 29.45 10.43 -7.01
CA LEU B 236 30.65 10.49 -6.16
C LEU B 236 31.82 9.73 -6.82
N ARG B 237 31.53 8.61 -7.50
CA ARG B 237 32.54 7.81 -8.21
C ARG B 237 33.07 8.54 -9.42
N ALA B 238 32.23 9.43 -10.02
CA ALA B 238 32.62 10.27 -11.16
C ALA B 238 33.65 11.32 -10.73
N GLY B 239 33.56 11.78 -9.48
CA GLY B 239 34.46 12.77 -8.92
C GLY B 239 33.93 14.18 -9.11
N ASN B 240 33.78 14.60 -10.37
CA ASN B 240 33.25 15.91 -10.71
C ASN B 240 32.13 15.77 -11.77
N ALA B 241 31.39 16.86 -12.04
CA ALA B 241 30.30 16.86 -13.03
C ALA B 241 30.83 16.69 -14.47
N GLY B 242 32.03 17.21 -14.72
CA GLY B 242 32.68 17.12 -16.02
C GLY B 242 32.98 15.70 -16.45
N ALA B 243 33.43 14.85 -15.49
CA ALA B 243 33.72 13.43 -15.72
C ALA B 243 32.44 12.65 -15.96
N MET B 244 31.31 13.07 -15.34
CA MET B 244 30.00 12.46 -15.53
C MET B 244 29.51 12.74 -16.95
N ALA B 245 29.64 14.01 -17.41
CA ALA B 245 29.27 14.41 -18.77
C ALA B 245 30.15 13.71 -19.81
N ALA B 246 31.47 13.59 -19.53
CA ALA B 246 32.43 12.90 -20.40
C ALA B 246 32.19 11.40 -20.43
N SER B 247 31.58 10.81 -19.37
CA SER B 247 31.26 9.37 -19.33
C SER B 247 30.07 9.03 -20.24
N ARG B 248 29.23 10.04 -20.59
CA ARG B 248 28.09 9.85 -21.49
C ARG B 248 28.37 10.46 -22.88
N GLY B 249 29.61 10.93 -23.09
CA GLY B 249 30.05 11.55 -24.34
C GLY B 249 29.24 12.77 -24.70
N MET B 250 29.19 13.75 -23.79
CA MET B 250 28.36 14.95 -23.98
C MET B 250 29.14 16.15 -24.56
N GLU B 251 30.40 15.92 -25.01
CA GLU B 251 31.28 16.95 -25.59
C GLU B 251 30.59 17.75 -26.72
N SER B 252 29.78 17.08 -27.57
CA SER B 252 29.08 17.69 -28.70
C SER B 252 27.72 18.33 -28.32
N ILE B 253 27.22 18.09 -27.07
CA ILE B 253 25.95 18.67 -26.60
C ILE B 253 26.16 20.16 -26.30
N GLY B 254 25.46 21.01 -27.05
CA GLY B 254 25.55 22.47 -26.95
C GLY B 254 25.33 23.07 -25.58
N PHE B 255 24.30 22.61 -24.84
CA PHE B 255 24.03 23.17 -23.52
C PHE B 255 25.09 22.76 -22.49
N TRP B 256 25.71 21.57 -22.64
CA TRP B 256 26.79 21.18 -21.73
C TRP B 256 28.02 22.05 -22.00
N LYS B 257 28.27 22.37 -23.30
CA LYS B 257 29.37 23.26 -23.71
C LYS B 257 29.18 24.64 -23.07
N LYS B 258 27.93 25.14 -23.05
CA LYS B 258 27.57 26.43 -22.45
C LYS B 258 27.73 26.41 -20.93
N LEU B 259 27.26 25.32 -20.27
CA LEU B 259 27.36 25.15 -18.81
C LEU B 259 28.83 25.09 -18.35
N ALA B 260 29.67 24.35 -19.11
CA ALA B 260 31.10 24.18 -18.78
C ALA B 260 31.93 25.45 -19.02
N ALA B 261 31.57 26.24 -20.06
CA ALA B 261 32.28 27.48 -20.40
C ALA B 261 31.87 28.65 -19.51
N HIS B 262 30.65 28.60 -18.92
CA HIS B 262 30.15 29.70 -18.08
C HIS B 262 29.71 29.21 -16.68
N PRO B 263 30.65 28.79 -15.78
CA PRO B 263 30.22 28.35 -14.44
C PRO B 263 29.86 29.53 -13.52
N SER B 264 30.40 30.73 -13.81
CA SER B 264 30.13 31.95 -13.02
C SER B 264 28.98 32.76 -13.65
N TYR B 265 28.44 33.74 -12.92
CA TYR B 265 27.35 34.60 -13.39
C TYR B 265 27.91 35.71 -14.29
N ASP B 266 28.46 35.32 -15.47
CA ASP B 266 29.05 36.27 -16.43
C ASP B 266 27.97 36.85 -17.37
N SER B 267 28.40 37.54 -18.45
CA SER B 267 27.51 38.19 -19.43
C SER B 267 26.48 37.22 -20.05
N PHE B 268 26.86 35.92 -20.22
CA PHE B 268 25.99 34.89 -20.77
C PHE B 268 24.72 34.70 -19.92
N TRP B 269 24.88 34.61 -18.58
CA TRP B 269 23.75 34.40 -17.68
C TRP B 269 23.03 35.72 -17.35
N GLN B 270 23.78 36.83 -17.24
CA GLN B 270 23.21 38.15 -16.91
C GLN B 270 22.21 38.63 -17.99
N GLN B 271 22.57 38.50 -19.29
CA GLN B 271 21.73 38.91 -20.42
C GLN B 271 20.49 38.01 -20.58
N GLN B 272 20.52 36.80 -20.02
CA GLN B 272 19.42 35.83 -20.15
C GLN B 272 18.42 35.86 -18.98
N ALA B 273 18.79 36.50 -17.83
CA ALA B 273 17.91 36.62 -16.67
C ALA B 273 16.60 37.28 -17.11
N MET B 274 15.50 36.52 -17.08
CA MET B 274 14.19 36.95 -17.57
C MET B 274 13.61 38.13 -16.82
N ASP B 275 13.85 38.24 -15.49
CA ASP B 275 13.35 39.36 -14.69
C ASP B 275 14.03 40.67 -15.12
N LYS B 276 15.35 40.63 -15.38
CA LYS B 276 16.11 41.80 -15.82
C LYS B 276 15.79 42.17 -17.26
N MET B 277 15.51 41.15 -18.11
CA MET B 277 15.16 41.36 -19.52
C MET B 277 13.76 41.99 -19.65
N LEU B 278 12.76 41.44 -18.92
CA LEU B 278 11.37 41.94 -18.96
C LEU B 278 11.22 43.32 -18.30
N ALA B 279 12.15 43.69 -17.39
CA ALA B 279 12.14 45.00 -16.73
C ALA B 279 12.51 46.11 -17.70
N GLN B 280 13.39 45.81 -18.67
CA GLN B 280 13.88 46.75 -19.69
C GLN B 280 12.94 46.81 -20.92
N HIS B 281 11.84 46.04 -20.89
CA HIS B 281 10.86 45.98 -21.97
C HIS B 281 9.49 46.56 -21.54
N PRO B 282 8.63 47.04 -22.48
CA PRO B 282 7.31 47.56 -22.05
C PRO B 282 6.40 46.47 -21.49
N LEU B 283 5.65 46.80 -20.46
CA LEU B 283 4.72 45.90 -19.80
C LEU B 283 3.29 46.28 -20.20
N THR B 284 2.71 45.53 -21.15
CA THR B 284 1.38 45.85 -21.69
C THR B 284 0.39 44.69 -21.55
N VAL B 285 0.90 43.43 -21.56
CA VAL B 285 0.06 42.23 -21.50
C VAL B 285 -0.28 41.85 -20.03
N PRO B 286 -1.59 41.69 -19.69
CA PRO B 286 -1.96 41.25 -18.33
C PRO B 286 -1.29 39.92 -17.97
N MET B 287 -0.62 39.88 -16.81
CA MET B 287 0.16 38.72 -16.38
C MET B 287 -0.32 38.19 -15.02
N LEU B 288 -0.59 36.88 -14.95
CA LEU B 288 -0.96 36.18 -13.72
C LEU B 288 0.19 35.23 -13.35
N ILE B 289 1.16 35.73 -12.58
CA ILE B 289 2.34 34.96 -12.19
C ILE B 289 1.96 33.96 -11.10
N VAL B 290 2.20 32.67 -11.35
CA VAL B 290 1.81 31.59 -10.43
C VAL B 290 3.05 30.86 -9.89
N GLY B 291 3.34 31.08 -8.62
CA GLY B 291 4.48 30.46 -7.94
C GLY B 291 4.07 29.47 -6.88
N GLY B 292 4.99 28.56 -6.56
CA GLY B 292 4.80 27.51 -5.56
C GLY B 292 5.81 27.64 -4.44
N LEU B 293 5.34 27.49 -3.19
CA LEU B 293 6.19 27.61 -1.99
C LEU B 293 7.24 26.50 -1.90
N PHE B 294 6.97 25.32 -2.47
CA PHE B 294 7.89 24.19 -2.38
C PHE B 294 8.31 23.71 -3.77
N ASP B 295 8.52 24.65 -4.70
CA ASP B 295 8.95 24.36 -6.07
C ASP B 295 10.40 23.85 -6.06
N GLN B 296 10.58 22.54 -6.29
CA GLN B 296 11.89 21.89 -6.27
C GLN B 296 12.71 22.17 -7.57
N GLU B 297 12.15 22.99 -8.52
CA GLU B 297 12.82 23.26 -9.79
C GLU B 297 13.03 24.76 -10.06
N ASP B 298 11.98 25.59 -9.86
CA ASP B 298 12.05 27.03 -10.14
C ASP B 298 11.44 27.88 -9.00
N ILE B 299 12.07 27.81 -7.82
CA ILE B 299 11.61 28.50 -6.60
C ILE B 299 12.01 30.01 -6.59
N TYR B 300 12.94 30.41 -7.46
CA TYR B 300 13.45 31.78 -7.52
C TYR B 300 12.62 32.65 -8.49
N GLY B 301 12.34 32.10 -9.66
CA GLY B 301 11.68 32.77 -10.78
C GLY B 301 10.45 33.63 -10.52
N SER B 302 9.33 33.02 -10.12
CA SER B 302 8.04 33.70 -9.92
C SER B 302 8.09 34.89 -8.91
N PRO B 303 8.59 34.76 -7.65
CA PRO B 303 8.64 35.94 -6.76
C PRO B 303 9.55 37.05 -7.30
N LYS B 304 10.62 36.69 -8.05
CA LYS B 304 11.56 37.65 -8.63
C LYS B 304 10.89 38.43 -9.78
N LEU B 305 10.02 37.75 -10.58
CA LEU B 305 9.28 38.38 -11.67
C LEU B 305 8.35 39.46 -11.16
N TYR B 306 7.59 39.15 -10.10
CA TYR B 306 6.66 40.08 -9.49
C TYR B 306 7.42 41.30 -8.89
N LYS B 307 8.58 41.05 -8.25
CA LYS B 307 9.39 42.09 -7.61
C LYS B 307 9.84 43.17 -8.60
N VAL B 308 10.17 42.77 -9.85
CA VAL B 308 10.64 43.71 -10.87
C VAL B 308 9.49 44.28 -11.73
N LEU B 309 8.39 43.51 -11.94
CA LEU B 309 7.29 43.95 -12.80
C LEU B 309 6.18 44.74 -12.07
N ALA B 310 6.06 44.57 -10.72
CA ALA B 310 5.06 45.30 -9.93
C ALA B 310 5.31 46.85 -9.97
N PRO B 311 6.56 47.38 -9.83
CA PRO B 311 6.74 48.85 -9.90
C PRO B 311 6.42 49.43 -11.29
N LYS B 312 6.51 48.59 -12.34
CA LYS B 312 6.20 48.97 -13.73
C LYS B 312 4.68 49.11 -13.93
N ASP B 313 3.89 48.50 -13.02
CA ASP B 313 2.43 48.58 -13.01
C ASP B 313 1.98 49.08 -11.61
N PRO B 314 2.12 50.41 -11.32
CA PRO B 314 1.80 50.89 -9.97
C PRO B 314 0.31 50.86 -9.63
N GLU B 315 -0.55 50.98 -10.66
CA GLU B 315 -2.01 51.01 -10.48
C GLU B 315 -2.60 49.61 -10.19
N GLY B 316 -1.79 48.55 -10.36
CA GLY B 316 -2.21 47.17 -10.15
C GLY B 316 -3.22 46.69 -11.18
N LYS B 317 -2.96 47.03 -12.46
CA LYS B 317 -3.85 46.74 -13.58
C LYS B 317 -3.43 45.51 -14.41
N LEU B 318 -2.14 45.14 -14.39
CA LEU B 318 -1.66 44.05 -15.24
C LEU B 318 -0.98 42.87 -14.49
N VAL B 319 -0.16 43.16 -13.46
CA VAL B 319 0.61 42.12 -12.75
C VAL B 319 -0.10 41.61 -11.48
N HIS B 320 -0.28 40.28 -11.40
CA HIS B 320 -0.83 39.57 -10.24
C HIS B 320 0.12 38.44 -9.87
N PHE B 321 0.36 38.24 -8.57
CA PHE B 321 1.24 37.17 -8.10
C PHE B 321 0.48 36.23 -7.18
N VAL B 322 0.54 34.92 -7.48
CA VAL B 322 -0.11 33.87 -6.70
C VAL B 322 0.97 32.94 -6.14
N LEU B 323 1.01 32.77 -4.82
CA LEU B 323 1.98 31.90 -4.16
C LEU B 323 1.25 30.83 -3.35
N GLY B 324 1.04 29.66 -3.98
CA GLY B 324 0.32 28.53 -3.38
C GLY B 324 1.22 27.51 -2.69
N PRO B 325 0.64 26.54 -1.94
CA PRO B 325 1.47 25.54 -1.24
C PRO B 325 1.80 24.39 -2.19
N TRP B 326 2.52 24.72 -3.25
CA TRP B 326 2.72 23.78 -4.32
C TRP B 326 4.15 23.44 -4.58
N ASN B 327 4.38 22.20 -5.02
CA ASN B 327 5.68 21.81 -5.53
C ASN B 327 5.73 22.33 -7.00
N HIS B 328 6.71 21.88 -7.79
CA HIS B 328 6.88 22.37 -9.16
C HIS B 328 5.62 22.21 -10.08
N GLY B 329 4.95 21.06 -10.02
CA GLY B 329 3.81 20.80 -10.90
C GLY B 329 2.41 20.96 -10.34
N GLN B 330 2.30 21.20 -9.01
CA GLN B 330 1.01 21.23 -8.29
C GLN B 330 0.09 22.41 -8.64
N GLY B 331 0.65 23.53 -9.09
CA GLY B 331 -0.16 24.67 -9.53
C GLY B 331 -0.98 24.34 -10.76
N ARG B 332 -0.52 23.34 -11.55
CA ARG B 332 -1.13 22.91 -12.80
C ARG B 332 -1.94 21.58 -12.67
N ARG B 333 -2.12 21.07 -11.44
CA ARG B 333 -2.90 19.84 -11.20
C ARG B 333 -3.57 19.87 -9.81
N ASP B 334 -3.97 18.70 -9.27
CA ASP B 334 -4.56 18.60 -7.93
C ASP B 334 -3.48 18.82 -6.86
N ALA B 335 -3.82 19.52 -5.78
CA ALA B 335 -2.85 19.81 -4.72
C ALA B 335 -3.51 19.84 -3.33
N ARG B 336 -4.01 18.67 -2.89
CA ARG B 336 -4.65 18.51 -1.57
C ARG B 336 -3.60 18.31 -0.48
N SER B 337 -2.42 17.78 -0.87
CA SER B 337 -1.33 17.47 0.06
C SER B 337 0.04 17.50 -0.64
N LEU B 338 1.11 17.50 0.16
CA LEU B 338 2.50 17.39 -0.31
C LEU B 338 3.28 16.62 0.73
N GLY B 339 3.55 15.35 0.43
CA GLY B 339 4.19 14.43 1.36
C GLY B 339 3.36 14.27 2.61
N PRO B 340 3.88 14.66 3.79
CA PRO B 340 3.09 14.54 5.03
C PRO B 340 2.15 15.72 5.29
N LEU B 341 2.35 16.84 4.55
CA LEU B 341 1.53 18.05 4.75
C LEU B 341 0.19 17.91 4.08
N GLN B 342 -0.87 18.37 4.76
CA GLN B 342 -2.24 18.31 4.24
C GLN B 342 -2.84 19.71 4.21
N PHE B 343 -3.39 20.10 3.06
CA PHE B 343 -3.96 21.44 2.87
C PHE B 343 -5.49 21.37 2.86
N GLU B 344 -6.14 22.54 2.98
CA GLU B 344 -7.59 22.60 2.99
C GLU B 344 -8.16 22.46 1.57
N GLY B 345 -8.42 21.21 1.18
CA GLY B 345 -8.95 20.84 -0.12
C GLY B 345 -7.93 20.94 -1.24
N ASP B 346 -8.41 20.80 -2.49
CA ASP B 346 -7.56 20.91 -3.67
C ASP B 346 -7.29 22.39 -3.97
N THR B 347 -6.14 22.89 -3.46
CA THR B 347 -5.72 24.29 -3.62
C THR B 347 -5.40 24.61 -5.08
N GLY B 348 -4.85 23.63 -5.80
CA GLY B 348 -4.51 23.74 -7.22
C GLY B 348 -5.75 23.94 -8.07
N GLY B 349 -6.71 23.02 -7.91
CA GLY B 349 -8.00 23.06 -8.60
C GLY B 349 -8.82 24.27 -8.22
N TRP B 350 -8.70 24.74 -6.95
CA TRP B 350 -9.41 25.93 -6.46
C TRP B 350 -8.89 27.17 -7.18
N PHE B 351 -7.56 27.28 -7.34
CA PHE B 351 -6.91 28.41 -8.00
C PHE B 351 -7.36 28.54 -9.45
N ARG B 352 -7.28 27.43 -10.23
CA ARG B 352 -7.62 27.46 -11.66
C ARG B 352 -9.10 27.78 -11.90
N ARG B 353 -10.01 27.20 -11.10
CA ARG B 353 -11.46 27.42 -11.23
C ARG B 353 -11.89 28.85 -10.83
N ASN B 354 -11.43 29.31 -9.64
CA ASN B 354 -11.88 30.57 -9.05
C ASN B 354 -10.99 31.79 -9.36
N VAL B 355 -9.74 31.60 -9.81
CA VAL B 355 -8.87 32.76 -10.08
C VAL B 355 -8.45 32.80 -11.55
N MET B 356 -7.80 31.73 -12.06
CA MET B 356 -7.27 31.68 -13.43
C MET B 356 -8.37 31.73 -14.50
N GLN B 357 -9.43 30.91 -14.38
CA GLN B 357 -10.50 30.87 -15.39
C GLN B 357 -11.26 32.23 -15.47
N PRO B 358 -11.71 32.88 -14.34
CA PRO B 358 -12.36 34.19 -14.49
C PRO B 358 -11.40 35.29 -14.99
N PHE B 359 -10.07 35.13 -14.76
CA PHE B 359 -9.04 36.05 -15.27
C PHE B 359 -9.00 35.98 -16.80
N LEU B 360 -8.89 34.75 -17.34
CA LEU B 360 -8.85 34.49 -18.78
C LEU B 360 -10.18 34.84 -19.44
N ASP B 361 -11.32 34.52 -18.78
CA ASP B 361 -12.66 34.79 -19.33
C ASP B 361 -12.92 36.30 -19.51
N HIS B 362 -12.40 37.16 -18.59
CA HIS B 362 -12.58 38.61 -18.70
C HIS B 362 -11.84 39.18 -19.93
N TYR B 363 -10.56 38.81 -20.12
CA TYR B 363 -9.76 39.35 -21.21
C TYR B 363 -10.04 38.68 -22.57
N LEU B 364 -10.60 37.46 -22.58
CA LEU B 364 -10.83 36.73 -23.83
C LEU B 364 -12.31 36.65 -24.25
N LYS B 365 -13.25 36.83 -23.30
CA LYS B 365 -14.69 36.71 -23.62
C LYS B 365 -15.51 37.91 -23.11
N ASP B 366 -14.82 38.97 -22.59
CA ASP B 366 -15.43 40.19 -22.05
C ASP B 366 -16.39 39.87 -20.88
N ALA B 367 -16.03 38.87 -20.06
CA ALA B 367 -16.78 38.44 -18.88
C ALA B 367 -16.56 39.45 -17.74
N PRO B 368 -17.46 39.52 -16.71
CA PRO B 368 -17.24 40.49 -15.61
C PRO B 368 -15.90 40.30 -14.91
N LYS B 369 -15.13 41.40 -14.74
CA LYS B 369 -13.81 41.38 -14.13
C LYS B 369 -13.87 41.03 -12.65
N LEU B 370 -13.13 39.97 -12.26
CA LEU B 370 -13.02 39.53 -10.87
C LEU B 370 -11.96 40.39 -10.17
N ASP B 371 -12.26 40.83 -8.93
CA ASP B 371 -11.32 41.62 -8.15
C ASP B 371 -10.21 40.70 -7.60
N ILE B 372 -9.25 40.36 -8.47
CA ILE B 372 -8.12 39.52 -8.11
C ILE B 372 -7.13 40.39 -7.34
N PRO B 373 -6.68 39.99 -6.14
CA PRO B 373 -5.72 40.82 -5.39
C PRO B 373 -4.38 40.94 -6.10
N ARG B 374 -3.57 41.90 -5.67
CA ARG B 374 -2.23 42.10 -6.20
C ARG B 374 -1.38 40.85 -5.88
N VAL B 375 -1.47 40.36 -4.63
CA VAL B 375 -0.77 39.18 -4.15
C VAL B 375 -1.77 38.24 -3.50
N LEU B 376 -1.82 36.99 -3.99
CA LEU B 376 -2.67 35.94 -3.42
C LEU B 376 -1.74 34.88 -2.80
N SER B 377 -1.63 34.89 -1.47
CA SER B 377 -0.69 34.00 -0.78
C SER B 377 -1.39 32.98 0.09
N TYR B 378 -0.97 31.71 -0.03
CA TYR B 378 -1.48 30.65 0.82
C TYR B 378 -0.54 30.49 1.99
N GLU B 379 -1.06 30.58 3.21
CA GLU B 379 -0.26 30.46 4.42
C GLU B 379 -0.30 29.03 4.94
N THR B 380 0.86 28.35 5.00
CA THR B 380 0.98 26.99 5.54
C THR B 380 0.88 27.05 7.07
N GLY B 381 0.54 25.93 7.70
CA GLY B 381 0.32 25.86 9.13
C GLY B 381 -1.06 26.36 9.49
N ALA B 382 -1.38 27.61 9.06
CA ALA B 382 -2.68 28.23 9.24
C ALA B 382 -3.70 27.68 8.24
N ASN B 383 -3.22 27.31 7.01
CA ASN B 383 -4.01 26.77 5.90
C ASN B 383 -5.11 27.75 5.45
N ALA B 384 -4.69 28.94 4.99
CA ALA B 384 -5.63 29.98 4.54
C ALA B 384 -5.07 30.83 3.42
N TRP B 385 -5.92 31.19 2.45
CA TRP B 385 -5.56 32.07 1.33
C TRP B 385 -5.72 33.52 1.77
N HIS B 386 -4.70 34.35 1.56
CA HIS B 386 -4.74 35.75 1.97
C HIS B 386 -4.68 36.70 0.78
N ARG B 387 -5.38 37.83 0.90
CA ARG B 387 -5.34 38.92 -0.06
C ARG B 387 -4.30 39.93 0.43
N TYR B 388 -3.20 40.11 -0.31
CA TYR B 388 -2.14 41.04 0.09
C TYR B 388 -1.95 42.14 -0.98
N ASP B 389 -1.59 43.35 -0.54
CA ASP B 389 -1.39 44.51 -1.40
C ASP B 389 0.05 44.59 -1.93
N ASP B 390 0.98 43.79 -1.33
CA ASP B 390 2.38 43.70 -1.73
C ASP B 390 3.02 42.43 -1.14
N TRP B 391 4.22 42.05 -1.64
CA TRP B 391 4.94 40.89 -1.12
C TRP B 391 6.34 41.31 -0.62
N PRO B 392 6.62 41.20 0.70
CA PRO B 392 5.76 40.73 1.81
C PRO B 392 4.67 41.75 2.17
N PRO B 393 3.57 41.36 2.87
CA PRO B 393 2.54 42.35 3.23
C PRO B 393 3.07 43.43 4.18
N GLU B 394 2.60 44.67 4.00
CA GLU B 394 3.04 45.81 4.81
C GLU B 394 1.92 46.25 5.75
N HIS B 402 7.20 43.30 11.20
CA HIS B 402 8.50 43.86 11.59
C HIS B 402 9.65 42.92 11.20
N TYR B 403 10.74 43.49 10.64
CA TYR B 403 11.95 42.77 10.22
C TYR B 403 12.78 42.40 11.47
N CYS B 404 12.79 41.11 11.84
CA CYS B 404 13.47 40.64 13.05
C CYS B 404 14.68 39.78 12.75
N ASP B 405 15.66 39.80 13.67
CA ASP B 405 16.86 38.99 13.57
C ASP B 405 16.77 37.77 14.50
N LEU B 406 16.87 36.58 13.91
CA LEU B 406 16.81 35.31 14.63
C LEU B 406 18.23 34.78 14.76
N TYR B 407 18.91 35.14 15.86
CA TYR B 407 20.31 34.81 16.11
C TYR B 407 20.54 33.35 16.46
N VAL B 408 21.64 32.77 15.93
CA VAL B 408 22.08 31.44 16.33
C VAL B 408 22.81 31.63 17.66
N GLN B 409 22.48 30.82 18.65
CA GLN B 409 23.02 31.00 19.99
C GLN B 409 23.77 29.76 20.49
N GLU B 410 24.32 29.87 21.71
CA GLU B 410 25.04 28.82 22.41
C GLU B 410 24.12 27.63 22.73
N ASP B 411 24.71 26.42 22.91
CA ASP B 411 24.04 25.15 23.26
C ASP B 411 22.86 24.82 22.30
N GLY B 412 23.08 24.98 20.99
CA GLY B 412 22.09 24.70 19.95
C GLY B 412 20.79 25.48 20.05
N LYS B 413 20.85 26.72 20.58
CA LYS B 413 19.67 27.55 20.74
C LYS B 413 19.53 28.58 19.61
N LEU B 414 18.29 29.08 19.42
CA LEU B 414 17.93 30.06 18.39
C LEU B 414 16.95 31.06 19.01
N GLY B 415 17.29 32.35 18.96
CA GLY B 415 16.46 33.38 19.58
C GLY B 415 16.72 34.80 19.17
N PHE B 416 15.95 35.73 19.75
CA PHE B 416 16.01 37.16 19.45
C PHE B 416 17.05 37.91 20.30
N GLU B 417 17.72 37.21 21.24
CA GLU B 417 18.73 37.82 22.09
C GLU B 417 20.05 37.98 21.31
N MET B 418 20.52 39.23 21.20
CA MET B 418 21.77 39.56 20.51
C MET B 418 22.98 38.88 21.21
N PRO B 419 24.00 38.42 20.45
CA PRO B 419 25.13 37.76 21.11
C PRO B 419 26.09 38.73 21.81
N ALA B 420 26.82 38.22 22.81
CA ALA B 420 27.82 38.98 23.58
C ALA B 420 29.09 39.22 22.75
N ALA B 421 30.03 40.00 23.32
CA ALA B 421 31.28 40.38 22.65
C ALA B 421 32.30 39.23 22.56
N LYS B 422 32.41 38.40 23.62
CA LYS B 422 33.41 37.30 23.71
C LYS B 422 33.38 36.34 22.52
N GLN B 423 34.55 35.75 22.20
CA GLN B 423 34.73 34.80 21.11
C GLN B 423 33.80 33.59 21.28
N ALA B 424 32.89 33.40 20.32
CA ALA B 424 31.92 32.32 20.31
C ALA B 424 31.61 31.90 18.89
N PHE B 425 31.60 30.58 18.65
CA PHE B 425 31.30 29.97 17.35
C PHE B 425 30.94 28.51 17.52
N ASP B 426 30.30 27.93 16.50
CA ASP B 426 29.98 26.50 16.44
C ASP B 426 30.83 25.88 15.33
N GLU B 427 31.56 24.80 15.66
CA GLU B 427 32.54 24.17 14.77
C GLU B 427 32.12 22.79 14.26
N TYR B 428 32.47 22.48 13.00
CA TYR B 428 32.27 21.17 12.38
C TYR B 428 33.28 20.94 11.26
N VAL B 429 33.50 19.67 10.91
CA VAL B 429 34.42 19.32 9.83
C VAL B 429 33.60 18.81 8.65
N SER B 430 33.79 19.44 7.48
CA SER B 430 33.14 19.03 6.23
C SER B 430 34.11 18.20 5.41
N ASP B 431 33.76 16.94 5.14
CA ASP B 431 34.61 16.04 4.39
C ASP B 431 34.04 15.79 2.98
N PRO B 432 34.74 16.24 1.91
CA PRO B 432 34.22 16.00 0.54
C PRO B 432 34.17 14.52 0.15
N ALA B 433 34.97 13.66 0.82
CA ALA B 433 34.96 12.21 0.58
C ALA B 433 33.67 11.58 1.11
N LYS B 434 32.97 12.29 2.04
CA LYS B 434 31.70 11.87 2.65
C LYS B 434 30.67 13.03 2.56
N PRO B 435 30.19 13.41 1.34
CA PRO B 435 29.26 14.54 1.27
C PRO B 435 27.90 14.22 1.88
N VAL B 436 27.25 15.22 2.51
CA VAL B 436 25.95 15.04 3.14
C VAL B 436 24.89 14.75 2.05
N PRO B 437 24.19 13.58 2.11
CA PRO B 437 23.14 13.32 1.10
C PRO B 437 21.96 14.27 1.28
N TYR B 438 21.48 14.89 0.15
CA TYR B 438 20.38 15.88 0.18
C TYR B 438 19.06 15.22 0.60
N ARG B 439 18.98 13.89 0.43
CA ARG B 439 17.84 13.05 0.82
C ARG B 439 18.37 11.76 1.37
N GLN B 440 17.51 10.97 2.04
CA GLN B 440 17.89 9.65 2.50
C GLN B 440 18.13 8.73 1.30
N ARG B 441 19.19 7.92 1.36
CA ARG B 441 19.59 7.05 0.27
C ARG B 441 18.75 5.74 0.21
N PRO B 442 18.54 5.15 -0.99
CA PRO B 442 19.12 5.50 -2.31
C PRO B 442 18.50 6.75 -2.95
N THR B 443 19.35 7.65 -3.50
CA THR B 443 18.88 8.83 -4.25
C THR B 443 18.73 8.40 -5.70
N ILE B 444 17.58 8.72 -6.31
CA ILE B 444 17.29 8.29 -7.69
C ILE B 444 16.93 9.49 -8.57
N PRO B 445 16.97 9.34 -9.93
CA PRO B 445 16.61 10.48 -10.80
C PRO B 445 15.17 10.94 -10.64
N SER B 446 14.90 12.20 -11.04
CA SER B 446 13.59 12.84 -10.95
C SER B 446 12.54 12.21 -11.89
N TYR B 447 12.99 11.54 -12.97
CA TYR B 447 12.10 10.91 -13.95
C TYR B 447 11.77 9.47 -13.60
N ALA B 448 12.48 8.87 -12.60
CA ALA B 448 12.21 7.48 -12.16
C ALA B 448 10.73 7.32 -11.77
N ALA B 449 10.12 6.18 -12.11
CA ALA B 449 8.69 5.91 -11.85
C ALA B 449 8.31 6.04 -10.36
N GLU B 450 9.17 5.55 -9.47
CA GLU B 450 8.95 5.54 -8.01
C GLU B 450 9.53 6.81 -7.31
N SER B 451 10.08 7.76 -8.10
CA SER B 451 10.71 9.00 -7.59
C SER B 451 9.74 9.88 -6.77
N THR B 452 10.24 10.42 -5.64
CA THR B 452 9.49 11.33 -4.78
C THR B 452 10.17 12.73 -4.80
N TRP B 453 10.81 13.08 -5.95
CA TRP B 453 11.51 14.34 -6.20
C TRP B 453 10.60 15.55 -5.92
N GLY B 454 9.32 15.42 -6.28
CA GLY B 454 8.30 16.45 -6.08
C GLY B 454 7.98 16.81 -4.64
N GLU B 455 8.33 15.96 -3.68
CA GLU B 455 8.02 16.25 -2.27
C GLU B 455 9.28 16.43 -1.39
N TRP B 456 10.48 16.47 -2.00
CA TRP B 456 11.76 16.55 -1.26
C TRP B 456 11.95 17.86 -0.47
N LEU B 457 11.30 18.96 -0.87
CA LEU B 457 11.49 20.22 -0.16
C LEU B 457 10.79 20.25 1.21
N VAL B 458 9.88 19.29 1.47
CA VAL B 458 9.19 19.18 2.77
C VAL B 458 9.70 17.90 3.51
N ASP B 459 10.87 17.36 3.08
CA ASP B 459 11.52 16.18 3.68
C ASP B 459 11.84 16.39 5.16
N ASP B 460 11.75 15.32 5.95
CA ASP B 460 12.15 15.33 7.36
C ASP B 460 13.66 15.51 7.43
N GLN B 461 14.11 16.53 8.18
CA GLN B 461 15.53 16.86 8.25
C GLN B 461 16.20 16.30 9.51
N ARG B 462 15.57 15.28 10.13
CA ARG B 462 16.13 14.62 11.31
C ARG B 462 17.39 13.79 10.94
N HIS B 463 17.45 13.25 9.69
CA HIS B 463 18.60 12.42 9.26
C HIS B 463 19.92 13.22 9.21
N THR B 464 19.85 14.53 9.01
CA THR B 464 21.04 15.40 9.00
C THR B 464 21.26 16.03 10.38
N ALA B 465 20.20 16.13 11.20
CA ALA B 465 20.26 16.71 12.56
C ALA B 465 21.24 15.96 13.49
N SER B 466 21.33 14.62 13.36
CA SER B 466 22.22 13.82 14.22
C SER B 466 23.66 13.73 13.70
N ARG B 467 23.92 14.25 12.48
CA ARG B 467 25.25 14.21 11.85
C ARG B 467 26.20 15.23 12.47
N THR B 468 27.50 14.87 12.58
CA THR B 468 28.52 15.73 13.18
C THR B 468 29.04 16.77 12.16
N ASP B 469 28.77 16.57 10.86
CA ASP B 469 29.18 17.52 9.81
C ASP B 469 28.00 18.48 9.47
N VAL B 470 27.03 18.60 10.39
CA VAL B 470 25.85 19.48 10.24
C VAL B 470 25.66 20.27 11.54
N LEU B 471 25.41 21.58 11.45
CA LEU B 471 25.14 22.40 12.65
C LEU B 471 23.65 22.58 12.81
N VAL B 472 23.17 22.54 14.07
CA VAL B 472 21.75 22.60 14.39
C VAL B 472 21.50 23.61 15.54
N TRP B 473 20.52 24.52 15.35
CA TRP B 473 20.04 25.47 16.36
C TRP B 473 18.52 25.47 16.33
N ALA B 474 17.88 25.55 17.51
CA ALA B 474 16.41 25.56 17.56
C ALA B 474 15.89 26.35 18.75
N THR B 475 14.76 27.06 18.54
CA THR B 475 14.05 27.78 19.61
C THR B 475 13.41 26.76 20.55
N GLU B 476 12.93 27.20 21.72
CA GLU B 476 12.17 26.34 22.63
C GLU B 476 10.75 26.18 22.05
N PRO B 477 9.95 25.15 22.43
CA PRO B 477 8.58 25.05 21.88
C PRO B 477 7.83 26.37 22.02
N LEU B 478 7.18 26.83 20.94
CA LEU B 478 6.47 28.10 20.94
C LEU B 478 5.21 28.06 21.79
N LYS B 479 5.00 29.12 22.57
CA LYS B 479 3.84 29.25 23.46
C LYS B 479 2.65 29.79 22.69
N GLU B 480 2.90 30.66 21.70
CA GLU B 480 1.87 31.27 20.86
C GLU B 480 2.24 31.15 19.37
N PRO B 481 1.27 31.33 18.43
CA PRO B 481 1.62 31.20 17.00
C PRO B 481 2.53 32.33 16.49
N LEU B 482 3.49 31.99 15.63
CA LEU B 482 4.44 32.94 15.04
C LEU B 482 4.27 32.94 13.50
N ARG B 483 3.80 34.06 12.94
CA ARG B 483 3.59 34.19 11.49
C ARG B 483 4.79 34.84 10.81
N VAL B 484 5.27 34.25 9.69
CA VAL B 484 6.39 34.80 8.91
C VAL B 484 5.97 34.92 7.43
N ALA B 485 6.41 35.99 6.75
CA ALA B 485 6.08 36.21 5.33
C ALA B 485 7.25 36.88 4.57
N GLY B 486 7.31 36.65 3.26
CA GLY B 486 8.34 37.23 2.41
C GLY B 486 9.61 36.42 2.32
N GLN B 487 10.71 37.07 1.91
CA GLN B 487 12.00 36.42 1.71
C GLN B 487 12.89 36.49 2.96
N PRO B 488 13.19 35.32 3.59
CA PRO B 488 14.14 35.32 4.71
C PRO B 488 15.57 35.44 4.20
N VAL B 489 16.45 36.13 4.94
CA VAL B 489 17.84 36.30 4.52
C VAL B 489 18.79 35.81 5.62
N ALA B 490 19.67 34.86 5.26
CA ALA B 490 20.67 34.35 6.18
C ALA B 490 21.90 35.26 6.16
N ARG B 491 22.15 35.93 7.28
CA ARG B 491 23.34 36.77 7.46
C ARG B 491 24.36 35.89 8.15
N LEU B 492 25.19 35.22 7.35
CA LEU B 492 26.13 34.22 7.85
C LEU B 492 27.54 34.74 7.97
N PHE B 493 28.10 34.65 9.18
CA PHE B 493 29.50 34.98 9.46
C PHE B 493 30.21 33.66 9.64
N ALA B 494 30.99 33.27 8.63
CA ALA B 494 31.64 31.95 8.67
C ALA B 494 33.09 32.01 8.26
N SER B 495 33.87 31.08 8.82
CA SER B 495 35.28 30.90 8.47
C SER B 495 35.52 29.44 8.11
N THR B 496 36.39 29.20 7.12
CA THR B 496 36.77 27.86 6.70
C THR B 496 38.29 27.77 6.66
N SER B 497 38.84 26.58 6.98
CA SER B 497 40.28 26.35 6.91
C SER B 497 40.73 26.22 5.45
N GLY B 498 39.78 25.91 4.56
CA GLY B 498 40.01 25.80 3.12
C GLY B 498 40.00 27.14 2.41
N SER B 499 40.04 27.11 1.06
CA SER B 499 40.06 28.34 0.25
C SER B 499 38.78 28.46 -0.62
N ASP B 500 37.82 27.55 -0.39
CA ASP B 500 36.51 27.54 -1.04
C ASP B 500 35.54 26.75 -0.17
N ALA B 501 34.22 27.00 -0.32
CA ALA B 501 33.20 26.34 0.50
C ALA B 501 31.79 26.57 -0.03
N ASP B 502 30.90 25.61 0.24
CA ASP B 502 29.46 25.74 -0.03
C ASP B 502 28.76 25.94 1.30
N TRP B 503 27.76 26.83 1.34
CA TRP B 503 27.03 27.07 2.57
C TRP B 503 25.53 26.82 2.37
N VAL B 504 25.04 25.73 2.95
CA VAL B 504 23.61 25.34 2.90
C VAL B 504 22.93 25.80 4.18
N VAL B 505 21.83 26.55 4.07
CA VAL B 505 21.07 27.06 5.22
C VAL B 505 19.63 26.58 5.10
N LYS B 506 19.10 25.92 6.15
CA LYS B 506 17.72 25.43 6.13
C LYS B 506 16.88 26.03 7.23
N ILE B 507 15.66 26.46 6.90
CA ILE B 507 14.68 26.91 7.89
C ILE B 507 13.68 25.77 8.06
N ILE B 508 13.53 25.29 9.29
CA ILE B 508 12.73 24.11 9.56
C ILE B 508 11.68 24.40 10.63
N ASP B 509 10.47 23.84 10.44
CA ASP B 509 9.40 23.88 11.42
C ASP B 509 9.44 22.55 12.14
N VAL B 510 9.92 22.55 13.40
CA VAL B 510 9.98 21.32 14.21
C VAL B 510 8.62 21.08 14.83
N TRP B 511 7.94 20.03 14.37
CA TRP B 511 6.62 19.63 14.86
C TRP B 511 6.71 19.20 16.34
N PRO B 512 5.61 19.31 17.14
CA PRO B 512 5.70 18.92 18.57
C PRO B 512 6.06 17.45 18.76
N ASP B 513 6.54 17.11 19.98
CA ASP B 513 6.95 15.75 20.36
C ASP B 513 5.84 14.74 20.05
N GLU B 514 4.59 15.12 20.34
CA GLU B 514 3.42 14.31 20.05
C GLU B 514 2.41 15.13 19.24
N VAL B 515 1.83 14.53 18.19
CA VAL B 515 0.89 15.20 17.30
C VAL B 515 -0.47 14.46 17.35
N PRO B 516 -1.52 15.04 18.00
CA PRO B 516 -2.81 14.32 18.10
C PRO B 516 -3.51 14.08 16.76
N GLU B 517 -3.34 15.00 15.79
CA GLU B 517 -3.99 14.90 14.47
C GLU B 517 -3.33 13.84 13.58
N ASN B 518 -2.02 13.58 13.79
CA ASN B 518 -1.22 12.60 13.04
C ASN B 518 -0.02 12.16 13.90
N PRO B 519 -0.19 11.15 14.78
CA PRO B 519 0.92 10.75 15.68
C PRO B 519 2.23 10.39 14.99
N LYS B 520 2.16 9.92 13.73
CA LYS B 520 3.32 9.58 12.89
C LYS B 520 4.22 10.80 12.63
N LEU B 521 3.67 12.03 12.82
CA LEU B 521 4.41 13.26 12.55
C LEU B 521 5.03 13.87 13.84
N GLY B 522 5.19 13.04 14.87
CA GLY B 522 5.81 13.47 16.13
C GLY B 522 7.29 13.71 15.97
N GLY B 523 7.72 14.94 16.27
CA GLY B 523 9.12 15.37 16.18
C GLY B 523 9.63 15.63 14.78
N TYR B 524 8.72 15.61 13.80
CA TYR B 524 8.98 15.81 12.37
C TYR B 524 9.67 17.18 12.09
N GLN B 525 10.92 17.13 11.60
CA GLN B 525 11.70 18.31 11.26
C GLN B 525 11.40 18.69 9.81
N GLN B 526 10.26 19.35 9.61
CA GLN B 526 9.76 19.75 8.31
C GLN B 526 10.56 20.90 7.72
N MET B 527 11.28 20.65 6.61
CA MET B 527 12.00 21.73 5.92
C MET B 527 10.97 22.69 5.33
N LEU B 528 11.18 24.01 5.50
CA LEU B 528 10.25 25.05 5.07
C LEU B 528 10.85 25.94 3.97
N SER B 529 12.11 26.37 4.15
CA SER B 529 12.83 27.22 3.22
C SER B 529 14.33 26.97 3.34
N ALA B 530 14.98 26.58 2.25
CA ALA B 530 16.40 26.26 2.27
C ALA B 530 17.09 26.57 0.95
N ASP B 531 18.36 27.02 1.02
CA ASP B 531 19.15 27.25 -0.18
C ASP B 531 20.65 27.09 0.07
N ILE B 532 21.44 27.15 -1.00
CA ILE B 532 22.89 26.95 -0.97
C ILE B 532 23.62 28.16 -1.61
N PHE B 533 24.79 28.51 -1.05
CA PHE B 533 25.64 29.56 -1.58
C PHE B 533 27.04 29.01 -1.87
N ARG B 534 27.54 29.18 -3.10
CA ARG B 534 28.89 28.77 -3.46
C ARG B 534 29.86 29.91 -3.11
N GLY B 535 30.64 29.70 -2.05
CA GLY B 535 31.57 30.67 -1.45
C GLY B 535 32.47 31.47 -2.37
N ARG B 536 32.88 30.88 -3.52
CA ARG B 536 33.76 31.55 -4.48
C ARG B 536 33.11 32.83 -5.09
N TYR B 537 31.78 32.97 -4.98
CA TYR B 537 31.04 34.10 -5.55
C TYR B 537 30.59 35.12 -4.47
N ARG B 538 31.19 35.04 -3.26
CA ARG B 538 30.90 35.92 -2.12
C ARG B 538 31.10 37.41 -2.44
N GLU B 539 32.16 37.75 -3.21
CA GLU B 539 32.48 39.14 -3.54
C GLU B 539 31.89 39.56 -4.88
N ASP B 540 31.95 38.69 -5.90
CA ASP B 540 31.43 38.97 -7.24
C ASP B 540 30.87 37.68 -7.83
N PHE B 541 29.58 37.68 -8.20
CA PHE B 541 28.92 36.50 -8.80
C PHE B 541 29.56 36.19 -10.16
N ALA B 542 29.97 37.26 -10.87
CA ALA B 542 30.60 37.20 -12.19
C ALA B 542 32.04 36.69 -12.14
N VAL B 543 32.77 36.97 -11.04
CA VAL B 543 34.19 36.58 -10.93
C VAL B 543 34.43 35.71 -9.70
N ALA B 544 34.88 34.45 -9.92
CA ALA B 544 35.18 33.52 -8.84
C ALA B 544 36.46 33.93 -8.11
N LYS B 545 36.37 34.08 -6.78
CA LYS B 545 37.49 34.50 -5.94
C LYS B 545 37.75 33.49 -4.82
N PRO B 546 39.04 33.21 -4.47
CA PRO B 546 39.30 32.28 -3.37
C PRO B 546 38.94 32.90 -2.02
N LEU B 547 38.61 32.06 -1.04
CA LEU B 547 38.33 32.53 0.32
C LEU B 547 39.62 32.53 1.12
N VAL B 548 39.82 33.55 1.97
CA VAL B 548 41.00 33.62 2.83
C VAL B 548 40.83 32.54 3.93
N PRO B 549 41.77 31.56 4.03
CA PRO B 549 41.63 30.51 5.04
C PRO B 549 41.63 31.05 6.47
N ASP B 550 40.77 30.48 7.34
CA ASP B 550 40.60 30.79 8.77
C ASP B 550 40.06 32.22 9.03
N LYS B 551 39.69 32.97 7.97
CA LYS B 551 39.17 34.33 8.12
C LYS B 551 37.64 34.33 8.19
N VAL B 552 37.08 35.03 9.19
CA VAL B 552 35.62 35.14 9.34
C VAL B 552 35.10 36.06 8.24
N LEU B 553 34.25 35.53 7.36
CA LEU B 553 33.71 36.29 6.23
C LEU B 553 32.19 36.35 6.29
N GLU B 554 31.62 37.47 5.81
CA GLU B 554 30.19 37.70 5.80
C GLU B 554 29.54 37.19 4.50
N TYR B 555 28.42 36.48 4.65
CA TYR B 555 27.62 35.95 3.54
C TYR B 555 26.17 36.43 3.65
N ARG B 556 25.55 36.77 2.52
CA ARG B 556 24.15 37.18 2.46
C ARG B 556 23.42 36.17 1.61
N ILE B 557 22.66 35.25 2.25
CA ILE B 557 21.99 34.19 1.51
C ILE B 557 20.46 34.36 1.56
N PRO B 558 19.86 35.02 0.54
CA PRO B 558 18.39 35.10 0.50
C PRO B 558 17.81 33.71 0.31
N LEU B 559 16.80 33.36 1.11
CA LEU B 559 16.23 32.01 1.09
C LEU B 559 14.84 31.98 0.45
N PRO B 560 14.36 30.79 -0.02
CA PRO B 560 13.02 30.71 -0.64
C PRO B 560 11.92 31.36 0.19
N GLN B 561 10.90 31.88 -0.50
CA GLN B 561 9.77 32.58 0.10
C GLN B 561 9.06 31.75 1.16
N VAL B 562 8.53 32.42 2.18
CA VAL B 562 7.78 31.81 3.26
C VAL B 562 6.44 32.52 3.42
N SER B 563 5.42 31.76 3.77
CA SER B 563 4.06 32.21 4.09
C SER B 563 3.54 31.16 5.03
N HIS B 564 3.96 31.26 6.29
CA HIS B 564 3.75 30.18 7.24
C HIS B 564 3.45 30.67 8.66
N THR B 565 2.73 29.83 9.43
CA THR B 565 2.48 30.03 10.84
C THR B 565 3.13 28.88 11.61
N PHE B 566 4.12 29.21 12.44
CA PHE B 566 4.75 28.25 13.35
C PHE B 566 3.80 28.14 14.55
N LEU B 567 2.93 27.11 14.56
CA LEU B 567 1.87 26.93 15.55
C LEU B 567 2.40 26.61 16.98
N PRO B 568 1.60 26.82 18.07
CA PRO B 568 2.10 26.51 19.43
C PRO B 568 2.54 25.05 19.58
N GLY B 569 3.63 24.84 20.31
CA GLY B 569 4.24 23.53 20.50
C GLY B 569 5.35 23.25 19.49
N HIS B 570 5.31 23.95 18.35
CA HIS B 570 6.33 23.83 17.29
C HIS B 570 7.57 24.63 17.64
N ARG B 571 8.71 24.32 17.00
CA ARG B 571 9.95 25.08 17.18
C ARG B 571 10.44 25.58 15.84
N ILE B 572 11.25 26.65 15.83
CA ILE B 572 11.89 27.13 14.61
C ILE B 572 13.31 26.57 14.63
N MET B 573 13.73 25.92 13.55
CA MET B 573 15.06 25.32 13.50
C MET B 573 15.87 25.83 12.30
N VAL B 574 17.18 25.94 12.48
CA VAL B 574 18.13 26.31 11.44
C VAL B 574 19.21 25.23 11.37
N GLN B 575 19.48 24.73 10.16
CA GLN B 575 20.53 23.76 9.93
C GLN B 575 21.53 24.33 8.95
N VAL B 576 22.82 24.15 9.22
CA VAL B 576 23.90 24.63 8.36
C VAL B 576 24.84 23.45 8.04
N GLN B 577 25.16 23.26 6.75
CA GLN B 577 26.03 22.20 6.27
C GLN B 577 26.82 22.69 5.06
N SER B 578 27.83 21.92 4.62
CA SER B 578 28.71 22.33 3.53
C SER B 578 28.57 21.49 2.24
N SER B 579 27.54 20.62 2.17
CA SER B 579 27.28 19.81 0.98
C SER B 579 25.79 19.43 0.90
N TRP B 580 25.32 19.05 -0.31
CA TRP B 580 23.91 18.72 -0.61
C TRP B 580 23.90 17.84 -1.86
N PHE B 581 24.45 16.61 -1.70
CA PHE B 581 24.80 15.66 -2.76
C PHE B 581 23.73 14.54 -2.99
N PRO B 582 23.57 14.00 -4.25
CA PRO B 582 24.28 14.33 -5.49
C PRO B 582 23.65 15.48 -6.29
N LEU B 583 22.51 16.05 -5.82
CA LEU B 583 21.82 17.16 -6.51
C LEU B 583 22.82 18.25 -6.88
N TYR B 584 23.58 18.75 -5.89
CA TYR B 584 24.64 19.73 -6.12
C TYR B 584 25.99 19.03 -6.12
N ASP B 585 26.86 19.37 -7.07
CA ASP B 585 28.21 18.82 -7.13
C ASP B 585 29.01 19.32 -5.91
N ARG B 586 30.01 18.53 -5.48
CA ARG B 586 30.81 18.89 -4.29
C ARG B 586 31.69 20.09 -4.53
N ASN B 587 31.83 20.92 -3.49
CA ASN B 587 32.79 21.99 -3.50
C ASN B 587 34.11 21.35 -3.07
N PRO B 588 35.21 21.49 -3.85
CA PRO B 588 36.47 20.81 -3.47
C PRO B 588 37.03 21.31 -2.13
N GLN B 589 36.62 22.53 -1.71
CA GLN B 589 37.03 23.19 -0.46
C GLN B 589 38.51 23.66 -0.55
N THR B 590 39.02 23.73 -1.79
CA THR B 590 40.29 24.35 -2.20
C THR B 590 39.96 25.09 -3.48
N PHE B 591 40.47 26.31 -3.66
CA PHE B 591 40.12 27.08 -4.84
C PHE B 591 40.71 26.50 -6.14
N VAL B 592 39.82 26.21 -7.11
CA VAL B 592 40.17 25.72 -8.46
C VAL B 592 39.51 26.68 -9.49
N PRO B 593 40.08 26.83 -10.72
CA PRO B 593 39.47 27.77 -11.69
C PRO B 593 38.04 27.37 -12.11
N ASN B 594 37.78 26.06 -12.21
CA ASN B 594 36.48 25.54 -12.59
C ASN B 594 36.19 24.23 -11.87
N ILE B 595 35.17 24.23 -10.99
CA ILE B 595 34.75 23.07 -10.19
C ILE B 595 34.19 21.95 -11.09
N MET B 596 33.73 22.31 -12.33
CA MET B 596 33.23 21.33 -13.31
C MET B 596 34.30 20.27 -13.61
N PHE B 597 35.58 20.68 -13.62
CA PHE B 597 36.71 19.78 -13.92
C PHE B 597 37.74 19.78 -12.76
N ALA B 598 37.26 19.85 -11.51
CA ALA B 598 38.15 19.85 -10.33
C ALA B 598 38.91 18.51 -10.19
N PRO B 599 40.27 18.54 -10.15
CA PRO B 599 41.03 17.28 -10.03
C PRO B 599 40.84 16.59 -8.66
N PRO B 600 41.00 15.24 -8.57
CA PRO B 600 40.73 14.55 -7.29
C PRO B 600 41.48 15.08 -6.06
N GLU B 601 42.75 15.51 -6.24
CA GLU B 601 43.59 16.02 -5.16
C GLU B 601 43.09 17.36 -4.56
N SER B 602 42.22 18.08 -5.28
CA SER B 602 41.68 19.37 -4.83
C SER B 602 40.58 19.20 -3.74
N TYR B 603 39.98 17.99 -3.63
CA TYR B 603 38.94 17.70 -2.64
C TYR B 603 39.58 17.41 -1.28
N ARG B 604 39.48 18.37 -0.35
CA ARG B 604 40.10 18.22 0.97
C ARG B 604 39.19 18.64 2.12
N LYS B 605 39.32 17.95 3.27
CA LYS B 605 38.57 18.23 4.51
C LYS B 605 38.83 19.66 4.96
N ALA B 606 37.81 20.28 5.57
CA ALA B 606 37.95 21.64 6.07
C ALA B 606 37.17 21.83 7.36
N THR B 607 37.75 22.60 8.29
CA THR B 607 37.14 22.95 9.57
C THR B 607 36.30 24.20 9.36
N GLN B 608 34.98 24.06 9.52
CA GLN B 608 34.03 25.15 9.32
C GLN B 608 33.59 25.72 10.66
N ARG B 609 33.45 27.04 10.73
CA ARG B 609 33.03 27.72 11.97
C ARG B 609 31.97 28.75 11.68
N VAL B 610 30.80 28.62 12.34
CA VAL B 610 29.71 29.59 12.23
C VAL B 610 29.80 30.47 13.49
N TRP B 611 30.22 31.73 13.31
CA TRP B 611 30.47 32.66 14.40
C TRP B 611 29.20 33.34 14.90
N ARG B 612 29.16 33.61 16.21
CA ARG B 612 28.04 34.24 16.88
C ARG B 612 28.53 35.19 18.00
N THR B 613 29.14 36.32 17.59
CA THR B 613 29.66 37.36 18.50
C THR B 613 28.97 38.69 18.17
N ALA B 614 29.18 39.72 19.02
CA ALA B 614 28.64 41.07 18.77
C ALA B 614 29.18 41.63 17.44
N GLU B 615 30.46 41.33 17.12
CA GLU B 615 31.14 41.75 15.88
C GLU B 615 30.64 40.91 14.69
N TYR B 616 30.47 39.58 14.89
CA TYR B 616 30.02 38.65 13.85
C TYR B 616 28.68 37.96 14.26
N PRO B 617 27.52 38.68 14.23
CA PRO B 617 26.28 38.03 14.68
C PRO B 617 25.51 37.29 13.57
N THR B 618 25.72 35.96 13.47
CA THR B 618 25.01 35.13 12.48
C THR B 618 23.53 35.05 12.89
N ALA B 619 22.64 35.40 11.95
CA ALA B 619 21.20 35.43 12.22
C ALA B 619 20.36 35.23 10.95
N ILE B 620 19.11 34.79 11.15
CA ILE B 620 18.14 34.71 10.08
C ILE B 620 17.27 35.96 10.17
N GLU B 621 17.29 36.79 9.13
CA GLU B 621 16.48 38.00 9.06
C GLU B 621 15.12 37.62 8.48
N ILE B 622 14.05 37.82 9.27
CA ILE B 622 12.69 37.41 8.85
C ILE B 622 11.66 38.50 9.13
N HIS B 623 10.64 38.59 8.26
CA HIS B 623 9.50 39.50 8.43
C HIS B 623 8.41 38.81 9.24
N ILE B 624 8.27 39.17 10.52
CA ILE B 624 7.21 38.63 11.37
C ILE B 624 5.98 39.53 11.24
N ILE B 625 4.80 38.93 11.00
CA ILE B 625 3.54 39.68 10.87
C ILE B 625 2.57 39.32 12.01
N SER B 626 1.75 40.30 12.44
CA SER B 626 0.78 40.12 13.52
C SER B 626 -0.58 39.69 12.98
N ASP C 10 15.80 -2.70 51.17
CA ASP C 10 14.99 -3.68 51.87
C ASP C 10 14.72 -4.91 50.99
N PHE C 11 14.58 -4.70 49.67
CA PHE C 11 14.29 -5.73 48.67
C PHE C 11 15.33 -6.85 48.65
N SER C 12 14.86 -8.10 48.62
CA SER C 12 15.69 -9.29 48.56
C SER C 12 15.66 -9.87 47.13
N GLU C 13 16.79 -9.84 46.43
CA GLU C 13 16.92 -10.29 45.04
C GLU C 13 16.71 -11.81 44.87
N ASP C 14 16.90 -12.58 45.96
CA ASP C 14 16.82 -14.03 45.94
C ASP C 14 15.46 -14.62 46.41
N SER C 15 14.51 -13.77 46.88
CA SER C 15 13.24 -14.30 47.39
C SER C 15 12.02 -13.42 47.12
N ASP C 16 12.18 -12.09 47.18
CA ASP C 16 11.05 -11.17 47.02
C ASP C 16 10.54 -11.09 45.60
N SER C 17 9.21 -10.90 45.46
CA SER C 17 8.56 -10.72 44.17
C SER C 17 8.98 -9.38 43.59
N ASP C 18 9.23 -9.36 42.28
CA ASP C 18 9.63 -8.15 41.56
C ASP C 18 8.47 -7.17 41.43
N ILE C 19 7.22 -7.67 41.50
CA ILE C 19 6.02 -6.86 41.38
C ILE C 19 5.68 -6.24 42.75
N PRO C 20 5.65 -4.89 42.86
CA PRO C 20 5.31 -4.26 44.15
C PRO C 20 3.85 -4.48 44.51
N GLU C 21 3.51 -4.47 45.82
CA GLU C 21 2.15 -4.70 46.31
C GLU C 21 1.15 -3.70 45.69
N LYS C 22 1.56 -2.42 45.57
CA LYS C 22 0.73 -1.38 44.96
C LYS C 22 1.59 -0.44 44.11
N PHE C 23 1.36 -0.42 42.80
CA PHE C 23 2.08 0.47 41.91
C PHE C 23 1.24 1.69 41.57
N THR C 24 1.87 2.86 41.59
CA THR C 24 1.23 4.13 41.24
C THR C 24 2.09 4.79 40.16
N PRO C 25 1.57 4.95 38.92
CA PRO C 25 2.38 5.59 37.87
C PRO C 25 2.79 7.02 38.25
N LYS C 26 3.96 7.45 37.77
CA LYS C 26 4.52 8.77 38.04
C LYS C 26 3.95 9.76 37.03
N THR C 27 3.07 10.67 37.49
CA THR C 27 2.36 11.59 36.61
C THR C 27 2.62 13.09 36.94
N ASP C 28 3.73 13.43 37.64
CA ASP C 28 4.00 14.84 37.95
C ASP C 28 4.53 15.63 36.72
N LEU C 29 5.01 14.93 35.66
CA LEU C 29 5.44 15.59 34.41
C LEU C 29 4.25 15.76 33.44
N PHE C 30 3.09 15.15 33.75
CA PHE C 30 1.87 15.23 32.95
C PHE C 30 1.25 16.63 33.05
N ASP C 31 0.60 17.11 31.97
CA ASP C 31 0.00 18.44 31.97
C ASP C 31 -1.47 18.40 32.45
N TYR C 32 -1.89 17.27 33.05
CA TYR C 32 -3.25 17.06 33.56
C TYR C 32 -3.27 16.08 34.76
N THR C 33 -4.31 16.20 35.60
CA THR C 33 -4.54 15.31 36.73
C THR C 33 -5.73 14.40 36.41
N ARG C 34 -5.53 13.09 36.58
CA ARG C 34 -6.57 12.09 36.33
C ARG C 34 -7.23 11.71 37.66
N ARG C 35 -8.41 12.28 37.94
CA ARG C 35 -9.14 12.00 39.18
C ARG C 35 -10.21 10.94 38.93
N GLU C 36 -10.10 9.80 39.63
CA GLU C 36 -11.02 8.67 39.51
C GLU C 36 -11.93 8.62 40.72
N GLU C 37 -13.26 8.68 40.49
CA GLU C 37 -14.23 8.73 41.59
C GLU C 37 -15.41 7.81 41.37
N MET C 38 -15.97 7.28 42.47
CA MET C 38 -17.17 6.44 42.45
C MET C 38 -18.31 7.26 43.05
N ILE C 39 -18.92 8.15 42.24
CA ILE C 39 -19.99 9.04 42.68
C ILE C 39 -21.25 8.25 43.05
N PRO C 40 -21.75 8.37 44.30
CA PRO C 40 -22.98 7.63 44.66
C PRO C 40 -24.23 8.33 44.13
N MET C 41 -25.14 7.54 43.54
CA MET C 41 -26.40 8.06 43.02
C MET C 41 -27.41 8.11 44.16
N ARG C 42 -28.60 8.70 43.93
CA ARG C 42 -29.67 8.87 44.94
C ARG C 42 -30.14 7.53 45.55
N ASP C 43 -29.82 6.38 44.92
CA ASP C 43 -30.20 5.06 45.43
C ASP C 43 -28.99 4.30 46.04
N GLY C 44 -27.85 4.98 46.17
CA GLY C 44 -26.64 4.41 46.76
C GLY C 44 -25.69 3.74 45.79
N VAL C 45 -26.16 3.44 44.56
CA VAL C 45 -25.34 2.80 43.52
C VAL C 45 -24.26 3.80 43.06
N LYS C 46 -22.99 3.36 43.02
CA LYS C 46 -21.86 4.22 42.65
C LYS C 46 -21.46 4.05 41.17
N LEU C 47 -21.25 5.19 40.47
CA LEU C 47 -20.83 5.20 39.07
C LEU C 47 -19.36 5.59 38.93
N ASN C 48 -18.59 4.82 38.13
CA ASN C 48 -17.18 5.11 37.90
C ASN C 48 -17.05 6.35 37.01
N THR C 49 -16.42 7.40 37.57
CA THR C 49 -16.28 8.70 36.91
C THR C 49 -14.80 9.08 36.79
N ILE C 50 -14.36 9.41 35.57
CA ILE C 50 -12.98 9.79 35.30
C ILE C 50 -12.95 11.29 34.98
N ILE C 51 -12.24 12.06 35.80
CA ILE C 51 -12.18 13.51 35.66
C ILE C 51 -10.76 13.93 35.28
N LEU C 52 -10.62 14.58 34.12
CA LEU C 52 -9.33 15.03 33.63
C LEU C 52 -9.24 16.55 33.79
N ILE C 53 -8.45 16.98 34.78
CA ILE C 53 -8.29 18.41 35.10
C ILE C 53 -6.95 18.89 34.55
N PRO C 54 -6.96 19.87 33.61
CA PRO C 54 -5.69 20.40 33.09
C PRO C 54 -4.92 21.16 34.16
N LYS C 55 -3.59 21.03 34.16
CA LYS C 55 -2.75 21.73 35.15
C LYS C 55 -2.60 23.20 34.78
N GLY C 56 -2.47 24.04 35.79
CA GLY C 56 -2.30 25.48 35.60
C GLY C 56 -3.58 26.23 35.27
N VAL C 57 -4.76 25.62 35.53
CA VAL C 57 -6.03 26.31 35.28
C VAL C 57 -6.97 26.21 36.49
N GLN C 58 -7.72 27.30 36.70
CA GLN C 58 -8.74 27.41 37.75
C GLN C 58 -9.98 28.02 37.13
N ASN C 59 -11.17 27.71 37.68
CA ASN C 59 -12.48 28.19 37.18
C ASN C 59 -12.63 27.92 35.66
N THR C 60 -12.62 26.64 35.28
CA THR C 60 -12.76 26.22 33.89
C THR C 60 -14.02 25.33 33.73
N PRO C 61 -14.76 25.40 32.59
CA PRO C 61 -15.99 24.59 32.46
C PRO C 61 -15.73 23.09 32.35
N ILE C 62 -16.79 22.28 32.57
CA ILE C 62 -16.73 20.83 32.49
C ILE C 62 -17.42 20.34 31.21
N VAL C 63 -16.76 19.44 30.47
CA VAL C 63 -17.35 18.80 29.30
C VAL C 63 -17.55 17.31 29.68
N LEU C 64 -18.83 16.89 29.78
CA LEU C 64 -19.22 15.57 30.28
C LEU C 64 -19.70 14.64 29.16
N THR C 65 -19.25 13.36 29.21
CA THR C 65 -19.64 12.31 28.29
C THR C 65 -19.95 11.05 29.09
N ARG C 66 -21.17 10.52 28.95
CA ARG C 66 -21.63 9.33 29.67
C ARG C 66 -21.63 8.16 28.69
N THR C 67 -20.78 7.14 28.96
CA THR C 67 -20.53 6.07 28.00
C THR C 67 -20.73 4.62 28.53
N PRO C 68 -21.25 3.71 27.66
CA PRO C 68 -21.28 2.29 28.01
C PRO C 68 -20.03 1.56 27.45
N TYR C 69 -19.03 2.33 26.94
CA TYR C 69 -17.85 1.77 26.26
C TYR C 69 -16.52 2.03 26.99
N HIS C 70 -16.47 1.76 28.33
CA HIS C 70 -15.26 1.81 29.16
C HIS C 70 -14.63 3.22 29.21
N ALA C 71 -15.01 4.02 30.23
CA ALA C 71 -14.54 5.39 30.43
C ALA C 71 -13.00 5.46 30.60
N GLU C 72 -12.39 4.42 31.21
CA GLU C 72 -10.94 4.38 31.45
C GLU C 72 -10.15 4.13 30.16
N ARG C 73 -10.79 3.55 29.12
CA ARG C 73 -10.17 3.31 27.81
C ARG C 73 -10.48 4.49 26.86
N ARG C 74 -11.65 5.13 27.03
CA ARG C 74 -12.07 6.29 26.23
C ARG C 74 -11.16 7.49 26.53
N THR C 75 -10.73 7.62 27.82
CA THR C 75 -9.83 8.69 28.28
C THR C 75 -8.36 8.25 28.18
N LEU C 76 -8.07 7.28 27.29
CA LEU C 76 -6.72 6.79 27.05
C LEU C 76 -6.55 6.41 25.57
N ARG C 77 -6.83 7.37 24.64
CA ARG C 77 -6.68 7.19 23.17
C ARG C 77 -5.27 6.69 22.88
N PHE C 78 -4.27 7.33 23.52
CA PHE C 78 -2.87 6.96 23.53
C PHE C 78 -2.39 7.02 24.98
N ASN C 79 -1.46 6.14 25.37
CA ASN C 79 -0.93 6.12 26.73
C ASN C 79 0.11 7.24 26.82
N SER C 80 -0.37 8.48 27.07
CA SER C 80 0.48 9.66 27.01
C SER C 80 0.45 10.54 28.26
N SER C 81 1.48 11.40 28.38
CA SER C 81 1.64 12.41 29.42
C SER C 81 0.90 13.71 29.03
N SER C 82 0.44 13.81 27.77
CA SER C 82 -0.28 14.98 27.25
C SER C 82 -1.80 14.74 27.19
N LEU C 83 -2.59 15.67 27.79
CA LEU C 83 -4.06 15.61 27.79
C LEU C 83 -4.63 15.55 26.36
N SER C 84 -3.99 16.27 25.40
CA SER C 84 -4.42 16.32 24.00
C SER C 84 -4.27 14.96 23.29
N MET C 85 -3.45 14.05 23.84
CA MET C 85 -3.19 12.73 23.25
C MET C 85 -4.06 11.61 23.85
N VAL C 86 -4.53 11.78 25.11
CA VAL C 86 -5.31 10.74 25.80
C VAL C 86 -6.82 10.83 25.51
N VAL C 87 -7.31 12.03 25.15
CA VAL C 87 -8.74 12.26 24.91
C VAL C 87 -9.18 11.82 23.49
N PRO C 88 -10.47 11.45 23.29
CA PRO C 88 -10.93 11.15 21.92
C PRO C 88 -10.88 12.41 21.06
N GLN C 89 -10.70 12.24 19.73
CA GLN C 89 -10.59 13.34 18.76
C GLN C 89 -11.76 14.35 18.86
N MET C 90 -12.92 13.90 19.39
CA MET C 90 -14.10 14.73 19.61
C MET C 90 -13.81 15.83 20.65
N ASN C 91 -12.93 15.52 21.63
CA ASN C 91 -12.55 16.43 22.70
C ASN C 91 -11.28 17.26 22.37
N ASP C 92 -10.89 17.36 21.08
CA ASP C 92 -9.68 18.10 20.69
C ASP C 92 -9.77 19.60 21.01
N THR C 93 -10.89 20.25 20.67
CA THR C 93 -11.08 21.69 20.89
C THR C 93 -11.28 22.00 22.38
N THR C 94 -11.99 21.11 23.12
CA THR C 94 -12.22 21.30 24.56
C THR C 94 -10.91 21.10 25.35
N SER C 95 -10.04 20.17 24.89
CA SER C 95 -8.72 19.91 25.48
C SER C 95 -7.80 21.10 25.25
N ALA C 96 -7.86 21.70 24.06
CA ALA C 96 -7.05 22.86 23.69
C ALA C 96 -7.51 24.11 24.47
N ALA C 97 -8.81 24.17 24.83
CA ALA C 97 -9.39 25.27 25.60
C ALA C 97 -9.21 25.03 27.11
N ARG C 98 -8.50 23.94 27.49
CA ARG C 98 -8.18 23.53 28.86
C ARG C 98 -9.44 23.38 29.74
N TYR C 99 -10.47 22.73 29.19
CA TYR C 99 -11.71 22.40 29.90
C TYR C 99 -11.45 21.22 30.82
N ILE C 100 -12.31 21.01 31.82
CA ILE C 100 -12.27 19.78 32.62
C ILE C 100 -13.03 18.73 31.80
N ILE C 101 -12.36 17.61 31.43
CA ILE C 101 -12.97 16.56 30.59
C ILE C 101 -13.37 15.37 31.46
N VAL C 102 -14.68 15.05 31.48
CA VAL C 102 -15.21 13.98 32.32
C VAL C 102 -15.89 12.88 31.50
N TYR C 103 -15.44 11.63 31.70
CA TYR C 103 -16.03 10.43 31.11
C TYR C 103 -16.53 9.53 32.23
N GLN C 104 -17.80 9.10 32.13
CA GLN C 104 -18.43 8.29 33.17
C GLN C 104 -19.00 7.00 32.61
N ASP C 105 -18.77 5.87 33.31
CA ASP C 105 -19.38 4.60 32.93
C ASP C 105 -20.84 4.66 33.35
N VAL C 106 -21.77 4.42 32.40
CA VAL C 106 -23.20 4.42 32.72
C VAL C 106 -23.50 3.26 33.67
N ARG C 107 -24.63 3.32 34.37
CA ARG C 107 -25.07 2.29 35.31
C ARG C 107 -24.99 0.89 34.70
N GLY C 108 -24.36 -0.02 35.42
CA GLY C 108 -24.26 -1.42 35.03
C GLY C 108 -23.16 -1.80 34.05
N LYS C 109 -22.32 -0.84 33.62
CA LYS C 109 -21.24 -1.14 32.68
C LYS C 109 -19.85 -0.88 33.27
N TYR C 110 -18.91 -1.82 32.98
CA TYR C 110 -17.49 -1.78 33.35
C TYR C 110 -17.23 -1.50 34.86
N GLY C 111 -16.78 -0.29 35.19
CA GLY C 111 -16.43 0.07 36.56
C GLY C 111 -17.60 0.49 37.45
N SER C 112 -18.75 0.79 36.84
CA SER C 112 -19.94 1.26 37.56
C SER C 112 -20.76 0.11 38.11
N GLU C 113 -21.39 0.34 39.29
CA GLU C 113 -22.26 -0.62 39.96
C GLU C 113 -23.66 -0.61 39.35
N GLY C 114 -24.53 -1.49 39.84
CA GLY C 114 -25.92 -1.58 39.41
C GLY C 114 -26.15 -2.50 38.21
N GLY C 115 -27.41 -2.60 37.83
CA GLY C 115 -27.83 -3.40 36.69
C GLY C 115 -27.76 -2.61 35.39
N TYR C 116 -27.68 -3.32 34.25
CA TYR C 116 -27.60 -2.63 32.97
C TYR C 116 -28.84 -2.90 32.12
N MET C 117 -29.42 -1.83 31.59
CA MET C 117 -30.57 -1.87 30.69
C MET C 117 -30.21 -1.11 29.43
N MET C 118 -30.15 -1.82 28.28
CA MET C 118 -29.80 -1.24 26.98
C MET C 118 -30.67 -0.01 26.70
N ASN C 119 -30.02 1.17 26.59
CA ASN C 119 -30.67 2.47 26.38
C ASN C 119 -31.81 2.66 27.38
N LYS C 120 -31.49 2.46 28.69
CA LYS C 120 -32.43 2.56 29.80
C LYS C 120 -33.36 3.77 29.61
N PRO C 121 -34.68 3.54 29.47
CA PRO C 121 -35.61 4.67 29.28
C PRO C 121 -35.86 5.43 30.58
N LEU C 122 -36.57 6.57 30.51
CA LEU C 122 -36.92 7.35 31.70
C LEU C 122 -37.89 6.57 32.58
N THR C 123 -37.94 6.90 33.89
CA THR C 123 -38.82 6.25 34.87
C THR C 123 -40.27 6.30 34.39
N GLY C 124 -40.93 5.15 34.41
CA GLY C 124 -42.30 5.02 33.96
C GLY C 124 -42.69 3.59 33.65
N PRO C 125 -43.51 3.35 32.59
CA PRO C 125 -43.96 1.98 32.29
C PRO C 125 -42.84 1.02 31.85
N LEU C 126 -41.75 1.55 31.26
CA LEU C 126 -40.62 0.72 30.82
C LEU C 126 -39.42 0.78 31.79
N ASN C 127 -39.56 1.53 32.92
CA ASN C 127 -38.51 1.66 33.93
C ASN C 127 -39.13 1.86 35.32
N THR C 128 -39.09 0.80 36.15
CA THR C 128 -39.67 0.80 37.50
C THR C 128 -38.55 0.78 38.59
N THR C 129 -37.28 1.00 38.20
CA THR C 129 -36.12 0.97 39.11
C THR C 129 -36.02 2.21 40.02
N GLY C 130 -36.71 3.30 39.66
CA GLY C 130 -36.69 4.54 40.43
C GLY C 130 -35.66 5.55 39.94
N THR C 131 -34.69 5.08 39.13
CA THR C 131 -33.64 5.93 38.53
C THR C 131 -33.57 5.72 37.03
N ASP C 132 -32.98 6.67 36.31
CA ASP C 132 -32.76 6.62 34.86
C ASP C 132 -31.48 7.41 34.53
N HIS C 133 -31.17 7.61 33.22
CA HIS C 133 -29.98 8.36 32.80
C HIS C 133 -30.05 9.82 33.23
N SER C 134 -31.27 10.43 33.20
CA SER C 134 -31.50 11.81 33.60
C SER C 134 -31.25 12.03 35.11
N THR C 135 -31.75 11.11 35.97
CA THR C 135 -31.54 11.21 37.43
C THR C 135 -30.06 10.98 37.76
N ASP C 136 -29.42 10.02 37.05
CA ASP C 136 -28.01 9.68 37.22
C ASP C 136 -27.11 10.85 36.81
N THR C 137 -27.52 11.61 35.77
CA THR C 137 -26.80 12.80 35.29
C THR C 137 -26.88 13.92 36.34
N TYR C 138 -28.10 14.18 36.90
CA TYR C 138 -28.33 15.22 37.90
C TYR C 138 -27.43 14.99 39.12
N ASP C 139 -27.37 13.74 39.63
CA ASP C 139 -26.56 13.36 40.79
C ASP C 139 -25.06 13.49 40.48
N THR C 140 -24.67 13.21 39.22
CA THR C 140 -23.29 13.30 38.77
C THR C 140 -22.86 14.78 38.69
N ILE C 141 -23.63 15.62 37.95
CA ILE C 141 -23.33 17.05 37.78
C ILE C 141 -23.31 17.76 39.16
N ASP C 142 -24.26 17.44 40.06
CA ASP C 142 -24.34 18.04 41.40
C ASP C 142 -23.09 17.76 42.22
N TRP C 143 -22.49 16.55 42.06
CA TRP C 143 -21.26 16.18 42.75
C TRP C 143 -20.05 16.92 42.15
N LEU C 144 -19.98 17.00 40.79
CA LEU C 144 -18.85 17.61 40.08
C LEU C 144 -18.72 19.13 40.37
N VAL C 145 -19.85 19.86 40.35
CA VAL C 145 -19.85 21.31 40.59
C VAL C 145 -19.58 21.66 42.07
N LYS C 146 -19.71 20.68 42.97
CA LYS C 146 -19.50 20.87 44.41
C LYS C 146 -18.16 20.32 44.90
N ASN C 147 -17.58 19.32 44.18
CA ASN C 147 -16.35 18.67 44.65
C ASN C 147 -15.12 18.88 43.73
N ILE C 148 -15.26 19.62 42.62
CA ILE C 148 -14.11 19.94 41.75
C ILE C 148 -13.82 21.46 41.89
N PRO C 149 -12.83 21.84 42.73
CA PRO C 149 -12.59 23.29 42.98
C PRO C 149 -12.06 24.07 41.76
N GLU C 150 -11.49 23.38 40.77
CA GLU C 150 -10.95 24.02 39.56
C GLU C 150 -12.06 24.36 38.53
N SER C 151 -13.32 24.02 38.83
CA SER C 151 -14.44 24.25 37.91
C SER C 151 -15.16 25.57 38.18
N ASN C 152 -15.78 26.13 37.13
CA ASN C 152 -16.53 27.38 37.19
C ASN C 152 -18.03 27.12 37.48
N GLY C 153 -18.37 25.86 37.76
CA GLY C 153 -19.74 25.44 38.07
C GLY C 153 -20.65 25.31 36.87
N ARG C 154 -20.06 25.29 35.65
CA ARG C 154 -20.83 25.17 34.40
C ARG C 154 -20.46 23.87 33.67
N VAL C 155 -21.48 23.09 33.29
CA VAL C 155 -21.29 21.79 32.64
C VAL C 155 -21.97 21.75 31.27
N ALA C 156 -21.32 21.07 30.31
CA ALA C 156 -21.86 20.79 28.99
C ALA C 156 -21.74 19.30 28.72
N ALA C 157 -22.66 18.73 27.95
CA ALA C 157 -22.64 17.30 27.64
C ALA C 157 -22.51 17.08 26.13
N ILE C 158 -21.50 16.30 25.73
CA ILE C 158 -21.24 16.01 24.30
C ILE C 158 -21.02 14.49 24.15
N GLY C 159 -21.30 13.96 22.96
CA GLY C 159 -21.13 12.55 22.69
C GLY C 159 -21.83 12.08 21.44
N GLY C 160 -21.34 10.98 20.88
CA GLY C 160 -21.88 10.37 19.67
C GLY C 160 -22.52 9.02 19.89
N SER C 161 -23.56 8.70 19.08
CA SER C 161 -24.31 7.43 19.08
C SER C 161 -25.01 7.16 20.43
N TYR C 162 -24.46 6.24 21.26
CA TYR C 162 -24.98 5.94 22.60
C TYR C 162 -24.61 7.08 23.54
N GLU C 163 -23.41 7.65 23.34
CA GLU C 163 -22.91 8.81 24.10
C GLU C 163 -23.73 10.04 23.72
N GLY C 164 -24.37 9.99 22.54
CA GLY C 164 -25.29 11.01 22.06
C GLY C 164 -26.66 10.84 22.67
N TYR C 165 -27.05 9.56 22.91
CA TYR C 165 -28.32 9.20 23.55
C TYR C 165 -28.32 9.69 25.01
N THR C 166 -27.20 9.47 25.74
CA THR C 166 -27.02 9.91 27.12
C THR C 166 -26.97 11.44 27.18
N THR C 167 -26.36 12.08 26.15
CA THR C 167 -26.28 13.54 26.02
C THR C 167 -27.71 14.14 25.97
N LEU C 168 -28.62 13.50 25.21
CA LEU C 168 -30.01 13.93 25.09
C LEU C 168 -30.78 13.71 26.40
N MET C 169 -30.39 12.66 27.16
CA MET C 169 -31.02 12.34 28.44
C MET C 169 -30.68 13.38 29.52
N CYS C 170 -29.55 14.11 29.35
CA CYS C 170 -29.11 15.18 30.28
C CYS C 170 -30.12 16.37 30.26
N THR C 171 -30.83 16.57 29.12
CA THR C 171 -31.77 17.70 28.92
C THR C 171 -33.15 17.49 29.60
N ILE C 172 -33.44 16.27 30.10
CA ILE C 172 -34.70 15.97 30.80
C ILE C 172 -34.50 16.29 32.27
N ASN C 173 -35.36 17.19 32.85
CA ASN C 173 -35.22 17.71 34.23
C ASN C 173 -33.73 18.05 34.47
N PRO C 174 -33.18 19.00 33.68
CA PRO C 174 -31.73 19.21 33.74
C PRO C 174 -31.26 19.97 34.97
N HIS C 175 -30.05 19.63 35.43
CA HIS C 175 -29.38 20.29 36.54
C HIS C 175 -29.12 21.75 36.15
N PRO C 176 -29.30 22.74 37.07
CA PRO C 176 -29.08 24.15 36.70
C PRO C 176 -27.69 24.44 36.12
N ALA C 177 -26.68 23.59 36.43
CA ALA C 177 -25.30 23.77 35.96
C ALA C 177 -25.13 23.38 34.47
N LEU C 178 -26.06 22.58 33.89
CA LEU C 178 -25.99 22.19 32.46
C LEU C 178 -26.37 23.40 31.60
N LYS C 179 -25.42 23.85 30.73
CA LYS C 179 -25.59 25.06 29.94
C LYS C 179 -25.80 24.82 28.45
N ALA C 180 -25.33 23.67 27.92
CA ALA C 180 -25.43 23.33 26.49
C ALA C 180 -25.19 21.84 26.27
N VAL C 181 -25.65 21.32 25.11
CA VAL C 181 -25.43 19.92 24.73
C VAL C 181 -25.03 19.83 23.24
N VAL C 182 -24.16 18.85 22.92
CA VAL C 182 -23.74 18.61 21.53
C VAL C 182 -23.94 17.11 21.21
N PRO C 183 -25.17 16.69 20.83
CA PRO C 183 -25.39 15.28 20.51
C PRO C 183 -25.01 14.94 19.06
N PHE C 184 -23.96 14.13 18.88
CA PHE C 184 -23.50 13.66 17.57
C PHE C 184 -24.19 12.37 17.19
N ALA C 185 -24.60 12.22 15.92
CA ALA C 185 -25.19 11.00 15.34
C ALA C 185 -25.91 10.12 16.41
N SER C 186 -26.89 10.69 17.10
CA SER C 186 -27.57 10.08 18.23
C SER C 186 -28.47 8.89 17.91
N MET C 187 -28.62 7.99 18.90
CA MET C 187 -29.56 6.87 18.88
C MET C 187 -30.91 7.44 19.29
N VAL C 188 -31.84 7.60 18.34
CA VAL C 188 -33.14 8.21 18.59
C VAL C 188 -34.26 7.14 18.51
N ASP C 189 -34.33 6.41 17.37
CA ASP C 189 -35.32 5.37 17.18
C ASP C 189 -34.69 4.18 16.47
N GLY C 190 -34.29 3.19 17.26
CA GLY C 190 -33.63 1.97 16.79
C GLY C 190 -34.51 1.07 15.94
N TRP C 191 -35.84 1.30 15.94
CA TRP C 191 -36.77 0.50 15.15
C TRP C 191 -37.08 1.17 13.81
N MET C 192 -37.40 2.47 13.84
CA MET C 192 -37.78 3.23 12.65
C MET C 192 -36.67 3.33 11.61
N GLY C 193 -35.43 3.53 12.05
CA GLY C 193 -34.33 3.62 11.10
C GLY C 193 -32.95 3.88 11.67
N ASP C 194 -32.72 3.55 12.94
CA ASP C 194 -31.39 3.75 13.50
C ASP C 194 -30.58 2.43 13.55
N ASP C 195 -30.26 1.90 14.74
CA ASP C 195 -29.34 0.77 14.88
C ASP C 195 -29.91 -0.65 14.74
N TRP C 196 -31.09 -0.94 15.29
CA TRP C 196 -31.58 -2.33 15.32
C TRP C 196 -32.44 -2.71 14.12
N PHE C 197 -33.28 -1.79 13.65
CA PHE C 197 -34.17 -1.99 12.50
C PHE C 197 -34.23 -0.73 11.63
N HIS C 198 -34.57 -0.91 10.34
CA HIS C 198 -34.84 0.17 9.38
C HIS C 198 -36.21 -0.13 8.77
N MET C 199 -37.25 0.52 9.34
CA MET C 199 -38.66 0.35 8.96
C MET C 199 -39.10 -1.14 9.04
N GLY C 200 -38.72 -1.79 10.14
CA GLY C 200 -39.08 -3.18 10.41
C GLY C 200 -38.05 -4.22 10.06
N ALA C 201 -37.18 -3.93 9.07
CA ALA C 201 -36.14 -4.88 8.64
C ALA C 201 -35.02 -4.93 9.68
N PHE C 202 -34.86 -6.10 10.32
CA PHE C 202 -33.90 -6.32 11.41
C PHE C 202 -32.45 -6.33 10.94
N ARG C 203 -31.60 -5.55 11.63
CA ARG C 203 -30.16 -5.47 11.40
C ARG C 203 -29.47 -6.50 12.30
N GLN C 204 -29.58 -7.80 11.91
CA GLN C 204 -29.04 -8.94 12.66
C GLN C 204 -27.52 -8.83 12.92
N GLU C 205 -26.76 -8.33 11.92
CA GLU C 205 -25.30 -8.17 12.02
C GLU C 205 -24.93 -7.02 12.95
N ALA C 206 -25.77 -5.98 13.00
CA ALA C 206 -25.51 -4.80 13.83
C ALA C 206 -26.04 -4.97 15.26
N SER C 207 -26.95 -5.93 15.48
CA SER C 207 -27.57 -6.11 16.80
C SER C 207 -27.01 -7.29 17.60
N LEU C 208 -26.95 -8.50 17.00
CA LEU C 208 -26.55 -9.73 17.71
C LEU C 208 -25.12 -9.68 18.31
N PRO C 209 -24.03 -9.41 17.53
CA PRO C 209 -22.69 -9.37 18.16
C PRO C 209 -22.57 -8.24 19.18
N TYR C 210 -23.22 -7.09 18.90
CA TYR C 210 -23.24 -5.93 19.81
C TYR C 210 -23.84 -6.31 21.17
N ALA C 211 -25.06 -6.93 21.17
CA ALA C 211 -25.76 -7.36 22.37
C ALA C 211 -24.92 -8.40 23.15
N TYR C 212 -24.27 -9.33 22.43
CA TYR C 212 -23.43 -10.36 23.03
C TYR C 212 -22.27 -9.71 23.82
N ASN C 213 -21.44 -8.88 23.15
CA ASN C 213 -20.27 -8.23 23.75
C ASN C 213 -20.65 -7.28 24.88
N GLN C 214 -21.69 -6.46 24.68
CA GLN C 214 -22.11 -5.46 25.66
C GLN C 214 -22.94 -6.02 26.82
N GLU C 215 -23.55 -7.22 26.68
CA GLU C 215 -24.45 -7.72 27.74
C GLU C 215 -24.13 -9.12 28.32
N ALA C 216 -23.11 -9.84 27.78
CA ALA C 216 -22.75 -11.15 28.35
C ALA C 216 -22.12 -10.95 29.73
N THR C 217 -21.28 -9.91 29.88
CA THR C 217 -20.61 -9.53 31.13
C THR C 217 -20.63 -8.01 31.30
N ARG C 218 -20.40 -7.52 32.54
CA ARG C 218 -20.35 -6.10 32.88
C ARG C 218 -19.15 -5.41 32.20
N LYS C 219 -17.99 -6.09 32.19
CA LYS C 219 -16.74 -5.53 31.70
C LYS C 219 -16.30 -6.11 30.33
N ASN C 220 -17.26 -6.61 29.50
CA ASN C 220 -16.99 -7.18 28.16
C ASN C 220 -15.83 -8.21 28.20
N GLU C 221 -15.91 -9.15 29.16
CA GLU C 221 -14.89 -10.18 29.34
C GLU C 221 -15.14 -11.37 28.41
N ILE C 222 -16.39 -11.51 27.90
CA ILE C 222 -16.78 -12.57 26.98
C ILE C 222 -17.18 -11.92 25.65
N LYS C 223 -16.43 -12.20 24.57
CA LYS C 223 -16.69 -11.58 23.27
C LYS C 223 -17.16 -12.60 22.23
N TRP C 224 -17.96 -12.11 21.25
CA TRP C 224 -18.57 -12.88 20.16
C TRP C 224 -17.52 -13.69 19.38
N TRP C 225 -17.71 -15.03 19.34
CA TRP C 225 -16.82 -15.94 18.63
C TRP C 225 -17.31 -16.14 17.19
N SER C 226 -16.42 -16.57 16.29
CA SER C 226 -16.74 -16.75 14.89
C SER C 226 -16.19 -18.07 14.36
N GLY C 227 -16.93 -18.70 13.46
CA GLY C 227 -16.52 -19.94 12.80
C GLY C 227 -16.33 -19.78 11.31
N SER C 228 -16.51 -18.54 10.79
CA SER C 228 -16.41 -18.24 9.37
C SER C 228 -15.98 -16.79 9.14
N TYR C 229 -14.98 -16.59 8.26
CA TYR C 229 -14.47 -15.25 7.91
C TYR C 229 -15.55 -14.43 7.15
N ASP C 230 -16.30 -15.09 6.25
CA ASP C 230 -17.38 -14.46 5.50
C ASP C 230 -18.67 -14.56 6.31
N THR C 231 -19.21 -13.41 6.76
CA THR C 231 -20.43 -13.37 7.58
C THR C 231 -21.67 -13.72 6.75
N TYR C 232 -21.64 -13.48 5.42
CA TYR C 232 -22.73 -13.81 4.49
C TYR C 232 -23.05 -15.31 4.60
N ASP C 233 -22.01 -16.17 4.54
CA ASP C 233 -22.17 -17.62 4.62
C ASP C 233 -22.66 -18.05 6.02
N ALA C 234 -22.12 -17.45 7.10
CA ALA C 234 -22.48 -17.78 8.48
C ALA C 234 -23.96 -17.50 8.79
N TYR C 235 -24.46 -16.28 8.44
CA TYR C 235 -25.85 -15.91 8.72
C TYR C 235 -26.84 -16.66 7.80
N LEU C 236 -26.43 -17.01 6.56
CA LEU C 236 -27.29 -17.76 5.62
C LEU C 236 -27.49 -19.20 6.08
N ARG C 237 -26.42 -19.84 6.59
CA ARG C 237 -26.45 -21.22 7.11
C ARG C 237 -27.38 -21.35 8.33
N ALA C 238 -27.42 -20.30 9.18
CA ALA C 238 -28.27 -20.24 10.37
C ALA C 238 -29.76 -20.16 10.00
N GLY C 239 -30.07 -19.59 8.84
CA GLY C 239 -31.44 -19.47 8.34
C GLY C 239 -32.16 -18.23 8.80
N ASN C 240 -32.22 -18.01 10.12
CA ASN C 240 -32.89 -16.85 10.71
C ASN C 240 -32.08 -16.30 11.90
N ALA C 241 -32.44 -15.09 12.37
CA ALA C 241 -31.75 -14.39 13.46
C ALA C 241 -31.81 -15.15 14.80
N GLY C 242 -32.94 -15.81 15.05
CA GLY C 242 -33.17 -16.61 16.24
C GLY C 242 -32.19 -17.76 16.39
N ALA C 243 -31.90 -18.47 15.28
CA ALA C 243 -30.96 -19.59 15.26
C ALA C 243 -29.50 -19.11 15.45
N MET C 244 -29.17 -17.91 14.93
CA MET C 244 -27.84 -17.32 15.10
C MET C 244 -27.61 -16.93 16.57
N ALA C 245 -28.66 -16.35 17.21
CA ALA C 245 -28.62 -15.97 18.62
C ALA C 245 -28.53 -17.21 19.52
N ALA C 246 -29.28 -18.29 19.15
CA ALA C 246 -29.27 -19.56 19.87
C ALA C 246 -27.92 -20.27 19.75
N SER C 247 -27.26 -20.18 18.57
CA SER C 247 -25.95 -20.80 18.32
C SER C 247 -24.85 -20.19 19.23
N ARG C 248 -25.11 -18.99 19.80
CA ARG C 248 -24.20 -18.33 20.73
C ARG C 248 -24.75 -18.38 22.17
N GLY C 249 -25.91 -19.04 22.35
CA GLY C 249 -26.57 -19.20 23.64
C GLY C 249 -27.01 -17.89 24.26
N MET C 250 -27.61 -17.01 23.44
CA MET C 250 -28.03 -15.66 23.83
C MET C 250 -29.44 -15.60 24.47
N GLU C 251 -30.04 -16.76 24.78
CA GLU C 251 -31.39 -16.86 25.38
C GLU C 251 -31.52 -16.02 26.66
N SER C 252 -30.42 -15.93 27.46
CA SER C 252 -30.39 -15.19 28.73
C SER C 252 -29.96 -13.72 28.57
N ILE C 253 -29.66 -13.27 27.33
CA ILE C 253 -29.27 -11.88 27.07
C ILE C 253 -30.54 -11.03 26.98
N GLY C 254 -30.66 -10.07 27.91
CA GLY C 254 -31.81 -9.19 28.06
C GLY C 254 -32.26 -8.44 26.82
N PHE C 255 -31.31 -7.82 26.07
CA PHE C 255 -31.68 -7.06 24.86
C PHE C 255 -32.16 -7.98 23.75
N TRP C 256 -31.61 -9.21 23.65
CA TRP C 256 -32.09 -10.17 22.65
C TRP C 256 -33.52 -10.61 22.99
N LYS C 257 -33.83 -10.76 24.30
CA LYS C 257 -35.18 -11.11 24.78
C LYS C 257 -36.17 -10.03 24.34
N LYS C 258 -35.77 -8.74 24.47
CA LYS C 258 -36.57 -7.58 24.09
C LYS C 258 -36.75 -7.49 22.57
N LEU C 259 -35.66 -7.76 21.79
CA LEU C 259 -35.70 -7.74 20.31
C LEU C 259 -36.61 -8.85 19.76
N ALA C 260 -36.49 -10.06 20.32
CA ALA C 260 -37.29 -11.22 19.91
C ALA C 260 -38.77 -11.07 20.26
N ALA C 261 -39.07 -10.41 21.41
CA ALA C 261 -40.45 -10.22 21.89
C ALA C 261 -41.13 -9.01 21.25
N HIS C 262 -40.34 -8.02 20.76
CA HIS C 262 -40.91 -6.83 20.13
C HIS C 262 -40.35 -6.62 18.69
N PRO C 263 -40.75 -7.47 17.70
CA PRO C 263 -40.24 -7.27 16.33
C PRO C 263 -40.96 -6.12 15.61
N SER C 264 -42.18 -5.79 16.03
CA SER C 264 -42.98 -4.71 15.44
C SER C 264 -42.83 -3.42 16.26
N TYR C 265 -43.31 -2.29 15.72
CA TYR C 265 -43.23 -0.99 16.39
C TYR C 265 -44.39 -0.85 17.42
N ASP C 266 -44.41 -1.76 18.41
CA ASP C 266 -45.42 -1.79 19.47
C ASP C 266 -45.16 -0.69 20.52
N SER C 267 -45.81 -0.79 21.70
CA SER C 267 -45.66 0.19 22.79
C SER C 267 -44.20 0.30 23.29
N PHE C 268 -43.45 -0.82 23.29
CA PHE C 268 -42.05 -0.87 23.74
C PHE C 268 -41.15 0.10 22.95
N TRP C 269 -41.25 0.10 21.60
CA TRP C 269 -40.44 0.97 20.75
C TRP C 269 -41.04 2.39 20.65
N GLN C 270 -42.40 2.50 20.67
CA GLN C 270 -43.10 3.79 20.60
C GLN C 270 -42.72 4.70 21.76
N GLN C 271 -42.78 4.17 23.01
CA GLN C 271 -42.46 4.90 24.25
C GLN C 271 -40.98 5.27 24.37
N GLN C 272 -40.11 4.62 23.59
CA GLN C 272 -38.66 4.83 23.67
C GLN C 272 -38.13 5.84 22.64
N ALA C 273 -38.91 6.11 21.55
CA ALA C 273 -38.54 7.06 20.50
C ALA C 273 -38.14 8.41 21.10
N MET C 274 -36.83 8.76 21.01
CA MET C 274 -36.27 9.97 21.61
C MET C 274 -36.87 11.26 21.03
N ASP C 275 -37.17 11.28 19.72
CA ASP C 275 -37.78 12.45 19.06
C ASP C 275 -39.20 12.69 19.60
N LYS C 276 -39.96 11.60 19.82
CA LYS C 276 -41.32 11.64 20.38
C LYS C 276 -41.26 12.06 21.86
N MET C 277 -40.30 11.51 22.62
CA MET C 277 -40.09 11.78 24.04
C MET C 277 -39.69 13.25 24.28
N LEU C 278 -38.64 13.73 23.58
CA LEU C 278 -38.12 15.10 23.73
C LEU C 278 -39.14 16.17 23.34
N ALA C 279 -40.06 15.83 22.41
CA ALA C 279 -41.14 16.74 21.98
C ALA C 279 -42.20 16.89 23.08
N GLN C 280 -42.36 15.85 23.95
CA GLN C 280 -43.33 15.83 25.06
C GLN C 280 -42.70 16.41 26.36
N HIS C 281 -41.53 17.07 26.23
CA HIS C 281 -40.82 17.67 27.36
C HIS C 281 -40.40 19.11 27.04
N PRO C 282 -40.32 20.03 28.04
CA PRO C 282 -39.88 21.39 27.75
C PRO C 282 -38.42 21.43 27.27
N LEU C 283 -38.13 22.31 26.30
CA LEU C 283 -36.78 22.47 25.72
C LEU C 283 -36.15 23.75 26.30
N THR C 284 -35.12 23.58 27.16
CA THR C 284 -34.45 24.70 27.83
C THR C 284 -32.95 24.70 27.59
N VAL C 285 -32.36 23.52 27.34
CA VAL C 285 -30.92 23.38 27.12
C VAL C 285 -30.58 23.64 25.63
N PRO C 286 -29.70 24.64 25.34
CA PRO C 286 -29.28 24.86 23.94
C PRO C 286 -28.67 23.58 23.34
N MET C 287 -29.08 23.25 22.11
CA MET C 287 -28.69 22.00 21.46
C MET C 287 -28.04 22.22 20.10
N LEU C 288 -26.91 21.54 19.87
CA LEU C 288 -26.20 21.55 18.59
C LEU C 288 -26.24 20.12 18.02
N ILE C 289 -27.29 19.83 17.22
CA ILE C 289 -27.52 18.51 16.61
C ILE C 289 -26.53 18.33 15.45
N VAL C 290 -25.65 17.31 15.55
CA VAL C 290 -24.61 17.06 14.54
C VAL C 290 -24.85 15.70 13.87
N GLY C 291 -25.25 15.75 12.60
CA GLY C 291 -25.54 14.56 11.81
C GLY C 291 -24.68 14.41 10.57
N GLY C 292 -24.55 13.16 10.12
CA GLY C 292 -23.77 12.80 8.94
C GLY C 292 -24.65 12.28 7.83
N LEU C 293 -24.34 12.69 6.59
CA LEU C 293 -25.09 12.30 5.39
C LEU C 293 -24.94 10.81 5.08
N PHE C 294 -23.75 10.25 5.38
CA PHE C 294 -23.45 8.85 5.09
C PHE C 294 -23.23 8.03 6.37
N ASP C 295 -24.02 8.35 7.42
CA ASP C 295 -23.97 7.64 8.71
C ASP C 295 -24.52 6.22 8.53
N GLN C 296 -23.64 5.21 8.60
CA GLN C 296 -23.99 3.80 8.39
C GLN C 296 -24.62 3.13 9.65
N GLU C 297 -24.82 3.91 10.74
CA GLU C 297 -25.38 3.37 11.98
C GLU C 297 -26.64 4.12 12.44
N ASP C 298 -26.61 5.47 12.43
CA ASP C 298 -27.73 6.32 12.89
C ASP C 298 -28.05 7.43 11.90
N ILE C 299 -28.59 7.07 10.73
CA ILE C 299 -28.91 8.01 9.65
C ILE C 299 -30.32 8.68 9.85
N TYR C 300 -31.16 8.07 10.69
CA TYR C 300 -32.53 8.55 10.97
C TYR C 300 -32.55 9.59 12.10
N GLY C 301 -31.80 9.32 13.16
CA GLY C 301 -31.76 10.10 14.40
C GLY C 301 -31.70 11.62 14.33
N SER C 302 -30.53 12.17 14.00
CA SER C 302 -30.26 13.61 13.96
C SER C 302 -31.25 14.45 13.11
N PRO C 303 -31.61 14.11 11.84
CA PRO C 303 -32.57 14.97 11.10
C PRO C 303 -33.98 14.92 11.68
N LYS C 304 -34.40 13.76 12.23
CA LYS C 304 -35.73 13.61 12.85
C LYS C 304 -35.80 14.43 14.14
N LEU C 305 -34.66 14.53 14.84
CA LEU C 305 -34.51 15.28 16.07
C LEU C 305 -34.75 16.78 15.83
N TYR C 306 -34.18 17.34 14.74
CA TYR C 306 -34.37 18.76 14.41
C TYR C 306 -35.82 19.01 13.98
N LYS C 307 -36.41 18.09 13.19
CA LYS C 307 -37.77 18.18 12.64
C LYS C 307 -38.85 18.40 13.74
N VAL C 308 -38.74 17.71 14.89
CA VAL C 308 -39.73 17.82 15.97
C VAL C 308 -39.34 18.86 17.05
N LEU C 309 -38.03 19.20 17.15
CA LEU C 309 -37.55 20.15 18.15
C LEU C 309 -37.51 21.60 17.64
N ALA C 310 -37.45 21.79 16.30
CA ALA C 310 -37.43 23.12 15.68
C ALA C 310 -38.73 23.91 15.95
N PRO C 311 -39.97 23.34 15.87
CA PRO C 311 -41.18 24.15 16.17
C PRO C 311 -41.27 24.56 17.64
N LYS C 312 -40.57 23.84 18.54
CA LYS C 312 -40.51 24.14 19.98
C LYS C 312 -39.59 25.35 20.24
N ASP C 313 -38.72 25.67 19.26
CA ASP C 313 -37.81 26.81 19.26
C ASP C 313 -38.11 27.63 17.96
N PRO C 314 -39.24 28.39 17.92
CA PRO C 314 -39.62 29.08 16.68
C PRO C 314 -38.55 30.00 16.09
N GLU C 315 -37.84 30.77 16.95
CA GLU C 315 -36.79 31.67 16.48
C GLU C 315 -35.52 30.87 16.09
N GLY C 316 -34.74 30.50 17.10
CA GLY C 316 -33.49 29.77 16.94
C GLY C 316 -32.50 30.08 18.04
N LYS C 317 -33.01 30.22 19.28
CA LYS C 317 -32.20 30.54 20.45
C LYS C 317 -31.59 29.28 21.10
N LEU C 318 -32.11 28.09 20.76
CA LEU C 318 -31.65 26.85 21.38
C LEU C 318 -31.23 25.77 20.35
N VAL C 319 -32.15 25.38 19.45
CA VAL C 319 -31.94 24.30 18.48
C VAL C 319 -31.13 24.75 17.25
N HIS C 320 -30.05 24.02 16.95
CA HIS C 320 -29.19 24.20 15.78
C HIS C 320 -28.89 22.84 15.18
N PHE C 321 -28.99 22.70 13.85
CA PHE C 321 -28.76 21.43 13.16
C PHE C 321 -27.58 21.55 12.19
N VAL C 322 -26.63 20.62 12.31
CA VAL C 322 -25.45 20.54 11.46
C VAL C 322 -25.46 19.20 10.72
N LEU C 323 -25.37 19.23 9.38
CA LEU C 323 -25.37 18.03 8.55
C LEU C 323 -24.13 18.04 7.62
N GLY C 324 -23.09 17.29 8.01
CA GLY C 324 -21.84 17.21 7.27
C GLY C 324 -21.72 16.00 6.37
N PRO C 325 -20.63 15.89 5.54
CA PRO C 325 -20.48 14.73 4.65
C PRO C 325 -19.75 13.62 5.39
N TRP C 326 -20.35 13.15 6.46
CA TRP C 326 -19.69 12.24 7.38
C TRP C 326 -20.31 10.89 7.49
N ASN C 327 -19.46 9.89 7.82
CA ASN C 327 -19.92 8.57 8.18
C ASN C 327 -20.28 8.63 9.67
N HIS C 328 -20.53 7.50 10.31
CA HIS C 328 -20.96 7.48 11.70
C HIS C 328 -20.05 8.29 12.69
N GLY C 329 -18.73 8.15 12.58
CA GLY C 329 -17.82 8.82 13.50
C GLY C 329 -17.00 9.99 13.01
N GLN C 330 -17.13 10.36 11.72
CA GLN C 330 -16.32 11.44 11.10
C GLN C 330 -16.60 12.85 11.65
N GLY C 331 -17.79 13.08 12.20
CA GLY C 331 -18.12 14.35 12.83
C GLY C 331 -17.32 14.57 14.09
N ARG C 332 -16.85 13.46 14.70
CA ARG C 332 -16.06 13.43 15.94
C ARG C 332 -14.55 13.23 15.66
N ARG C 333 -14.13 13.17 14.38
CA ARG C 333 -12.72 13.02 14.03
C ARG C 333 -12.38 13.80 12.73
N ASP C 334 -11.30 13.42 12.03
CA ASP C 334 -10.90 14.04 10.75
C ASP C 334 -11.82 13.52 9.64
N ALA C 335 -12.16 14.39 8.67
CA ALA C 335 -13.04 13.98 7.57
C ALA C 335 -12.71 14.75 6.27
N ARG C 336 -11.55 14.40 5.68
CA ARG C 336 -11.08 15.00 4.43
C ARG C 336 -11.64 14.23 3.24
N SER C 337 -12.00 12.96 3.46
CA SER C 337 -12.52 12.07 2.42
C SER C 337 -13.36 10.93 3.04
N LEU C 338 -14.10 10.21 2.19
CA LEU C 338 -14.89 9.04 2.58
C LEU C 338 -14.94 8.08 1.40
N GLY C 339 -14.10 7.06 1.46
CA GLY C 339 -13.91 6.12 0.37
C GLY C 339 -13.22 6.83 -0.77
N PRO C 340 -13.80 6.82 -2.00
CA PRO C 340 -13.16 7.55 -3.11
C PRO C 340 -13.59 9.02 -3.20
N LEU C 341 -14.57 9.45 -2.38
CA LEU C 341 -15.04 10.84 -2.39
C LEU C 341 -14.06 11.73 -1.63
N GLN C 342 -13.74 12.90 -2.18
CA GLN C 342 -12.82 13.83 -1.52
C GLN C 342 -13.50 15.16 -1.26
N PHE C 343 -13.46 15.61 0.00
CA PHE C 343 -14.10 16.84 0.41
C PHE C 343 -13.08 17.98 0.55
N GLU C 344 -13.56 19.24 0.56
CA GLU C 344 -12.69 20.42 0.64
C GLU C 344 -12.12 20.61 2.06
N GLY C 345 -11.03 19.89 2.33
CA GLY C 345 -10.32 19.96 3.61
C GLY C 345 -10.95 19.10 4.69
N ASP C 346 -10.43 19.21 5.92
CA ASP C 346 -10.94 18.48 7.07
C ASP C 346 -12.25 19.12 7.54
N THR C 347 -13.38 18.58 7.09
CA THR C 347 -14.72 19.08 7.40
C THR C 347 -15.06 18.89 8.89
N GLY C 348 -14.65 17.76 9.47
CA GLY C 348 -14.87 17.43 10.88
C GLY C 348 -14.12 18.35 11.82
N GLY C 349 -12.83 18.53 11.53
CA GLY C 349 -11.95 19.43 12.28
C GLY C 349 -12.39 20.88 12.15
N TRP C 350 -12.81 21.28 10.93
CA TRP C 350 -13.32 22.63 10.65
C TRP C 350 -14.59 22.90 11.46
N PHE C 351 -15.49 21.90 11.57
CA PHE C 351 -16.74 22.06 12.30
C PHE C 351 -16.51 22.28 13.80
N ARG C 352 -15.69 21.44 14.44
CA ARG C 352 -15.45 21.51 15.88
C ARG C 352 -14.72 22.80 16.27
N ARG C 353 -13.76 23.25 15.46
CA ARG C 353 -12.99 24.46 15.73
C ARG C 353 -13.77 25.74 15.47
N ASN C 354 -14.61 25.77 14.42
CA ASN C 354 -15.29 26.99 14.00
C ASN C 354 -16.78 27.07 14.38
N VAL C 355 -17.39 25.95 14.81
CA VAL C 355 -18.82 25.98 15.16
C VAL C 355 -19.05 25.46 16.59
N MET C 356 -18.56 24.22 16.89
CA MET C 356 -18.77 23.61 18.20
C MET C 356 -18.07 24.37 19.35
N GLN C 357 -16.77 24.66 19.22
CA GLN C 357 -16.03 25.35 20.29
C GLN C 357 -16.59 26.78 20.54
N PRO C 358 -16.87 27.63 19.51
CA PRO C 358 -17.47 28.95 19.80
C PRO C 358 -18.87 28.84 20.44
N PHE C 359 -19.63 27.78 20.10
CA PHE C 359 -20.96 27.49 20.67
C PHE C 359 -20.82 27.19 22.17
N LEU C 360 -19.90 26.26 22.54
CA LEU C 360 -19.65 25.86 23.92
C LEU C 360 -19.08 27.00 24.76
N ASP C 361 -18.07 27.74 24.22
CA ASP C 361 -17.43 28.86 24.92
C ASP C 361 -18.41 29.99 25.26
N HIS C 362 -19.45 30.19 24.44
CA HIS C 362 -20.46 31.23 24.68
C HIS C 362 -21.34 30.88 25.91
N TYR C 363 -21.82 29.62 26.00
CA TYR C 363 -22.68 29.23 27.12
C TYR C 363 -21.89 28.83 28.36
N LEU C 364 -20.60 28.48 28.21
CA LEU C 364 -19.81 28.02 29.36
C LEU C 364 -18.82 29.06 29.89
N LYS C 365 -18.29 29.94 29.02
CA LYS C 365 -17.29 30.93 29.45
C LYS C 365 -17.72 32.38 29.15
N ASP C 366 -19.00 32.59 28.78
CA ASP C 366 -19.59 33.91 28.46
C ASP C 366 -18.86 34.62 27.28
N ALA C 367 -18.27 33.82 26.36
CA ALA C 367 -17.58 34.33 25.17
C ALA C 367 -18.58 34.92 24.15
N PRO C 368 -18.15 35.83 23.22
CA PRO C 368 -19.12 36.39 22.25
C PRO C 368 -19.88 35.32 21.48
N LYS C 369 -21.21 35.48 21.35
CA LYS C 369 -22.06 34.52 20.66
C LYS C 369 -21.86 34.59 19.15
N LEU C 370 -21.30 33.51 18.58
CA LEU C 370 -21.09 33.39 17.15
C LEU C 370 -22.43 33.17 16.47
N ASP C 371 -22.68 33.86 15.35
CA ASP C 371 -23.93 33.71 14.60
C ASP C 371 -23.92 32.36 13.87
N ILE C 372 -24.59 31.37 14.46
CA ILE C 372 -24.71 30.02 13.89
C ILE C 372 -26.08 29.92 13.22
N PRO C 373 -26.18 29.43 11.95
CA PRO C 373 -27.50 29.33 11.32
C PRO C 373 -28.34 28.22 11.95
N ARG C 374 -29.66 28.24 11.72
CA ARG C 374 -30.56 27.20 12.24
C ARG C 374 -30.16 25.84 11.64
N VAL C 375 -29.78 25.84 10.35
CA VAL C 375 -29.34 24.64 9.63
C VAL C 375 -28.00 24.94 8.91
N LEU C 376 -26.96 24.15 9.22
CA LEU C 376 -25.65 24.23 8.55
C LEU C 376 -25.43 22.93 7.80
N SER C 377 -25.58 22.98 6.46
CA SER C 377 -25.52 21.79 5.61
C SER C 377 -24.35 21.82 4.61
N TYR C 378 -23.61 20.70 4.52
CA TYR C 378 -22.52 20.54 3.55
C TYR C 378 -23.06 19.86 2.30
N GLU C 379 -23.02 20.56 1.16
CA GLU C 379 -23.51 20.02 -0.11
C GLU C 379 -22.43 19.24 -0.83
N THR C 380 -22.63 17.92 -0.99
CA THR C 380 -21.70 17.05 -1.72
C THR C 380 -21.83 17.36 -3.22
N GLY C 381 -20.80 17.00 -3.99
CA GLY C 381 -20.74 17.31 -5.41
C GLY C 381 -20.20 18.72 -5.62
N ALA C 382 -20.86 19.72 -4.99
CA ALA C 382 -20.45 21.13 -5.04
C ALA C 382 -19.34 21.42 -4.02
N ASN C 383 -19.27 20.59 -2.94
CA ASN C 383 -18.28 20.67 -1.85
C ASN C 383 -18.31 22.04 -1.13
N ALA C 384 -19.51 22.45 -0.66
CA ALA C 384 -19.66 23.74 0.02
C ALA C 384 -20.60 23.67 1.22
N TRP C 385 -20.26 24.42 2.27
CA TRP C 385 -21.08 24.57 3.47
C TRP C 385 -22.10 25.67 3.21
N HIS C 386 -23.39 25.41 3.49
CA HIS C 386 -24.46 26.39 3.27
C HIS C 386 -25.18 26.76 4.55
N ARG C 387 -25.47 28.05 4.71
CA ARG C 387 -26.25 28.57 5.83
C ARG C 387 -27.72 28.53 5.43
N TYR C 388 -28.51 27.66 6.08
CA TYR C 388 -29.93 27.51 5.76
C TYR C 388 -30.83 27.92 6.94
N ASP C 389 -32.05 28.40 6.64
CA ASP C 389 -33.04 28.82 7.65
C ASP C 389 -33.87 27.63 8.12
N ASP C 390 -34.09 26.64 7.22
CA ASP C 390 -34.88 25.44 7.48
C ASP C 390 -34.27 24.23 6.80
N TRP C 391 -34.75 23.03 7.15
CA TRP C 391 -34.34 21.80 6.50
C TRP C 391 -35.59 20.99 6.09
N PRO C 392 -35.91 20.90 4.77
CA PRO C 392 -35.16 21.42 3.60
C PRO C 392 -35.30 22.95 3.44
N PRO C 393 -34.41 23.60 2.64
CA PRO C 393 -34.52 25.05 2.46
C PRO C 393 -35.69 25.44 1.54
N GLU C 394 -36.25 26.64 1.75
CA GLU C 394 -37.36 27.17 0.97
C GLU C 394 -36.88 27.75 -0.36
N HIS C 402 -38.32 23.49 -4.64
CA HIS C 402 -39.49 22.96 -5.33
C HIS C 402 -39.52 21.42 -5.28
N TYR C 403 -40.70 20.87 -4.95
CA TYR C 403 -40.93 19.41 -4.85
C TYR C 403 -41.24 18.85 -6.24
N CYS C 404 -40.54 17.75 -6.64
CA CYS C 404 -40.71 17.13 -7.97
C CYS C 404 -40.74 15.61 -7.89
N ASP C 405 -41.38 14.97 -8.89
CA ASP C 405 -41.48 13.51 -9.02
C ASP C 405 -40.52 13.02 -10.10
N LEU C 406 -39.66 12.06 -9.76
CA LEU C 406 -38.70 11.44 -10.68
C LEU C 406 -39.15 10.00 -10.94
N TYR C 407 -39.96 9.82 -12.00
CA TYR C 407 -40.63 8.57 -12.37
C TYR C 407 -39.71 7.52 -12.98
N VAL C 408 -39.95 6.25 -12.61
CA VAL C 408 -39.28 5.11 -13.23
C VAL C 408 -40.01 4.85 -14.57
N GLN C 409 -39.25 4.74 -15.67
CA GLN C 409 -39.84 4.61 -17.01
C GLN C 409 -39.39 3.33 -17.71
N GLU C 410 -39.93 3.11 -18.92
CA GLU C 410 -39.62 1.97 -19.78
C GLU C 410 -38.17 2.01 -20.29
N ASP C 411 -37.62 0.84 -20.69
CA ASP C 411 -36.26 0.65 -21.22
C ASP C 411 -35.18 1.10 -20.20
N GLY C 412 -35.47 0.91 -18.91
CA GLY C 412 -34.58 1.25 -17.81
C GLY C 412 -34.30 2.75 -17.69
N LYS C 413 -35.29 3.59 -18.04
CA LYS C 413 -35.13 5.04 -17.97
C LYS C 413 -35.66 5.62 -16.66
N LEU C 414 -35.17 6.81 -16.32
CA LEU C 414 -35.58 7.58 -15.15
C LEU C 414 -35.78 9.03 -15.59
N GLY C 415 -36.98 9.57 -15.35
CA GLY C 415 -37.29 10.92 -15.80
C GLY C 415 -38.42 11.62 -15.09
N PHE C 416 -38.70 12.86 -15.52
CA PHE C 416 -39.74 13.71 -14.95
C PHE C 416 -41.08 13.60 -15.70
N GLU C 417 -41.09 12.85 -16.83
CA GLU C 417 -42.30 12.63 -17.62
C GLU C 417 -43.13 11.49 -17.00
N MET C 418 -44.39 11.79 -16.63
CA MET C 418 -45.30 10.83 -16.01
C MET C 418 -45.73 9.76 -17.04
N PRO C 419 -45.66 8.45 -16.70
CA PRO C 419 -46.07 7.42 -17.67
C PRO C 419 -47.58 7.45 -17.93
N ALA C 420 -47.98 7.42 -19.21
CA ALA C 420 -49.38 7.45 -19.61
C ALA C 420 -49.89 6.02 -19.90
N ALA C 421 -49.06 5.01 -19.59
CA ALA C 421 -49.32 3.59 -19.82
C ALA C 421 -50.52 3.05 -19.04
N LYS C 422 -51.12 1.96 -19.55
CA LYS C 422 -52.26 1.26 -18.95
C LYS C 422 -51.75 0.07 -18.12
N GLN C 423 -50.86 -0.74 -18.70
CA GLN C 423 -50.24 -1.89 -18.04
C GLN C 423 -48.75 -1.95 -18.40
N ALA C 424 -47.90 -1.46 -17.49
CA ALA C 424 -46.45 -1.43 -17.65
C ALA C 424 -45.76 -1.63 -16.30
N PHE C 425 -44.83 -2.58 -16.25
CA PHE C 425 -44.09 -2.92 -15.03
C PHE C 425 -42.75 -3.57 -15.36
N ASP C 426 -41.81 -3.51 -14.42
CA ASP C 426 -40.52 -4.16 -14.53
C ASP C 426 -40.51 -5.35 -13.57
N GLU C 427 -40.08 -6.52 -14.07
CA GLU C 427 -40.17 -7.77 -13.31
C GLU C 427 -38.81 -8.40 -13.01
N TYR C 428 -38.72 -9.04 -11.82
CA TYR C 428 -37.56 -9.82 -11.39
C TYR C 428 -38.01 -10.90 -10.39
N VAL C 429 -37.21 -11.96 -10.24
CA VAL C 429 -37.49 -13.03 -9.28
C VAL C 429 -36.53 -12.87 -8.10
N SER C 430 -37.07 -12.77 -6.88
CA SER C 430 -36.28 -12.65 -5.66
C SER C 430 -36.19 -14.02 -4.98
N ASP C 431 -34.97 -14.56 -4.83
CA ASP C 431 -34.74 -15.87 -4.23
C ASP C 431 -34.10 -15.72 -2.83
N PRO C 432 -34.78 -16.15 -1.75
CA PRO C 432 -34.19 -16.04 -0.40
C PRO C 432 -33.01 -17.00 -0.19
N ALA C 433 -32.90 -18.06 -1.01
CA ALA C 433 -31.78 -19.01 -0.94
C ALA C 433 -30.48 -18.35 -1.46
N LYS C 434 -30.62 -17.30 -2.28
CA LYS C 434 -29.51 -16.51 -2.83
C LYS C 434 -29.77 -15.01 -2.57
N PRO C 435 -29.70 -14.53 -1.30
CA PRO C 435 -29.97 -13.11 -1.06
C PRO C 435 -28.90 -12.21 -1.67
N VAL C 436 -29.29 -10.98 -2.04
CA VAL C 436 -28.37 -10.02 -2.66
C VAL C 436 -27.37 -9.51 -1.60
N PRO C 437 -26.05 -9.70 -1.81
CA PRO C 437 -25.08 -9.22 -0.83
C PRO C 437 -25.09 -7.69 -0.74
N TYR C 438 -25.22 -7.13 0.49
CA TYR C 438 -25.27 -5.67 0.70
C TYR C 438 -23.95 -5.01 0.25
N ARG C 439 -22.85 -5.78 0.29
CA ARG C 439 -21.52 -5.39 -0.17
C ARG C 439 -20.88 -6.55 -0.90
N GLN C 440 -19.79 -6.29 -1.65
CA GLN C 440 -19.04 -7.35 -2.32
C GLN C 440 -18.38 -8.24 -1.27
N ARG C 441 -18.52 -9.56 -1.42
CA ARG C 441 -18.00 -10.53 -0.48
C ARG C 441 -16.46 -10.68 -0.57
N PRO C 442 -15.76 -11.09 0.52
CA PRO C 442 -16.29 -11.49 1.84
C PRO C 442 -16.83 -10.33 2.66
N THR C 443 -17.96 -10.55 3.34
CA THR C 443 -18.50 -9.54 4.24
C THR C 443 -17.97 -9.87 5.63
N ILE C 444 -17.43 -8.86 6.32
CA ILE C 444 -16.82 -9.07 7.65
C ILE C 444 -17.48 -8.17 8.71
N PRO C 445 -17.34 -8.48 10.02
CA PRO C 445 -17.94 -7.60 11.04
C PRO C 445 -17.36 -6.19 11.04
N SER C 446 -18.16 -5.23 11.53
CA SER C 446 -17.82 -3.81 11.59
C SER C 446 -16.59 -3.53 12.46
N TYR C 447 -16.34 -4.36 13.47
CA TYR C 447 -15.23 -4.20 14.41
C TYR C 447 -13.93 -4.89 13.94
N ALA C 448 -13.97 -5.64 12.82
CA ALA C 448 -12.76 -6.31 12.28
C ALA C 448 -11.71 -5.28 11.89
N ALA C 449 -10.42 -5.61 12.09
CA ALA C 449 -9.27 -4.73 11.85
C ALA C 449 -9.23 -4.14 10.43
N GLU C 450 -9.63 -4.92 9.41
CA GLU C 450 -9.57 -4.50 8.00
C GLU C 450 -10.96 -4.06 7.46
N SER C 451 -11.92 -3.76 8.35
CA SER C 451 -13.29 -3.36 7.99
C SER C 451 -13.36 -1.97 7.35
N THR C 452 -14.18 -1.85 6.29
CA THR C 452 -14.45 -0.59 5.60
C THR C 452 -15.95 -0.23 5.78
N TRP C 453 -16.56 -0.75 6.87
CA TRP C 453 -17.97 -0.54 7.28
C TRP C 453 -18.35 0.96 7.25
N GLY C 454 -17.41 1.82 7.64
CA GLY C 454 -17.59 3.26 7.63
C GLY C 454 -17.73 3.87 6.24
N GLU C 455 -17.25 3.15 5.19
CA GLU C 455 -17.31 3.63 3.79
C GLU C 455 -18.38 2.90 2.95
N TRP C 456 -19.17 2.00 3.57
CA TRP C 456 -20.13 1.17 2.85
C TRP C 456 -21.30 1.96 2.21
N LEU C 457 -21.69 3.11 2.77
CA LEU C 457 -22.82 3.86 2.19
C LEU C 457 -22.45 4.64 0.90
N VAL C 458 -21.15 4.70 0.53
CA VAL C 458 -20.70 5.34 -0.71
C VAL C 458 -20.12 4.26 -1.66
N ASP C 459 -20.47 2.98 -1.40
CA ASP C 459 -20.03 1.82 -2.19
C ASP C 459 -20.52 1.90 -3.63
N ASP C 460 -19.69 1.44 -4.57
CA ASP C 460 -20.03 1.32 -5.98
C ASP C 460 -21.14 0.25 -6.10
N GLN C 461 -22.27 0.60 -6.72
CA GLN C 461 -23.42 -0.31 -6.81
C GLN C 461 -23.46 -1.06 -8.16
N ARG C 462 -22.32 -1.11 -8.88
CA ARG C 462 -22.22 -1.82 -10.16
C ARG C 462 -22.35 -3.34 -9.98
N HIS C 463 -21.96 -3.87 -8.79
CA HIS C 463 -22.01 -5.32 -8.51
C HIS C 463 -23.47 -5.85 -8.50
N THR C 464 -24.43 -4.99 -8.14
CA THR C 464 -25.86 -5.33 -8.11
C THR C 464 -26.56 -4.92 -9.41
N ALA C 465 -26.03 -3.89 -10.13
CA ALA C 465 -26.63 -3.40 -11.38
C ALA C 465 -26.71 -4.47 -12.49
N SER C 466 -25.75 -5.43 -12.48
CA SER C 466 -25.71 -6.51 -13.48
C SER C 466 -26.57 -7.73 -13.07
N ARG C 467 -27.05 -7.77 -11.82
CA ARG C 467 -27.83 -8.87 -11.28
C ARG C 467 -29.25 -8.92 -11.84
N THR C 468 -29.80 -10.13 -12.04
CA THR C 468 -31.15 -10.33 -12.59
C THR C 468 -32.24 -10.17 -11.52
N ASP C 469 -31.84 -10.21 -10.23
CA ASP C 469 -32.77 -10.07 -9.10
C ASP C 469 -32.70 -8.63 -8.52
N VAL C 470 -32.27 -7.67 -9.36
CA VAL C 470 -32.15 -6.23 -9.02
C VAL C 470 -32.68 -5.42 -10.22
N LEU C 471 -33.47 -4.36 -9.96
CA LEU C 471 -33.99 -3.49 -11.03
C LEU C 471 -33.20 -2.19 -11.09
N VAL C 472 -32.97 -1.68 -12.32
CA VAL C 472 -32.15 -0.48 -12.53
C VAL C 472 -32.85 0.54 -13.45
N TRP C 473 -32.84 1.82 -13.05
CA TRP C 473 -33.34 2.96 -13.83
C TRP C 473 -32.34 4.10 -13.78
N ALA C 474 -32.08 4.76 -14.92
CA ALA C 474 -31.10 5.85 -14.95
C ALA C 474 -31.43 6.92 -15.98
N THR C 475 -31.17 8.18 -15.61
CA THR C 475 -31.33 9.33 -16.49
C THR C 475 -30.20 9.33 -17.52
N GLU C 476 -30.34 10.12 -18.58
CA GLU C 476 -29.27 10.32 -19.57
C GLU C 476 -28.21 11.26 -18.93
N PRO C 477 -26.93 11.27 -19.36
CA PRO C 477 -25.96 12.19 -18.72
C PRO C 477 -26.47 13.63 -18.67
N LEU C 478 -26.38 14.27 -17.50
CA LEU C 478 -26.89 15.62 -17.30
C LEU C 478 -26.01 16.67 -17.98
N LYS C 479 -26.65 17.64 -18.64
CA LYS C 479 -25.95 18.72 -19.35
C LYS C 479 -25.69 19.87 -18.39
N GLU C 480 -26.63 20.09 -17.46
CA GLU C 480 -26.56 21.14 -16.45
C GLU C 480 -26.55 20.51 -15.04
N PRO C 481 -25.89 21.15 -14.04
CA PRO C 481 -25.91 20.58 -12.68
C PRO C 481 -27.31 20.56 -12.07
N LEU C 482 -27.59 19.54 -11.24
CA LEU C 482 -28.90 19.39 -10.59
C LEU C 482 -28.71 19.34 -9.07
N ARG C 483 -29.32 20.28 -8.34
CA ARG C 483 -29.20 20.35 -6.90
C ARG C 483 -30.41 19.73 -6.20
N VAL C 484 -30.16 18.83 -5.25
CA VAL C 484 -31.20 18.20 -4.44
C VAL C 484 -30.91 18.41 -2.95
N ALA C 485 -31.95 18.64 -2.16
CA ALA C 485 -31.83 18.87 -0.72
C ALA C 485 -33.03 18.26 0.01
N GLY C 486 -32.86 17.98 1.29
CA GLY C 486 -33.92 17.42 2.12
C GLY C 486 -34.01 15.91 2.09
N GLN C 487 -35.23 15.40 2.27
CA GLN C 487 -35.49 13.95 2.32
C GLN C 487 -36.23 13.45 1.07
N PRO C 488 -35.59 12.57 0.27
CA PRO C 488 -36.33 11.95 -0.85
C PRO C 488 -37.28 10.89 -0.31
N VAL C 489 -38.48 10.78 -0.93
CA VAL C 489 -39.49 9.81 -0.53
C VAL C 489 -39.82 8.91 -1.73
N ALA C 490 -39.61 7.59 -1.59
CA ALA C 490 -39.90 6.66 -2.66
C ALA C 490 -41.38 6.25 -2.66
N ARG C 491 -42.13 6.71 -3.67
CA ARG C 491 -43.53 6.32 -3.86
C ARG C 491 -43.54 5.06 -4.71
N LEU C 492 -43.46 3.90 -4.04
CA LEU C 492 -43.33 2.63 -4.73
C LEU C 492 -44.65 1.86 -4.82
N PHE C 493 -45.11 1.63 -6.06
CA PHE C 493 -46.27 0.80 -6.35
C PHE C 493 -45.70 -0.53 -6.80
N ALA C 494 -45.82 -1.56 -5.94
CA ALA C 494 -45.22 -2.86 -6.23
C ALA C 494 -46.13 -4.02 -5.84
N SER C 495 -45.95 -5.16 -6.54
CA SER C 495 -46.68 -6.40 -6.27
C SER C 495 -45.70 -7.56 -6.11
N THR C 496 -46.08 -8.54 -5.29
CA THR C 496 -45.30 -9.77 -5.06
C THR C 496 -46.22 -10.97 -5.14
N SER C 497 -45.70 -12.12 -5.60
CA SER C 497 -46.50 -13.35 -5.67
C SER C 497 -46.59 -14.02 -4.28
N GLY C 498 -45.77 -13.54 -3.34
CA GLY C 498 -45.75 -14.02 -1.95
C GLY C 498 -46.70 -13.26 -1.04
N SER C 499 -46.56 -13.47 0.29
CA SER C 499 -47.43 -12.81 1.28
C SER C 499 -46.62 -11.86 2.23
N ASP C 500 -45.34 -11.64 1.91
CA ASP C 500 -44.44 -10.72 2.62
C ASP C 500 -43.29 -10.34 1.68
N ALA C 501 -42.65 -9.17 1.90
CA ALA C 501 -41.54 -8.70 1.04
C ALA C 501 -40.78 -7.54 1.65
N ASP C 502 -39.46 -7.51 1.41
CA ASP C 502 -38.59 -6.39 1.78
C ASP C 502 -38.36 -5.55 0.54
N TRP C 503 -38.45 -4.23 0.65
CA TRP C 503 -38.26 -3.36 -0.51
C TRP C 503 -37.10 -2.39 -0.28
N VAL C 504 -35.97 -2.60 -1.00
CA VAL C 504 -34.77 -1.76 -0.90
C VAL C 504 -34.78 -0.76 -2.05
N VAL C 505 -34.68 0.54 -1.74
CA VAL C 505 -34.65 1.60 -2.74
C VAL C 505 -33.34 2.38 -2.60
N LYS C 506 -32.57 2.47 -3.70
CA LYS C 506 -31.28 3.17 -3.70
C LYS C 506 -31.24 4.30 -4.72
N ILE C 507 -30.81 5.50 -4.28
CA ILE C 507 -30.54 6.64 -5.17
C ILE C 507 -29.03 6.68 -5.35
N ILE C 508 -28.59 6.62 -6.61
CA ILE C 508 -27.17 6.56 -6.94
C ILE C 508 -26.75 7.73 -7.85
N ASP C 509 -25.54 8.27 -7.61
CA ASP C 509 -24.92 9.25 -8.48
C ASP C 509 -23.96 8.48 -9.38
N VAL C 510 -24.34 8.28 -10.65
CA VAL C 510 -23.50 7.59 -11.62
C VAL C 510 -22.49 8.59 -12.17
N TRP C 511 -21.20 8.36 -11.88
CA TRP C 511 -20.12 9.22 -12.33
C TRP C 511 -19.96 9.14 -13.86
N PRO C 512 -19.34 10.15 -14.53
CA PRO C 512 -19.21 10.08 -16.00
C PRO C 512 -18.38 8.87 -16.46
N ASP C 513 -18.56 8.46 -17.74
CA ASP C 513 -17.85 7.33 -18.36
C ASP C 513 -16.35 7.43 -18.14
N GLU C 514 -15.81 8.65 -18.24
CA GLU C 514 -14.41 9.00 -18.01
C GLU C 514 -14.34 10.15 -17.01
N VAL C 515 -13.38 10.09 -16.07
CA VAL C 515 -13.25 11.11 -15.04
C VAL C 515 -11.81 11.67 -15.08
N PRO C 516 -11.61 12.89 -15.62
CA PRO C 516 -10.23 13.44 -15.75
C PRO C 516 -9.50 13.66 -14.42
N GLU C 517 -10.23 14.06 -13.36
CA GLU C 517 -9.64 14.32 -12.04
C GLU C 517 -9.23 13.02 -11.31
N ASN C 518 -9.86 11.87 -11.66
CA ASN C 518 -9.56 10.55 -11.08
C ASN C 518 -10.02 9.45 -12.06
N PRO C 519 -9.14 9.08 -13.03
CA PRO C 519 -9.56 8.10 -14.06
C PRO C 519 -10.20 6.81 -13.55
N LYS C 520 -9.70 6.22 -12.44
CA LYS C 520 -10.25 4.95 -11.93
C LYS C 520 -11.69 5.09 -11.34
N LEU C 521 -12.29 6.29 -11.39
CA LEU C 521 -13.67 6.51 -10.93
C LEU C 521 -14.68 6.56 -12.09
N GLY C 522 -14.23 6.22 -13.30
CA GLY C 522 -15.08 6.20 -14.49
C GLY C 522 -16.17 5.14 -14.42
N GLY C 523 -17.43 5.60 -14.49
CA GLY C 523 -18.60 4.73 -14.45
C GLY C 523 -19.02 4.30 -13.06
N TYR C 524 -18.35 4.84 -12.02
CA TYR C 524 -18.58 4.58 -10.61
C TYR C 524 -20.04 4.88 -10.24
N GLN C 525 -20.74 3.86 -9.70
CA GLN C 525 -22.14 3.99 -9.29
C GLN C 525 -22.22 4.25 -7.79
N GLN C 526 -21.91 5.49 -7.41
CA GLN C 526 -21.85 5.96 -6.04
C GLN C 526 -23.23 6.00 -5.39
N MET C 527 -23.43 5.19 -4.33
CA MET C 527 -24.66 5.20 -3.57
C MET C 527 -24.74 6.53 -2.79
N LEU C 528 -25.87 7.23 -2.91
CA LEU C 528 -26.05 8.54 -2.28
C LEU C 528 -27.03 8.46 -1.12
N SER C 529 -28.18 7.81 -1.34
CA SER C 529 -29.23 7.66 -0.33
C SER C 529 -29.98 6.37 -0.57
N ALA C 530 -30.05 5.49 0.45
CA ALA C 530 -30.70 4.20 0.32
C ALA C 530 -31.27 3.71 1.65
N ASP C 531 -32.43 3.02 1.59
CA ASP C 531 -33.05 2.42 2.77
C ASP C 531 -33.98 1.25 2.39
N ILE C 532 -34.37 0.46 3.40
CA ILE C 532 -35.19 -0.74 3.24
C ILE C 532 -36.54 -0.59 3.98
N PHE C 533 -37.59 -1.28 3.48
CA PHE C 533 -38.91 -1.28 4.07
C PHE C 533 -39.43 -2.72 4.15
N ARG C 534 -39.77 -3.19 5.36
CA ARG C 534 -40.36 -4.52 5.56
C ARG C 534 -41.87 -4.41 5.32
N GLY C 535 -42.31 -4.94 4.19
CA GLY C 535 -43.69 -4.88 3.69
C GLY C 535 -44.81 -5.21 4.65
N ARG C 536 -44.58 -6.12 5.61
CA ARG C 536 -45.60 -6.53 6.59
C ARG C 536 -46.10 -5.34 7.47
N TYR C 537 -45.36 -4.20 7.46
CA TYR C 537 -45.72 -3.01 8.25
C TYR C 537 -46.24 -1.86 7.35
N ARG C 538 -46.71 -2.20 6.13
CA ARG C 538 -47.20 -1.22 5.14
C ARG C 538 -48.41 -0.43 5.66
N GLU C 539 -49.38 -1.10 6.30
CA GLU C 539 -50.61 -0.46 6.79
C GLU C 539 -50.47 0.03 8.22
N ASP C 540 -49.67 -0.65 9.05
CA ASP C 540 -49.44 -0.30 10.45
C ASP C 540 -48.08 -0.81 10.89
N PHE C 541 -47.23 0.11 11.41
CA PHE C 541 -45.89 -0.25 11.90
C PHE C 541 -45.97 -1.13 13.15
N ALA C 542 -47.03 -0.95 13.96
CA ALA C 542 -47.26 -1.67 15.21
C ALA C 542 -47.79 -3.09 15.01
N VAL C 543 -48.55 -3.33 13.92
CA VAL C 543 -49.17 -4.64 13.66
C VAL C 543 -48.67 -5.25 12.35
N ALA C 544 -48.02 -6.43 12.44
CA ALA C 544 -47.54 -7.17 11.27
C ALA C 544 -48.74 -7.73 10.50
N LYS C 545 -48.89 -7.32 9.22
CA LYS C 545 -50.03 -7.70 8.38
C LYS C 545 -49.56 -8.36 7.06
N PRO C 546 -50.18 -9.49 6.64
CA PRO C 546 -49.75 -10.14 5.38
C PRO C 546 -50.10 -9.34 4.13
N LEU C 547 -49.25 -9.43 3.09
CA LEU C 547 -49.51 -8.77 1.81
C LEU C 547 -50.38 -9.65 0.93
N VAL C 548 -51.30 -9.05 0.17
CA VAL C 548 -52.16 -9.80 -0.75
C VAL C 548 -51.30 -10.21 -1.97
N PRO C 549 -51.21 -11.53 -2.29
CA PRO C 549 -50.38 -11.95 -3.42
C PRO C 549 -50.87 -11.43 -4.77
N ASP C 550 -49.91 -11.04 -5.65
CA ASP C 550 -50.12 -10.53 -7.02
C ASP C 550 -50.82 -9.14 -7.06
N LYS C 551 -51.27 -8.62 -5.89
CA LYS C 551 -51.95 -7.32 -5.80
C LYS C 551 -50.94 -6.17 -5.74
N VAL C 552 -51.19 -5.10 -6.52
CA VAL C 552 -50.34 -3.90 -6.56
C VAL C 552 -50.65 -3.05 -5.33
N LEU C 553 -49.63 -2.87 -4.46
CA LEU C 553 -49.78 -2.11 -3.22
C LEU C 553 -48.86 -0.91 -3.22
N GLU C 554 -49.28 0.18 -2.55
CA GLU C 554 -48.51 1.41 -2.48
C GLU C 554 -47.59 1.43 -1.25
N TYR C 555 -46.33 1.82 -1.46
CA TYR C 555 -45.33 1.93 -0.40
C TYR C 555 -44.77 3.34 -0.35
N ARG C 556 -44.74 3.93 0.86
CA ARG C 556 -44.18 5.24 1.12
C ARG C 556 -42.88 5.03 1.89
N ILE C 557 -41.73 5.20 1.22
CA ILE C 557 -40.43 4.93 1.85
C ILE C 557 -39.56 6.19 1.89
N PRO C 558 -39.57 6.94 3.02
CA PRO C 558 -38.66 8.09 3.15
C PRO C 558 -37.22 7.58 3.23
N LEU C 559 -36.32 8.17 2.43
CA LEU C 559 -34.93 7.75 2.35
C LEU C 559 -33.99 8.72 3.08
N PRO C 560 -32.72 8.32 3.42
CA PRO C 560 -31.81 9.24 4.11
C PRO C 560 -31.65 10.61 3.41
N GLN C 561 -31.34 11.66 4.19
CA GLN C 561 -31.21 13.03 3.69
C GLN C 561 -30.20 13.17 2.55
N VAL C 562 -30.47 14.09 1.62
CA VAL C 562 -29.58 14.41 0.51
C VAL C 562 -29.26 15.91 0.53
N SER C 563 -28.01 16.25 0.26
CA SER C 563 -27.52 17.61 0.10
C SER C 563 -26.44 17.50 -0.94
N HIS C 564 -26.88 17.42 -2.21
CA HIS C 564 -25.99 17.06 -3.30
C HIS C 564 -26.26 17.82 -4.58
N THR C 565 -25.19 17.97 -5.39
CA THR C 565 -25.26 18.49 -6.75
C THR C 565 -24.88 17.36 -7.70
N PHE C 566 -25.83 16.91 -8.53
CA PHE C 566 -25.53 15.95 -9.60
C PHE C 566 -24.87 16.77 -10.71
N LEU C 567 -23.52 16.76 -10.74
CA LEU C 567 -22.72 17.58 -11.66
C LEU C 567 -22.93 17.19 -13.14
N PRO C 568 -22.60 18.08 -14.12
CA PRO C 568 -22.78 17.70 -15.55
C PRO C 568 -21.95 16.47 -15.92
N GLY C 569 -22.51 15.61 -16.76
CA GLY C 569 -21.89 14.35 -17.18
C GLY C 569 -22.31 13.17 -16.32
N HIS C 570 -22.80 13.46 -15.09
CA HIS C 570 -23.26 12.44 -14.14
C HIS C 570 -24.70 12.03 -14.46
N ARG C 571 -25.12 10.85 -13.94
CA ARG C 571 -26.51 10.37 -14.08
C ARG C 571 -27.16 10.15 -12.72
N ILE C 572 -28.50 10.28 -12.65
CA ILE C 572 -29.25 9.92 -11.44
C ILE C 572 -29.71 8.48 -11.66
N MET C 573 -29.42 7.59 -10.71
CA MET C 573 -29.82 6.18 -10.82
C MET C 573 -30.68 5.75 -9.65
N VAL C 574 -31.62 4.83 -9.91
CA VAL C 574 -32.47 4.19 -8.91
C VAL C 574 -32.30 2.68 -9.05
N GLN C 575 -32.09 1.99 -7.91
CA GLN C 575 -31.97 0.53 -7.86
C GLN C 575 -32.95 -0.04 -6.85
N VAL C 576 -33.70 -1.08 -7.25
CA VAL C 576 -34.68 -1.75 -6.41
C VAL C 576 -34.37 -3.24 -6.34
N GLN C 577 -34.28 -3.78 -5.12
CA GLN C 577 -34.03 -5.20 -4.86
C GLN C 577 -34.87 -5.64 -3.65
N SER C 578 -34.90 -6.96 -3.35
CA SER C 578 -35.73 -7.47 -2.26
C SER C 578 -34.91 -8.06 -1.08
N SER C 579 -33.57 -7.88 -1.08
CA SER C 579 -32.71 -8.33 0.02
C SER C 579 -31.45 -7.46 0.14
N TRP C 580 -30.82 -7.45 1.34
CA TRP C 580 -29.63 -6.66 1.69
C TRP C 580 -28.88 -7.44 2.79
N PHE C 581 -28.32 -8.61 2.39
CA PHE C 581 -27.73 -9.61 3.27
C PHE C 581 -26.19 -9.53 3.40
N PRO C 582 -25.58 -9.83 4.59
CA PRO C 582 -26.20 -10.29 5.85
C PRO C 582 -26.57 -9.18 6.84
N LEU C 583 -26.39 -7.88 6.47
CA LEU C 583 -26.72 -6.77 7.36
C LEU C 583 -28.17 -6.90 7.86
N TYR C 584 -29.12 -7.13 6.93
CA TYR C 584 -30.53 -7.34 7.25
C TYR C 584 -30.87 -8.81 7.08
N ASP C 585 -31.66 -9.38 8.01
CA ASP C 585 -32.08 -10.77 7.89
C ASP C 585 -33.05 -10.89 6.71
N ARG C 586 -33.07 -12.06 6.06
CA ARG C 586 -33.93 -12.28 4.88
C ARG C 586 -35.39 -12.28 5.22
N ASN C 587 -36.20 -11.70 4.34
CA ASN C 587 -37.65 -11.78 4.44
C ASN C 587 -38.02 -13.14 3.81
N PRO C 588 -38.76 -14.02 4.54
CA PRO C 588 -39.08 -15.35 3.96
C PRO C 588 -39.90 -15.27 2.68
N GLN C 589 -40.63 -14.14 2.49
CA GLN C 589 -41.48 -13.83 1.33
C GLN C 589 -42.81 -14.61 1.39
N THR C 590 -43.10 -15.18 2.56
CA THR C 590 -44.38 -15.78 2.96
C THR C 590 -44.61 -15.27 4.38
N PHE C 591 -45.86 -14.95 4.73
CA PHE C 591 -46.15 -14.35 6.04
C PHE C 591 -45.97 -15.34 7.20
N VAL C 592 -45.17 -14.94 8.20
CA VAL C 592 -44.93 -15.68 9.44
C VAL C 592 -45.17 -14.71 10.63
N PRO C 593 -45.60 -15.20 11.83
CA PRO C 593 -45.84 -14.27 12.96
C PRO C 593 -44.59 -13.51 13.39
N ASN C 594 -43.41 -14.17 13.32
CA ASN C 594 -42.14 -13.56 13.71
C ASN C 594 -41.00 -14.07 12.81
N ILE C 595 -40.40 -13.17 12.00
CA ILE C 595 -39.32 -13.51 11.07
C ILE C 595 -38.03 -13.94 11.83
N MET C 596 -37.92 -13.60 13.14
CA MET C 596 -36.78 -14.01 13.98
C MET C 596 -36.68 -15.54 14.06
N PHE C 597 -37.83 -16.23 14.08
CA PHE C 597 -37.91 -17.69 14.21
C PHE C 597 -38.64 -18.33 13.01
N ALA C 598 -38.54 -17.71 11.82
CA ALA C 598 -39.19 -18.22 10.60
C ALA C 598 -38.67 -19.61 10.22
N PRO C 599 -39.57 -20.60 9.99
CA PRO C 599 -39.10 -21.96 9.63
C PRO C 599 -38.44 -21.99 8.24
N PRO C 600 -37.54 -22.99 7.96
CA PRO C 600 -36.90 -23.04 6.63
C PRO C 600 -37.88 -23.21 5.46
N GLU C 601 -39.06 -23.81 5.73
CA GLU C 601 -40.10 -24.04 4.72
C GLU C 601 -40.78 -22.73 4.25
N SER C 602 -40.73 -21.66 5.08
CA SER C 602 -41.37 -20.38 4.78
C SER C 602 -40.57 -19.54 3.77
N TYR C 603 -39.27 -19.82 3.60
CA TYR C 603 -38.43 -19.07 2.65
C TYR C 603 -38.67 -19.59 1.24
N ARG C 604 -39.35 -18.79 0.39
CA ARG C 604 -39.72 -19.18 -0.97
C ARG C 604 -39.51 -18.05 -1.98
N LYS C 605 -39.20 -18.43 -3.25
CA LYS C 605 -39.02 -17.49 -4.36
C LYS C 605 -40.31 -16.72 -4.63
N ALA C 606 -40.19 -15.45 -5.03
CA ALA C 606 -41.35 -14.62 -5.33
C ALA C 606 -41.11 -13.75 -6.55
N THR C 607 -42.16 -13.57 -7.37
CA THR C 607 -42.13 -12.75 -8.57
C THR C 607 -42.50 -11.32 -8.17
N GLN C 608 -41.52 -10.40 -8.23
CA GLN C 608 -41.67 -9.00 -7.83
C GLN C 608 -41.86 -8.10 -9.04
N ARG C 609 -42.84 -7.18 -8.97
CA ARG C 609 -43.13 -6.26 -10.08
C ARG C 609 -43.23 -4.81 -9.60
N VAL C 610 -42.40 -3.93 -10.18
CA VAL C 610 -42.44 -2.48 -9.90
C VAL C 610 -43.25 -1.84 -11.01
N TRP C 611 -44.44 -1.33 -10.68
CA TRP C 611 -45.38 -0.78 -11.66
C TRP C 611 -45.07 0.67 -12.02
N ARG C 612 -45.35 1.03 -13.28
CA ARG C 612 -45.11 2.38 -13.80
C ARG C 612 -46.19 2.76 -14.83
N THR C 613 -47.41 3.01 -14.32
CA THR C 613 -48.57 3.38 -15.14
C THR C 613 -49.13 4.72 -14.65
N ALA C 614 -50.17 5.25 -15.34
CA ALA C 614 -50.84 6.49 -14.93
C ALA C 614 -51.57 6.30 -13.59
N GLU C 615 -52.03 5.06 -13.33
CA GLU C 615 -52.71 4.66 -12.09
C GLU C 615 -51.69 4.37 -10.98
N TYR C 616 -50.56 3.71 -11.34
CA TYR C 616 -49.51 3.34 -10.39
C TYR C 616 -48.14 3.95 -10.80
N PRO C 617 -47.93 5.29 -10.66
CA PRO C 617 -46.65 5.86 -11.09
C PRO C 617 -45.58 5.81 -10.00
N THR C 618 -44.72 4.76 -10.03
CA THR C 618 -43.60 4.64 -9.09
C THR C 618 -42.59 5.75 -9.38
N ALA C 619 -42.24 6.54 -8.35
CA ALA C 619 -41.33 7.65 -8.50
C ALA C 619 -40.64 8.00 -7.19
N ILE C 620 -39.53 8.75 -7.31
CA ILE C 620 -38.82 9.32 -6.17
C ILE C 620 -39.27 10.78 -6.04
N GLU C 621 -39.75 11.15 -4.85
CA GLU C 621 -40.21 12.52 -4.58
C GLU C 621 -39.04 13.30 -4.00
N ILE C 622 -38.47 14.24 -4.80
CA ILE C 622 -37.27 15.00 -4.42
C ILE C 622 -37.48 16.52 -4.44
N HIS C 623 -36.76 17.24 -3.55
CA HIS C 623 -36.75 18.71 -3.49
C HIS C 623 -35.61 19.23 -4.36
N ILE C 624 -35.95 19.89 -5.48
CA ILE C 624 -34.93 20.47 -6.36
C ILE C 624 -34.82 21.96 -6.03
N ILE C 625 -33.58 22.44 -5.79
CA ILE C 625 -33.33 23.86 -5.47
C ILE C 625 -32.42 24.48 -6.54
N SER C 626 -32.67 25.76 -6.86
CA SER C 626 -31.91 26.50 -7.86
C SER C 626 -30.64 27.12 -7.25
N PHE D 11 32.24 25.62 -32.27
CA PHE D 11 30.84 25.78 -31.90
C PHE D 11 30.53 27.24 -31.52
N SER D 12 29.51 27.83 -32.17
CA SER D 12 29.06 29.20 -31.89
C SER D 12 27.86 29.16 -30.95
N GLU D 13 28.00 29.74 -29.75
CA GLU D 13 26.94 29.75 -28.72
C GLU D 13 25.74 30.62 -29.13
N ASP D 14 25.94 31.60 -30.04
CA ASP D 14 24.93 32.56 -30.46
C ASP D 14 24.10 32.13 -31.70
N SER D 15 24.45 31.02 -32.39
CA SER D 15 23.71 30.64 -33.60
C SER D 15 23.56 29.12 -33.82
N ASP D 16 24.63 28.35 -33.57
CA ASP D 16 24.64 26.91 -33.83
C ASP D 16 23.62 26.17 -32.97
N SER D 17 23.02 25.11 -33.55
CA SER D 17 22.06 24.27 -32.84
C SER D 17 22.80 23.47 -31.78
N ASP D 18 22.18 23.30 -30.62
CA ASP D 18 22.77 22.53 -29.53
C ASP D 18 22.77 21.03 -29.85
N ILE D 19 21.81 20.59 -30.69
CA ILE D 19 21.68 19.19 -31.10
C ILE D 19 22.67 18.90 -32.23
N PRO D 20 23.64 17.96 -32.03
CA PRO D 20 24.59 17.65 -33.11
C PRO D 20 23.92 16.87 -34.24
N GLU D 21 24.41 17.05 -35.49
CA GLU D 21 23.89 16.38 -36.70
C GLU D 21 23.79 14.86 -36.45
N LYS D 22 24.87 14.26 -35.95
CA LYS D 22 24.92 12.84 -35.61
C LYS D 22 25.46 12.65 -34.19
N PHE D 23 24.73 11.88 -33.37
CA PHE D 23 25.15 11.58 -32.00
C PHE D 23 25.24 10.08 -31.79
N THR D 24 26.36 9.64 -31.19
CA THR D 24 26.60 8.22 -30.88
C THR D 24 26.83 8.09 -29.36
N PRO D 25 26.02 7.25 -28.65
CA PRO D 25 26.23 7.12 -27.20
C PRO D 25 27.57 6.46 -26.88
N LYS D 26 28.19 6.88 -25.76
CA LYS D 26 29.47 6.33 -25.33
C LYS D 26 29.21 4.98 -24.64
N THR D 27 29.53 3.87 -25.35
CA THR D 27 29.22 2.51 -24.86
C THR D 27 30.49 1.65 -24.60
N ASP D 28 31.67 2.26 -24.44
CA ASP D 28 32.89 1.47 -24.20
C ASP D 28 33.03 1.02 -22.72
N LEU D 29 32.21 1.58 -21.81
CA LEU D 29 32.17 1.17 -20.40
C LEU D 29 31.13 0.04 -20.20
N PHE D 30 30.38 -0.29 -21.27
CA PHE D 30 29.38 -1.35 -21.28
C PHE D 30 30.07 -2.71 -21.35
N ASP D 31 29.46 -3.75 -20.78
CA ASP D 31 30.04 -5.09 -20.82
C ASP D 31 29.51 -5.90 -22.03
N TYR D 32 28.79 -5.22 -22.96
CA TYR D 32 28.24 -5.85 -24.16
C TYR D 32 28.30 -4.89 -25.38
N THR D 33 28.28 -5.47 -26.59
CA THR D 33 28.28 -4.73 -27.86
C THR D 33 26.92 -4.94 -28.54
N ARG D 34 26.24 -3.83 -28.87
CA ARG D 34 24.95 -3.83 -29.55
C ARG D 34 25.15 -3.69 -31.06
N ARG D 35 24.98 -4.80 -31.79
CA ARG D 35 25.14 -4.85 -33.25
C ARG D 35 23.76 -4.88 -33.89
N GLU D 36 23.44 -3.88 -34.71
CA GLU D 36 22.14 -3.78 -35.38
C GLU D 36 22.29 -4.00 -36.89
N GLU D 37 21.56 -4.99 -37.44
CA GLU D 37 21.69 -5.38 -38.84
C GLU D 37 20.35 -5.50 -39.57
N MET D 38 20.34 -5.19 -40.88
CA MET D 38 19.19 -5.36 -41.76
C MET D 38 19.49 -6.54 -42.70
N ILE D 39 19.23 -7.77 -42.21
CA ILE D 39 19.55 -9.02 -42.91
C ILE D 39 18.58 -9.28 -44.08
N PRO D 40 19.11 -9.41 -45.33
CA PRO D 40 18.21 -9.70 -46.46
C PRO D 40 17.79 -11.17 -46.49
N MET D 41 16.49 -11.41 -46.77
CA MET D 41 15.93 -12.75 -46.90
C MET D 41 16.09 -13.22 -48.35
N ARG D 42 15.65 -14.46 -48.67
CA ARG D 42 15.78 -15.04 -50.02
C ARG D 42 15.01 -14.24 -51.10
N ASP D 43 14.01 -13.42 -50.70
CA ASP D 43 13.23 -12.61 -51.63
C ASP D 43 13.68 -11.12 -51.63
N GLY D 44 14.80 -10.83 -50.97
CA GLY D 44 15.37 -9.48 -50.91
C GLY D 44 14.89 -8.60 -49.77
N VAL D 45 13.77 -8.98 -49.13
CA VAL D 45 13.18 -8.22 -48.01
C VAL D 45 14.14 -8.29 -46.80
N LYS D 46 14.44 -7.12 -46.17
CA LYS D 46 15.37 -7.06 -45.04
C LYS D 46 14.64 -7.05 -43.69
N LEU D 47 15.16 -7.83 -42.72
CA LEU D 47 14.58 -7.91 -41.37
C LEU D 47 15.54 -7.28 -40.35
N ASN D 48 15.00 -6.39 -39.49
CA ASN D 48 15.77 -5.72 -38.45
C ASN D 48 16.17 -6.69 -37.35
N THR D 49 17.50 -6.92 -37.21
CA THR D 49 18.07 -7.87 -36.25
C THR D 49 18.99 -7.14 -35.26
N ILE D 50 18.75 -7.32 -33.95
CA ILE D 50 19.55 -6.71 -32.89
C ILE D 50 20.36 -7.82 -32.21
N ILE D 51 21.69 -7.76 -32.38
CA ILE D 51 22.63 -8.75 -31.85
C ILE D 51 23.40 -8.17 -30.66
N LEU D 52 23.22 -8.78 -29.47
CA LEU D 52 23.93 -8.35 -28.26
C LEU D 52 25.06 -9.32 -28.00
N ILE D 53 26.30 -8.84 -28.14
CA ILE D 53 27.49 -9.67 -27.97
C ILE D 53 28.19 -9.31 -26.66
N PRO D 54 28.24 -10.24 -25.66
CA PRO D 54 28.95 -9.93 -24.41
C PRO D 54 30.44 -9.72 -24.67
N LYS D 55 31.03 -8.71 -24.02
CA LYS D 55 32.46 -8.43 -24.18
C LYS D 55 33.30 -9.48 -23.44
N GLY D 56 34.51 -9.71 -23.95
CA GLY D 56 35.46 -10.66 -23.38
C GLY D 56 35.01 -12.11 -23.48
N VAL D 57 34.42 -12.50 -24.63
CA VAL D 57 33.97 -13.88 -24.84
C VAL D 57 34.05 -14.25 -26.33
N GLN D 58 34.54 -15.47 -26.61
CA GLN D 58 34.66 -16.05 -27.95
C GLN D 58 34.10 -17.47 -27.90
N ASN D 59 33.66 -17.99 -29.07
CA ASN D 59 33.09 -19.35 -29.20
C ASN D 59 31.93 -19.55 -28.18
N THR D 60 30.91 -18.69 -28.27
CA THR D 60 29.73 -18.74 -27.39
C THR D 60 28.45 -18.93 -28.25
N PRO D 61 27.43 -19.67 -27.77
CA PRO D 61 26.24 -19.90 -28.62
C PRO D 61 25.34 -18.68 -28.76
N ILE D 62 24.41 -18.76 -29.73
CA ILE D 62 23.44 -17.71 -30.01
C ILE D 62 22.05 -18.16 -29.54
N VAL D 63 21.36 -17.30 -28.80
CA VAL D 63 19.99 -17.56 -28.39
C VAL D 63 19.10 -16.52 -29.11
N LEU D 64 18.27 -17.00 -30.05
CA LEU D 64 17.45 -16.17 -30.93
C LEU D 64 15.98 -16.09 -30.48
N THR D 65 15.40 -14.90 -30.61
CA THR D 65 13.99 -14.63 -30.34
C THR D 65 13.45 -13.76 -31.49
N ARG D 66 12.35 -14.20 -32.13
CA ARG D 66 11.72 -13.50 -33.25
C ARG D 66 10.40 -12.92 -32.77
N THR D 67 10.24 -11.58 -32.87
CA THR D 67 9.12 -10.91 -32.24
C THR D 67 8.39 -9.85 -33.09
N PRO D 68 7.04 -9.74 -32.91
CA PRO D 68 6.30 -8.62 -33.52
C PRO D 68 6.15 -7.47 -32.49
N TYR D 69 6.97 -7.48 -31.42
CA TYR D 69 6.82 -6.53 -30.32
C TYR D 69 8.06 -5.64 -30.10
N HIS D 70 8.61 -5.07 -31.20
CA HIS D 70 9.71 -4.09 -31.18
C HIS D 70 11.00 -4.65 -30.53
N ALA D 71 11.86 -5.29 -31.35
CA ALA D 71 13.12 -5.90 -30.90
C ALA D 71 14.07 -4.89 -30.21
N GLU D 72 14.10 -3.63 -30.68
CA GLU D 72 14.94 -2.56 -30.10
C GLU D 72 14.47 -2.19 -28.68
N ARG D 73 13.16 -2.35 -28.40
CA ARG D 73 12.55 -2.08 -27.10
C ARG D 73 12.66 -3.33 -26.19
N ARG D 74 12.56 -4.55 -26.78
CA ARG D 74 12.68 -5.81 -26.04
C ARG D 74 14.10 -5.97 -25.47
N THR D 75 15.12 -5.46 -26.20
CA THR D 75 16.53 -5.51 -25.79
C THR D 75 16.92 -4.26 -24.97
N LEU D 76 15.92 -3.58 -24.38
CA LEU D 76 16.15 -2.42 -23.54
C LEU D 76 15.13 -2.41 -22.38
N ARG D 77 15.12 -3.51 -21.56
CA ARG D 77 14.26 -3.64 -20.37
C ARG D 77 14.47 -2.40 -19.50
N PHE D 78 15.75 -2.08 -19.26
CA PHE D 78 16.21 -0.87 -18.61
C PHE D 78 17.30 -0.26 -19.47
N ASN D 79 17.38 1.07 -19.52
CA ASN D 79 18.42 1.75 -20.29
C ASN D 79 19.72 1.70 -19.48
N SER D 80 20.46 0.58 -19.61
CA SER D 80 21.63 0.32 -18.78
C SER D 80 22.89 -0.09 -19.55
N SER D 81 24.05 0.04 -18.87
CA SER D 81 25.38 -0.34 -19.34
C SER D 81 25.63 -1.86 -19.17
N SER D 82 24.79 -2.54 -18.35
CA SER D 82 24.92 -3.98 -18.11
C SER D 82 23.96 -4.78 -18.98
N LEU D 83 24.46 -5.87 -19.62
CA LEU D 83 23.67 -6.76 -20.47
C LEU D 83 22.54 -7.41 -19.67
N SER D 84 22.82 -7.82 -18.41
CA SER D 84 21.85 -8.45 -17.50
C SER D 84 20.64 -7.54 -17.20
N MET D 85 20.79 -6.22 -17.42
CA MET D 85 19.74 -5.22 -17.15
C MET D 85 18.90 -4.85 -18.38
N VAL D 86 19.42 -5.08 -19.62
CA VAL D 86 18.73 -4.68 -20.86
C VAL D 86 17.89 -5.85 -21.44
N VAL D 87 18.27 -7.09 -21.15
CA VAL D 87 17.58 -8.27 -21.70
C VAL D 87 16.32 -8.61 -20.88
N PRO D 88 15.27 -9.22 -21.52
CA PRO D 88 14.09 -9.62 -20.74
C PRO D 88 14.46 -10.68 -19.68
N GLN D 89 13.67 -10.78 -18.61
CA GLN D 89 13.90 -11.74 -17.51
C GLN D 89 14.03 -13.19 -18.02
N MET D 90 13.42 -13.49 -19.19
CA MET D 90 13.51 -14.80 -19.86
C MET D 90 14.98 -15.15 -20.16
N ASN D 91 15.78 -14.14 -20.55
CA ASN D 91 17.19 -14.27 -20.91
C ASN D 91 18.15 -14.04 -19.71
N ASP D 92 17.66 -14.19 -18.45
CA ASP D 92 18.51 -13.97 -17.26
C ASP D 92 19.63 -15.04 -17.17
N THR D 93 19.32 -16.30 -17.47
CA THR D 93 20.30 -17.38 -17.40
C THR D 93 21.26 -17.35 -18.61
N THR D 94 20.74 -17.02 -19.82
CA THR D 94 21.58 -16.93 -21.03
C THR D 94 22.53 -15.71 -20.97
N SER D 95 22.14 -14.63 -20.27
CA SER D 95 22.99 -13.45 -20.08
C SER D 95 24.14 -13.76 -19.12
N ALA D 96 23.83 -14.46 -18.02
CA ALA D 96 24.81 -14.86 -17.02
C ALA D 96 25.84 -15.86 -17.61
N ALA D 97 25.39 -16.73 -18.55
CA ALA D 97 26.24 -17.70 -19.23
C ALA D 97 27.07 -17.04 -20.36
N ARG D 98 26.79 -15.75 -20.62
CA ARG D 98 27.47 -14.90 -21.62
C ARG D 98 27.23 -15.42 -23.05
N TYR D 99 25.96 -15.74 -23.37
CA TYR D 99 25.49 -16.14 -24.70
C TYR D 99 25.32 -14.91 -25.55
N ILE D 100 25.30 -15.07 -26.89
CA ILE D 100 24.96 -13.99 -27.81
C ILE D 100 23.42 -13.96 -27.86
N ILE D 101 22.81 -12.84 -27.44
CA ILE D 101 21.36 -12.71 -27.39
C ILE D 101 20.88 -11.89 -28.60
N VAL D 102 20.02 -12.51 -29.43
CA VAL D 102 19.56 -11.88 -30.66
C VAL D 102 18.03 -11.77 -30.66
N TYR D 103 17.52 -10.55 -30.95
CA TYR D 103 16.08 -10.25 -31.09
C TYR D 103 15.85 -9.68 -32.48
N GLN D 104 14.91 -10.26 -33.22
CA GLN D 104 14.62 -9.84 -34.59
C GLN D 104 13.17 -9.44 -34.75
N ASP D 105 12.94 -8.32 -35.45
CA ASP D 105 11.58 -7.90 -35.78
C ASP D 105 11.07 -8.80 -36.88
N VAL D 106 9.92 -9.49 -36.67
CA VAL D 106 9.35 -10.37 -37.69
C VAL D 106 8.93 -9.52 -38.90
N ARG D 107 8.85 -10.15 -40.09
CA ARG D 107 8.49 -9.51 -41.35
C ARG D 107 7.25 -8.60 -41.19
N GLY D 108 7.38 -7.35 -41.63
CA GLY D 108 6.29 -6.38 -41.60
C GLY D 108 6.07 -5.63 -40.30
N LYS D 109 6.94 -5.83 -39.29
CA LYS D 109 6.78 -5.13 -38.02
C LYS D 109 7.98 -4.27 -37.66
N TYR D 110 7.69 -3.04 -37.16
CA TYR D 110 8.63 -2.05 -36.65
C TYR D 110 9.79 -1.72 -37.61
N GLY D 111 10.98 -2.28 -37.38
CA GLY D 111 12.17 -2.00 -38.19
C GLY D 111 12.32 -2.88 -39.43
N SER D 112 11.51 -3.94 -39.54
CA SER D 112 11.60 -4.87 -40.66
C SER D 112 10.77 -4.42 -41.85
N GLU D 113 11.22 -4.80 -43.07
CA GLU D 113 10.52 -4.51 -44.33
C GLU D 113 9.50 -5.62 -44.63
N GLY D 114 8.75 -5.47 -45.72
CA GLY D 114 7.76 -6.45 -46.15
C GLY D 114 6.38 -6.26 -45.55
N GLY D 115 5.44 -7.10 -45.97
CA GLY D 115 4.08 -7.08 -45.48
C GLY D 115 3.90 -7.86 -44.20
N TYR D 116 2.88 -7.51 -43.39
CA TYR D 116 2.65 -8.23 -42.16
C TYR D 116 1.38 -9.08 -42.23
N MET D 117 1.53 -10.37 -41.92
CA MET D 117 0.44 -11.34 -41.83
C MET D 117 0.45 -11.90 -40.42
N MET D 118 -0.64 -11.66 -39.65
CA MET D 118 -0.79 -12.13 -38.26
C MET D 118 -0.55 -13.64 -38.19
N ASN D 119 0.46 -14.07 -37.41
CA ASN D 119 0.87 -15.48 -37.26
C ASN D 119 0.97 -16.15 -38.63
N LYS D 120 1.77 -15.54 -39.55
CA LYS D 120 1.95 -15.97 -40.92
C LYS D 120 2.15 -17.49 -41.01
N PRO D 121 1.18 -18.23 -41.60
CA PRO D 121 1.32 -19.68 -41.70
C PRO D 121 2.35 -20.08 -42.74
N LEU D 122 2.78 -21.37 -42.73
CA LEU D 122 3.75 -21.90 -43.70
C LEU D 122 3.22 -21.73 -45.13
N THR D 123 4.14 -21.72 -46.12
CA THR D 123 3.76 -21.64 -47.52
C THR D 123 2.82 -22.78 -47.86
N GLY D 124 1.66 -22.44 -48.39
CA GLY D 124 0.61 -23.39 -48.74
C GLY D 124 -0.66 -22.68 -49.17
N PRO D 125 -1.85 -23.31 -48.96
CA PRO D 125 -3.10 -22.67 -49.41
C PRO D 125 -3.41 -21.35 -48.70
N LEU D 126 -2.85 -21.12 -47.49
CA LEU D 126 -3.07 -19.90 -46.73
C LEU D 126 -1.88 -18.92 -46.83
N ASN D 127 -0.85 -19.26 -47.64
CA ASN D 127 0.35 -18.42 -47.83
C ASN D 127 0.97 -18.68 -49.21
N THR D 128 0.75 -17.76 -50.16
CA THR D 128 1.24 -17.87 -51.53
C THR D 128 2.42 -16.90 -51.81
N THR D 129 2.96 -16.25 -50.75
CA THR D 129 4.03 -15.25 -50.85
C THR D 129 5.42 -15.83 -51.18
N GLY D 130 5.61 -17.14 -50.98
CA GLY D 130 6.89 -17.79 -51.23
C GLY D 130 7.80 -17.84 -50.02
N THR D 131 7.51 -17.03 -48.98
CA THR D 131 8.25 -17.00 -47.72
C THR D 131 7.31 -17.22 -46.54
N ASP D 132 7.87 -17.60 -45.38
CA ASP D 132 7.15 -17.79 -44.12
C ASP D 132 8.14 -17.61 -42.95
N HIS D 133 7.71 -17.86 -41.69
CA HIS D 133 8.58 -17.72 -40.52
C HIS D 133 9.75 -18.72 -40.54
N SER D 134 9.51 -19.96 -41.02
CA SER D 134 10.54 -21.00 -41.09
C SER D 134 11.64 -20.67 -42.14
N THR D 135 11.25 -20.09 -43.30
CA THR D 135 12.22 -19.71 -44.34
C THR D 135 13.02 -18.47 -43.89
N ASP D 136 12.33 -17.49 -43.27
CA ASP D 136 12.97 -16.27 -42.75
C ASP D 136 13.94 -16.60 -41.62
N THR D 137 13.62 -17.63 -40.80
CA THR D 137 14.48 -18.11 -39.73
C THR D 137 15.74 -18.76 -40.32
N TYR D 138 15.57 -19.67 -41.32
CA TYR D 138 16.69 -20.34 -42.00
C TYR D 138 17.67 -19.30 -42.56
N ASP D 139 17.14 -18.29 -43.29
CA ASP D 139 17.93 -17.21 -43.90
C ASP D 139 18.63 -16.36 -42.84
N THR D 140 17.98 -16.18 -41.66
CA THR D 140 18.52 -15.40 -40.54
C THR D 140 19.66 -16.16 -39.86
N ILE D 141 19.42 -17.44 -39.47
CA ILE D 141 20.42 -18.28 -38.78
C ILE D 141 21.67 -18.44 -39.66
N ASP D 142 21.48 -18.65 -40.98
CA ASP D 142 22.57 -18.79 -41.94
C ASP D 142 23.46 -17.53 -41.96
N TRP D 143 22.85 -16.34 -41.87
CA TRP D 143 23.61 -15.08 -41.81
C TRP D 143 24.36 -14.95 -40.49
N LEU D 144 23.67 -15.22 -39.35
CA LEU D 144 24.24 -15.07 -38.01
C LEU D 144 25.45 -15.98 -37.79
N VAL D 145 25.40 -17.25 -38.28
CA VAL D 145 26.50 -18.20 -38.10
C VAL D 145 27.70 -17.87 -39.01
N LYS D 146 27.47 -17.14 -40.12
CA LYS D 146 28.52 -16.78 -41.07
C LYS D 146 29.07 -15.36 -40.87
N ASN D 147 28.39 -14.50 -40.09
CA ASN D 147 28.83 -13.11 -39.92
C ASN D 147 29.13 -12.69 -38.45
N ILE D 148 29.02 -13.61 -37.47
CA ILE D 148 29.36 -13.27 -36.08
C ILE D 148 30.59 -14.10 -35.66
N PRO D 149 31.78 -13.46 -35.54
CA PRO D 149 33.00 -14.23 -35.21
C PRO D 149 33.02 -14.76 -33.77
N GLU D 150 32.30 -14.09 -32.84
CA GLU D 150 32.24 -14.49 -31.43
C GLU D 150 31.35 -15.73 -31.22
N SER D 151 30.64 -16.17 -32.27
CA SER D 151 29.74 -17.32 -32.25
C SER D 151 30.50 -18.64 -32.35
N ASN D 152 29.92 -19.72 -31.76
CA ASN D 152 30.48 -21.07 -31.84
C ASN D 152 29.83 -21.86 -33.00
N GLY D 153 28.87 -21.23 -33.68
CA GLY D 153 28.15 -21.81 -34.81
C GLY D 153 26.85 -22.53 -34.44
N ARG D 154 26.51 -22.55 -33.13
CA ARG D 154 25.29 -23.22 -32.65
C ARG D 154 24.24 -22.19 -32.23
N VAL D 155 22.97 -22.47 -32.56
CA VAL D 155 21.86 -21.55 -32.30
C VAL D 155 20.68 -22.27 -31.61
N ALA D 156 20.04 -21.56 -30.66
CA ALA D 156 18.82 -22.01 -29.99
C ALA D 156 17.78 -20.91 -30.08
N ALA D 157 16.50 -21.30 -30.21
CA ALA D 157 15.39 -20.36 -30.30
C ALA D 157 14.53 -20.44 -29.06
N ILE D 158 14.34 -19.31 -28.36
CA ILE D 158 13.48 -19.26 -27.16
C ILE D 158 12.49 -18.10 -27.30
N GLY D 159 11.36 -18.21 -26.61
CA GLY D 159 10.33 -17.18 -26.65
C GLY D 159 9.00 -17.64 -26.13
N GLY D 160 8.15 -16.68 -25.77
CA GLY D 160 6.82 -16.92 -25.25
C GLY D 160 5.72 -16.26 -26.04
N SER D 161 4.51 -16.89 -26.06
CA SER D 161 3.31 -16.42 -26.77
C SER D 161 3.56 -16.40 -28.29
N TYR D 162 3.59 -15.18 -28.90
CA TYR D 162 3.89 -15.01 -30.33
C TYR D 162 5.35 -15.39 -30.57
N GLU D 163 6.23 -15.07 -29.59
CA GLU D 163 7.65 -15.41 -29.62
C GLU D 163 7.84 -16.92 -29.44
N GLY D 164 6.82 -17.59 -28.88
CA GLY D 164 6.77 -19.04 -28.74
C GLY D 164 6.29 -19.68 -30.03
N TYR D 165 5.38 -18.99 -30.76
CA TYR D 165 4.86 -19.41 -32.06
C TYR D 165 5.98 -19.37 -33.10
N THR D 166 6.79 -18.27 -33.11
CA THR D 166 7.92 -18.13 -34.03
C THR D 166 9.02 -19.14 -33.67
N THR D 167 9.16 -19.48 -32.36
CA THR D 167 10.11 -20.50 -31.87
C THR D 167 9.73 -21.87 -32.46
N LEU D 168 8.42 -22.20 -32.47
CA LEU D 168 7.89 -23.45 -33.04
C LEU D 168 8.13 -23.52 -34.55
N MET D 169 8.06 -22.37 -35.23
CA MET D 169 8.28 -22.26 -36.67
C MET D 169 9.76 -22.50 -37.04
N CYS D 170 10.70 -22.25 -36.10
CA CYS D 170 12.15 -22.48 -36.30
C CYS D 170 12.46 -23.98 -36.53
N THR D 171 11.56 -24.89 -36.05
CA THR D 171 11.72 -26.36 -36.13
C THR D 171 11.26 -26.96 -37.49
N ILE D 172 10.57 -26.17 -38.34
CA ILE D 172 10.11 -26.65 -39.66
C ILE D 172 11.24 -26.47 -40.65
N ASN D 173 11.71 -27.57 -41.30
CA ASN D 173 12.87 -27.60 -42.21
C ASN D 173 13.99 -26.74 -41.56
N PRO D 174 14.48 -27.17 -40.38
CA PRO D 174 15.39 -26.29 -39.62
C PRO D 174 16.80 -26.22 -40.17
N HIS D 175 17.47 -25.10 -39.88
CA HIS D 175 18.86 -24.86 -40.25
C HIS D 175 19.75 -25.84 -39.49
N PRO D 176 20.84 -26.37 -40.10
CA PRO D 176 21.69 -27.34 -39.37
C PRO D 176 22.22 -26.80 -38.02
N ALA D 177 22.37 -25.47 -37.88
CA ALA D 177 22.88 -24.82 -36.67
C ALA D 177 21.85 -24.75 -35.52
N LEU D 178 20.54 -24.97 -35.78
CA LEU D 178 19.54 -24.94 -34.70
C LEU D 178 19.63 -26.23 -33.90
N LYS D 179 20.03 -26.13 -32.62
CA LYS D 179 20.29 -27.29 -31.77
C LYS D 179 19.21 -27.55 -30.71
N ALA D 180 18.40 -26.53 -30.35
CA ALA D 180 17.35 -26.65 -29.32
C ALA D 180 16.34 -25.50 -29.39
N VAL D 181 15.11 -25.74 -28.87
CA VAL D 181 14.05 -24.72 -28.82
C VAL D 181 13.35 -24.75 -27.45
N VAL D 182 13.05 -23.56 -26.90
CA VAL D 182 12.32 -23.47 -25.63
C VAL D 182 11.06 -22.59 -25.84
N PRO D 183 9.97 -23.19 -26.41
CA PRO D 183 8.74 -22.40 -26.60
C PRO D 183 7.89 -22.31 -25.32
N PHE D 184 7.68 -21.07 -24.85
CA PHE D 184 6.87 -20.78 -23.65
C PHE D 184 5.47 -20.38 -24.05
N ALA D 185 4.44 -20.87 -23.33
CA ALA D 185 3.02 -20.48 -23.51
C ALA D 185 2.70 -20.10 -24.98
N SER D 186 3.13 -20.94 -25.94
CA SER D 186 3.02 -20.69 -27.37
C SER D 186 1.59 -20.51 -27.87
N MET D 187 1.45 -19.72 -28.95
CA MET D 187 0.20 -19.56 -29.69
C MET D 187 0.09 -20.77 -30.62
N VAL D 188 -0.83 -21.70 -30.32
CA VAL D 188 -0.94 -22.95 -31.08
C VAL D 188 -2.24 -22.98 -31.91
N ASP D 189 -3.38 -22.73 -31.27
CA ASP D 189 -4.67 -22.74 -31.93
C ASP D 189 -5.56 -21.64 -31.34
N GLY D 190 -5.57 -20.50 -32.03
CA GLY D 190 -6.34 -19.32 -31.62
C GLY D 190 -7.84 -19.48 -31.61
N TRP D 191 -8.36 -20.56 -32.22
CA TRP D 191 -9.81 -20.83 -32.26
C TRP D 191 -10.22 -21.83 -31.18
N MET D 192 -9.50 -22.98 -31.09
CA MET D 192 -9.86 -24.04 -30.14
C MET D 192 -9.84 -23.57 -28.68
N GLY D 193 -8.74 -22.96 -28.24
CA GLY D 193 -8.67 -22.48 -26.85
C GLY D 193 -7.54 -21.55 -26.48
N ASP D 194 -6.96 -20.83 -27.46
CA ASP D 194 -5.88 -19.91 -27.12
C ASP D 194 -6.36 -18.43 -27.03
N ASP D 195 -5.85 -17.53 -27.88
CA ASP D 195 -6.08 -16.08 -27.77
C ASP D 195 -7.41 -15.52 -28.31
N TRP D 196 -7.83 -15.93 -29.51
CA TRP D 196 -8.97 -15.31 -30.18
C TRP D 196 -10.32 -15.92 -29.81
N PHE D 197 -10.38 -17.25 -29.70
CA PHE D 197 -11.59 -17.98 -29.36
C PHE D 197 -11.30 -19.14 -28.40
N HIS D 198 -12.32 -19.56 -27.62
CA HIS D 198 -12.30 -20.76 -26.77
C HIS D 198 -13.52 -21.57 -27.14
N MET D 199 -13.34 -22.64 -27.94
CA MET D 199 -14.39 -23.53 -28.43
C MET D 199 -15.56 -22.72 -29.08
N GLY D 200 -15.20 -21.73 -29.89
CA GLY D 200 -16.17 -20.89 -30.61
C GLY D 200 -16.50 -19.55 -30.00
N ALA D 201 -16.39 -19.43 -28.66
CA ALA D 201 -16.69 -18.18 -27.96
C ALA D 201 -15.59 -17.15 -28.21
N PHE D 202 -15.94 -16.05 -28.89
CA PHE D 202 -15.00 -15.02 -29.32
C PHE D 202 -14.53 -14.10 -28.19
N ARG D 203 -13.20 -14.00 -28.02
CA ARG D 203 -12.56 -13.15 -27.03
C ARG D 203 -12.37 -11.74 -27.63
N GLN D 204 -13.48 -10.97 -27.72
CA GLN D 204 -13.50 -9.62 -28.31
C GLN D 204 -12.50 -8.65 -27.65
N GLU D 205 -12.41 -8.68 -26.31
CA GLU D 205 -11.51 -7.82 -25.54
C GLU D 205 -10.03 -8.14 -25.79
N ALA D 206 -9.72 -9.42 -26.05
CA ALA D 206 -8.36 -9.86 -26.32
C ALA D 206 -7.97 -9.67 -27.78
N SER D 207 -8.94 -9.72 -28.69
CA SER D 207 -8.67 -9.69 -30.12
C SER D 207 -8.66 -8.30 -30.76
N LEU D 208 -9.75 -7.50 -30.60
CA LEU D 208 -9.91 -6.21 -31.29
C LEU D 208 -8.83 -5.14 -30.91
N PRO D 209 -8.58 -4.80 -29.61
CA PRO D 209 -7.53 -3.80 -29.31
C PRO D 209 -6.14 -4.24 -29.78
N TYR D 210 -5.86 -5.57 -29.73
CA TYR D 210 -4.59 -6.15 -30.14
C TYR D 210 -4.39 -5.99 -31.65
N ALA D 211 -5.39 -6.42 -32.46
CA ALA D 211 -5.35 -6.32 -33.92
C ALA D 211 -5.24 -4.86 -34.37
N TYR D 212 -5.92 -3.94 -33.65
CA TYR D 212 -5.86 -2.51 -33.93
C TYR D 212 -4.44 -1.96 -33.72
N ASN D 213 -3.84 -2.24 -32.54
CA ASN D 213 -2.51 -1.72 -32.19
C ASN D 213 -1.39 -2.35 -33.03
N GLN D 214 -1.47 -3.65 -33.29
CA GLN D 214 -0.43 -4.37 -34.04
C GLN D 214 -0.57 -4.23 -35.56
N GLU D 215 -1.77 -3.86 -36.10
CA GLU D 215 -1.96 -3.85 -37.55
C GLU D 215 -2.41 -2.51 -38.16
N ALA D 216 -2.72 -1.47 -37.35
CA ALA D 216 -3.09 -0.17 -37.95
C ALA D 216 -1.88 0.46 -38.63
N THR D 217 -0.68 0.26 -38.03
CA THR D 217 0.60 0.77 -38.53
C THR D 217 1.68 -0.31 -38.33
N ARG D 218 2.83 -0.13 -39.01
CA ARG D 218 3.97 -1.04 -38.93
C ARG D 218 4.67 -0.93 -37.56
N LYS D 219 4.83 0.30 -37.04
CA LYS D 219 5.56 0.58 -35.81
C LYS D 219 4.64 0.94 -34.61
N ASN D 220 3.34 0.55 -34.66
CA ASN D 220 2.35 0.83 -33.60
C ASN D 220 2.33 2.33 -33.24
N GLU D 221 2.16 3.19 -34.27
CA GLU D 221 2.16 4.64 -34.10
C GLU D 221 0.74 5.16 -33.81
N ILE D 222 -0.30 4.36 -34.16
CA ILE D 222 -1.71 4.68 -33.90
C ILE D 222 -2.25 3.60 -32.95
N LYS D 223 -2.62 3.98 -31.72
CA LYS D 223 -3.08 3.03 -30.71
C LYS D 223 -4.58 3.18 -30.38
N TRP D 224 -5.19 2.06 -29.91
CA TRP D 224 -6.61 1.94 -29.57
C TRP D 224 -7.03 3.01 -28.55
N TRP D 225 -7.99 3.87 -28.96
CA TRP D 225 -8.54 4.93 -28.11
C TRP D 225 -9.73 4.40 -27.32
N SER D 226 -10.11 5.11 -26.23
CA SER D 226 -11.19 4.70 -25.35
C SER D 226 -12.07 5.88 -24.95
N GLY D 227 -13.37 5.62 -24.79
CA GLY D 227 -14.33 6.61 -24.35
C GLY D 227 -15.05 6.20 -23.07
N SER D 228 -14.51 5.17 -22.38
CA SER D 228 -15.09 4.60 -21.16
C SER D 228 -14.04 3.84 -20.34
N TYR D 229 -13.98 4.10 -19.01
CA TYR D 229 -13.05 3.40 -18.12
C TYR D 229 -13.46 1.92 -17.95
N ASP D 230 -14.77 1.67 -17.76
CA ASP D 230 -15.32 0.33 -17.59
C ASP D 230 -15.65 -0.29 -18.96
N THR D 231 -14.85 -1.31 -19.37
CA THR D 231 -14.99 -2.01 -20.65
C THR D 231 -16.29 -2.83 -20.72
N TYR D 232 -16.85 -3.23 -19.56
CA TYR D 232 -18.11 -3.98 -19.51
C TYR D 232 -19.23 -3.14 -20.16
N ASP D 233 -19.34 -1.85 -19.78
CA ASP D 233 -20.35 -0.94 -20.31
C ASP D 233 -20.11 -0.64 -21.80
N ALA D 234 -18.84 -0.34 -22.18
CA ALA D 234 -18.45 0.00 -23.55
C ALA D 234 -18.78 -1.10 -24.57
N TYR D 235 -18.47 -2.37 -24.23
CA TYR D 235 -18.73 -3.51 -25.12
C TYR D 235 -20.22 -3.88 -25.11
N LEU D 236 -20.94 -3.59 -23.99
CA LEU D 236 -22.38 -3.87 -23.90
C LEU D 236 -23.18 -2.84 -24.70
N ARG D 237 -22.74 -1.56 -24.70
CA ARG D 237 -23.40 -0.49 -25.46
C ARG D 237 -23.26 -0.73 -26.96
N ALA D 238 -22.12 -1.32 -27.39
CA ALA D 238 -21.83 -1.65 -28.79
C ALA D 238 -22.79 -2.74 -29.32
N GLY D 239 -23.19 -3.66 -28.44
CA GLY D 239 -24.12 -4.73 -28.77
C GLY D 239 -23.44 -6.01 -29.22
N ASN D 240 -22.62 -5.91 -30.28
CA ASN D 240 -21.87 -7.04 -30.81
C ASN D 240 -20.43 -6.63 -31.09
N ALA D 241 -19.54 -7.62 -31.36
CA ALA D 241 -18.12 -7.37 -31.63
C ALA D 241 -17.90 -6.58 -32.93
N GLY D 242 -18.78 -6.81 -33.92
CA GLY D 242 -18.73 -6.14 -35.22
C GLY D 242 -18.93 -4.64 -35.13
N ALA D 243 -19.90 -4.20 -34.29
CA ALA D 243 -20.16 -2.78 -34.06
C ALA D 243 -19.01 -2.11 -33.29
N MET D 244 -18.34 -2.88 -32.40
CA MET D 244 -17.18 -2.41 -31.65
C MET D 244 -15.99 -2.19 -32.60
N ALA D 245 -15.77 -3.13 -33.53
CA ALA D 245 -14.71 -3.03 -34.54
C ALA D 245 -15.00 -1.90 -35.54
N ALA D 246 -16.29 -1.68 -35.88
CA ALA D 246 -16.73 -0.60 -36.78
C ALA D 246 -16.57 0.78 -36.14
N SER D 247 -16.73 0.88 -34.80
CA SER D 247 -16.60 2.13 -34.04
C SER D 247 -15.16 2.67 -34.05
N ARG D 248 -14.17 1.79 -34.32
CA ARG D 248 -12.75 2.16 -34.39
C ARG D 248 -12.26 2.18 -35.85
N GLY D 249 -13.17 1.92 -36.79
CA GLY D 249 -12.90 1.89 -38.22
C GLY D 249 -11.92 0.81 -38.63
N MET D 250 -12.11 -0.41 -38.11
CA MET D 250 -11.22 -1.56 -38.34
C MET D 250 -11.57 -2.39 -39.60
N GLU D 251 -12.40 -1.84 -40.52
CA GLU D 251 -12.82 -2.52 -41.75
C GLU D 251 -11.62 -2.89 -42.64
N SER D 252 -10.57 -2.03 -42.66
CA SER D 252 -9.37 -2.24 -43.47
C SER D 252 -8.29 -3.09 -42.74
N ILE D 253 -8.49 -3.41 -41.44
CA ILE D 253 -7.55 -4.22 -40.66
C ILE D 253 -7.70 -5.69 -41.06
N GLY D 254 -6.64 -6.24 -41.65
CA GLY D 254 -6.57 -7.60 -42.20
C GLY D 254 -6.97 -8.74 -41.30
N PHE D 255 -6.47 -8.76 -40.05
CA PHE D 255 -6.81 -9.86 -39.13
C PHE D 255 -8.27 -9.76 -38.68
N TRP D 256 -8.85 -8.54 -38.64
CA TRP D 256 -10.27 -8.41 -38.29
C TRP D 256 -11.13 -8.97 -39.42
N LYS D 257 -10.73 -8.74 -40.70
CA LYS D 257 -11.42 -9.29 -41.87
C LYS D 257 -11.45 -10.82 -41.81
N LYS D 258 -10.34 -11.42 -41.35
CA LYS D 258 -10.19 -12.87 -41.20
C LYS D 258 -11.08 -13.42 -40.08
N LEU D 259 -11.13 -12.73 -38.91
CA LEU D 259 -11.96 -13.12 -37.76
C LEU D 259 -13.45 -13.09 -38.11
N ALA D 260 -13.91 -11.97 -38.72
CA ALA D 260 -15.30 -11.75 -39.12
C ALA D 260 -15.76 -12.74 -40.20
N ALA D 261 -14.86 -13.10 -41.16
CA ALA D 261 -15.19 -14.02 -42.25
C ALA D 261 -15.09 -15.50 -41.81
N HIS D 262 -14.31 -15.80 -40.75
CA HIS D 262 -14.16 -17.18 -40.27
C HIS D 262 -14.56 -17.32 -38.77
N PRO D 263 -15.88 -17.18 -38.42
CA PRO D 263 -16.27 -17.35 -37.01
C PRO D 263 -16.22 -18.81 -36.55
N SER D 264 -16.45 -19.78 -37.48
CA SER D 264 -16.43 -21.21 -37.16
C SER D 264 -15.03 -21.81 -37.42
N TYR D 265 -14.81 -23.07 -36.96
CA TYR D 265 -13.55 -23.80 -37.12
C TYR D 265 -13.45 -24.43 -38.52
N ASP D 266 -13.49 -23.59 -39.57
CA ASP D 266 -13.41 -24.03 -40.96
C ASP D 266 -11.94 -24.31 -41.36
N SER D 267 -11.67 -24.44 -42.67
CA SER D 267 -10.35 -24.75 -43.23
C SER D 267 -9.27 -23.71 -42.89
N PHE D 268 -9.66 -22.44 -42.65
CA PHE D 268 -8.73 -21.36 -42.30
C PHE D 268 -8.05 -21.64 -40.94
N TRP D 269 -8.83 -22.00 -39.92
CA TRP D 269 -8.32 -22.28 -38.57
C TRP D 269 -7.73 -23.68 -38.47
N GLN D 270 -8.35 -24.67 -39.17
CA GLN D 270 -7.91 -26.08 -39.18
C GLN D 270 -6.47 -26.23 -39.70
N GLN D 271 -6.13 -25.54 -40.81
CA GLN D 271 -4.81 -25.61 -41.46
C GLN D 271 -3.74 -24.78 -40.72
N GLN D 272 -4.14 -24.01 -39.70
CA GLN D 272 -3.20 -23.17 -38.95
C GLN D 272 -2.90 -23.73 -37.56
N ALA D 273 -3.62 -24.79 -37.13
CA ALA D 273 -3.41 -25.44 -35.83
C ALA D 273 -1.98 -25.98 -35.74
N MET D 274 -1.17 -25.37 -34.85
CA MET D 274 0.26 -25.71 -34.72
C MET D 274 0.48 -27.14 -34.26
N ASP D 275 -0.43 -27.66 -33.42
CA ASP D 275 -0.37 -29.05 -32.95
C ASP D 275 -0.62 -30.03 -34.11
N LYS D 276 -1.57 -29.70 -35.02
CA LYS D 276 -1.87 -30.53 -36.19
C LYS D 276 -0.77 -30.40 -37.24
N MET D 277 -0.23 -29.18 -37.42
CA MET D 277 0.84 -28.87 -38.37
C MET D 277 2.16 -29.56 -37.98
N LEU D 278 2.60 -29.46 -36.69
CA LEU D 278 3.85 -30.07 -36.23
C LEU D 278 3.77 -31.61 -36.20
N ALA D 279 2.55 -32.16 -36.05
CA ALA D 279 2.32 -33.61 -36.05
C ALA D 279 2.57 -34.22 -37.44
N GLN D 280 2.38 -33.43 -38.52
CA GLN D 280 2.62 -33.92 -39.89
C GLN D 280 3.96 -33.39 -40.44
N HIS D 281 4.94 -33.19 -39.54
CA HIS D 281 6.29 -32.76 -39.85
C HIS D 281 7.29 -33.59 -39.03
N PRO D 282 8.51 -33.90 -39.54
CA PRO D 282 9.46 -34.69 -38.73
C PRO D 282 9.92 -33.94 -37.47
N LEU D 283 10.17 -34.68 -36.40
CA LEU D 283 10.65 -34.12 -35.13
C LEU D 283 12.15 -34.39 -34.99
N THR D 284 12.97 -33.32 -35.12
CA THR D 284 14.43 -33.43 -35.08
C THR D 284 15.05 -32.52 -34.02
N VAL D 285 14.46 -31.33 -33.79
CA VAL D 285 14.98 -30.34 -32.85
C VAL D 285 14.52 -30.63 -31.41
N PRO D 286 15.46 -30.81 -30.45
CA PRO D 286 15.07 -31.00 -29.03
C PRO D 286 14.19 -29.85 -28.56
N MET D 287 13.03 -30.20 -28.00
CA MET D 287 12.00 -29.25 -27.60
C MET D 287 11.73 -29.29 -26.10
N LEU D 288 11.66 -28.10 -25.48
CA LEU D 288 11.33 -27.94 -24.06
C LEU D 288 10.08 -27.08 -23.95
N ILE D 289 8.89 -27.73 -23.95
CA ILE D 289 7.58 -27.06 -23.89
C ILE D 289 7.32 -26.55 -22.47
N VAL D 290 7.14 -25.22 -22.32
CA VAL D 290 6.94 -24.59 -21.02
C VAL D 290 5.54 -23.97 -20.92
N GLY D 291 4.65 -24.69 -20.24
CA GLY D 291 3.27 -24.27 -20.04
C GLY D 291 2.96 -23.83 -18.62
N GLY D 292 1.91 -23.03 -18.49
CA GLY D 292 1.45 -22.52 -17.21
C GLY D 292 0.04 -22.96 -16.88
N LEU D 293 -0.18 -23.38 -15.63
CA LEU D 293 -1.49 -23.83 -15.13
C LEU D 293 -2.54 -22.72 -15.19
N PHE D 294 -2.15 -21.46 -14.96
CA PHE D 294 -3.08 -20.34 -14.91
C PHE D 294 -2.80 -19.31 -16.02
N ASP D 295 -2.46 -19.80 -17.24
CA ASP D 295 -2.20 -18.97 -18.39
C ASP D 295 -3.52 -18.37 -18.91
N GLN D 296 -3.69 -17.06 -18.69
CA GLN D 296 -4.90 -16.33 -19.06
C GLN D 296 -4.96 -15.98 -20.56
N GLU D 297 -3.95 -16.43 -21.35
CA GLU D 297 -3.88 -16.11 -22.78
C GLU D 297 -3.75 -17.36 -23.66
N ASP D 298 -2.82 -18.29 -23.33
CA ASP D 298 -2.59 -19.51 -24.13
C ASP D 298 -2.58 -20.77 -23.27
N ILE D 299 -3.72 -21.09 -22.64
CA ILE D 299 -3.85 -22.26 -21.74
C ILE D 299 -3.99 -23.60 -22.53
N TYR D 300 -4.43 -23.55 -23.79
CA TYR D 300 -4.67 -24.73 -24.63
C TYR D 300 -3.39 -25.26 -25.29
N GLY D 301 -2.61 -24.34 -25.86
CA GLY D 301 -1.42 -24.62 -26.67
C GLY D 301 -0.39 -25.62 -26.20
N SER D 302 0.34 -25.30 -25.13
CA SER D 302 1.45 -26.12 -24.60
C SER D 302 1.04 -27.58 -24.27
N PRO D 303 -0.06 -27.86 -23.50
CA PRO D 303 -0.42 -29.26 -23.23
C PRO D 303 -0.81 -30.03 -24.49
N LYS D 304 -1.42 -29.34 -25.48
CA LYS D 304 -1.82 -29.95 -26.75
C LYS D 304 -0.58 -30.32 -27.59
N LEU D 305 0.50 -29.50 -27.48
CA LEU D 305 1.76 -29.77 -28.20
C LEU D 305 2.38 -31.08 -27.76
N TYR D 306 2.53 -31.29 -26.42
CA TYR D 306 3.09 -32.52 -25.87
C TYR D 306 2.25 -33.74 -26.27
N LYS D 307 0.91 -33.61 -26.20
CA LYS D 307 -0.04 -34.66 -26.54
C LYS D 307 0.19 -35.22 -27.96
N VAL D 308 0.38 -34.34 -28.96
CA VAL D 308 0.56 -34.74 -30.37
C VAL D 308 2.05 -35.02 -30.71
N LEU D 309 3.00 -34.45 -29.96
CA LEU D 309 4.43 -34.66 -30.27
C LEU D 309 5.08 -35.78 -29.45
N ALA D 310 4.49 -36.16 -28.29
CA ALA D 310 5.02 -37.25 -27.44
C ALA D 310 5.05 -38.61 -28.17
N PRO D 311 4.00 -39.05 -28.92
CA PRO D 311 4.10 -40.36 -29.61
C PRO D 311 5.12 -40.38 -30.75
N LYS D 312 5.50 -39.19 -31.25
CA LYS D 312 6.51 -39.04 -32.31
C LYS D 312 7.91 -39.25 -31.72
N ASP D 313 8.05 -39.07 -30.39
CA ASP D 313 9.30 -39.27 -29.65
C ASP D 313 9.04 -40.32 -28.53
N PRO D 314 8.81 -41.61 -28.87
CA PRO D 314 8.51 -42.60 -27.80
C PRO D 314 9.67 -42.86 -26.85
N GLU D 315 10.92 -42.69 -27.32
CA GLU D 315 12.12 -42.90 -26.52
C GLU D 315 12.38 -41.73 -25.53
N GLY D 316 11.69 -40.61 -25.74
CA GLY D 316 11.80 -39.41 -24.90
C GLY D 316 13.16 -38.73 -24.99
N LYS D 317 13.76 -38.74 -26.20
CA LYS D 317 15.08 -38.15 -26.45
C LYS D 317 15.01 -36.73 -27.06
N LEU D 318 13.78 -36.17 -27.24
CA LEU D 318 13.64 -34.85 -27.87
C LEU D 318 12.62 -33.94 -27.17
N VAL D 319 11.41 -34.46 -26.86
CA VAL D 319 10.32 -33.65 -26.29
C VAL D 319 10.27 -33.74 -24.75
N HIS D 320 10.16 -32.57 -24.10
CA HIS D 320 10.00 -32.43 -22.65
C HIS D 320 8.90 -31.42 -22.37
N PHE D 321 7.98 -31.75 -21.46
CA PHE D 321 6.88 -30.86 -21.10
C PHE D 321 7.05 -30.35 -19.66
N VAL D 322 6.92 -29.02 -19.47
CA VAL D 322 7.05 -28.38 -18.17
C VAL D 322 5.77 -27.58 -17.89
N LEU D 323 5.05 -27.94 -16.81
CA LEU D 323 3.81 -27.29 -16.43
C LEU D 323 3.93 -26.70 -15.02
N GLY D 324 4.21 -25.40 -14.94
CA GLY D 324 4.40 -24.68 -13.68
C GLY D 324 3.14 -23.96 -13.18
N PRO D 325 3.17 -23.40 -11.94
CA PRO D 325 1.98 -22.69 -11.42
C PRO D 325 2.00 -21.24 -11.89
N TRP D 326 2.06 -21.05 -13.20
CA TRP D 326 2.30 -19.75 -13.77
C TRP D 326 1.15 -19.19 -14.56
N ASN D 327 1.08 -17.85 -14.56
CA ASN D 327 0.18 -17.12 -15.45
C ASN D 327 0.87 -17.05 -16.83
N HIS D 328 0.36 -16.25 -17.75
CA HIS D 328 0.91 -16.17 -19.10
C HIS D 328 2.43 -15.82 -19.16
N GLY D 329 2.88 -14.85 -18.37
CA GLY D 329 4.27 -14.40 -18.41
C GLY D 329 5.20 -14.86 -17.30
N GLN D 330 4.65 -15.56 -16.28
CA GLN D 330 5.42 -15.97 -15.09
C GLN D 330 6.50 -17.03 -15.35
N GLY D 331 6.33 -17.84 -16.41
CA GLY D 331 7.34 -18.82 -16.78
C GLY D 331 8.63 -18.18 -17.26
N ARG D 332 8.52 -16.93 -17.75
CA ARG D 332 9.63 -16.14 -18.27
C ARG D 332 10.15 -15.09 -17.26
N ARG D 333 9.64 -15.12 -16.01
CA ARG D 333 10.09 -14.18 -14.97
C ARG D 333 9.97 -14.79 -13.55
N ASP D 334 9.92 -13.92 -12.52
CA ASP D 334 9.77 -14.32 -11.12
C ASP D 334 8.35 -14.83 -10.86
N ALA D 335 8.21 -15.94 -10.14
CA ALA D 335 6.90 -16.51 -9.87
C ALA D 335 6.83 -17.11 -8.48
N ARG D 336 6.82 -16.25 -7.45
N ARG D 336 6.82 -16.26 -7.44
CA ARG D 336 6.74 -16.67 -6.05
CA ARG D 336 6.73 -16.69 -6.04
C ARG D 336 5.28 -16.80 -5.62
C ARG D 336 5.27 -16.81 -5.62
N SER D 337 4.37 -16.06 -6.29
CA SER D 337 2.94 -16.05 -5.98
C SER D 337 2.10 -15.65 -7.21
N LEU D 338 0.77 -15.87 -7.12
CA LEU D 338 -0.21 -15.44 -8.12
C LEU D 338 -1.47 -15.05 -7.40
N GLY D 339 -1.75 -13.75 -7.36
CA GLY D 339 -2.87 -13.21 -6.60
C GLY D 339 -2.69 -13.55 -5.13
N PRO D 340 -3.67 -14.24 -4.49
CA PRO D 340 -3.48 -14.61 -3.08
C PRO D 340 -2.76 -15.94 -2.91
N LEU D 341 -2.51 -16.69 -4.02
CA LEU D 341 -1.82 -17.97 -3.96
C LEU D 341 -0.33 -17.75 -3.74
N GLN D 342 0.31 -18.58 -2.92
CA GLN D 342 1.73 -18.47 -2.60
C GLN D 342 2.44 -19.79 -2.84
N PHE D 343 3.46 -19.78 -3.71
CA PHE D 343 4.20 -20.99 -4.10
C PHE D 343 5.55 -21.05 -3.37
N GLU D 344 6.17 -22.25 -3.35
CA GLU D 344 7.43 -22.46 -2.66
C GLU D 344 8.63 -21.84 -3.41
N GLY D 345 8.84 -20.55 -3.19
CA GLY D 345 9.94 -19.79 -3.79
C GLY D 345 9.66 -19.35 -5.21
N ASP D 346 10.69 -18.75 -5.86
CA ASP D 346 10.60 -18.32 -7.25
C ASP D 346 10.65 -19.54 -8.17
N THR D 347 9.46 -20.10 -8.48
CA THR D 347 9.30 -21.29 -9.31
C THR D 347 9.77 -21.04 -10.75
N GLY D 348 9.56 -19.81 -11.25
CA GLY D 348 9.95 -19.38 -12.59
C GLY D 348 11.46 -19.33 -12.74
N GLY D 349 12.12 -18.67 -11.78
CA GLY D 349 13.57 -18.57 -11.74
C GLY D 349 14.25 -19.90 -11.48
N TRP D 350 13.60 -20.77 -10.68
CA TRP D 350 14.09 -22.13 -10.38
C TRP D 350 14.11 -22.99 -11.65
N PHE D 351 13.05 -22.89 -12.47
CA PHE D 351 12.95 -23.65 -13.72
C PHE D 351 14.04 -23.22 -14.72
N ARG D 352 14.24 -21.91 -14.91
CA ARG D 352 15.21 -21.41 -15.90
C ARG D 352 16.66 -21.72 -15.51
N ARG D 353 17.00 -21.60 -14.22
CA ARG D 353 18.36 -21.87 -13.73
C ARG D 353 18.67 -23.37 -13.67
N ASN D 354 17.73 -24.20 -13.17
CA ASN D 354 17.98 -25.62 -12.96
C ASN D 354 17.49 -26.55 -14.07
N VAL D 355 16.61 -26.09 -14.98
CA VAL D 355 16.10 -26.96 -16.05
C VAL D 355 16.44 -26.40 -17.44
N MET D 356 15.98 -25.16 -17.74
CA MET D 356 16.19 -24.56 -19.07
C MET D 356 17.67 -24.34 -19.40
N GLN D 357 18.46 -23.72 -18.49
CA GLN D 357 19.87 -23.44 -18.77
C GLN D 357 20.69 -24.76 -18.94
N PRO D 358 20.57 -25.80 -18.06
CA PRO D 358 21.31 -27.06 -18.32
C PRO D 358 20.89 -27.76 -19.63
N PHE D 359 19.61 -27.57 -20.06
CA PHE D 359 19.09 -28.12 -21.33
C PHE D 359 19.78 -27.42 -22.51
N LEU D 360 19.87 -26.08 -22.45
CA LEU D 360 20.50 -25.27 -23.49
C LEU D 360 22.01 -25.51 -23.56
N ASP D 361 22.71 -25.53 -22.39
CA ASP D 361 24.16 -25.74 -22.33
C ASP D 361 24.58 -27.14 -22.84
N HIS D 362 23.69 -28.15 -22.75
CA HIS D 362 24.03 -29.50 -23.24
C HIS D 362 24.06 -29.54 -24.77
N TYR D 363 23.03 -28.99 -25.43
CA TYR D 363 22.93 -29.03 -26.89
C TYR D 363 23.74 -27.91 -27.57
N LEU D 364 24.14 -26.86 -26.81
CA LEU D 364 24.89 -25.74 -27.39
C LEU D 364 26.36 -25.68 -26.99
N LYS D 365 26.75 -26.25 -25.84
CA LYS D 365 28.14 -26.20 -25.36
C LYS D 365 28.72 -27.59 -25.00
N ASP D 366 27.96 -28.68 -25.29
CA ASP D 366 28.32 -30.08 -25.01
C ASP D 366 28.50 -30.36 -23.49
N ALA D 367 27.85 -29.54 -22.63
CA ALA D 367 27.85 -29.72 -21.17
C ALA D 367 27.11 -31.02 -20.79
N PRO D 368 27.46 -31.70 -19.65
CA PRO D 368 26.78 -32.97 -19.31
C PRO D 368 25.26 -32.86 -19.33
N LYS D 369 24.60 -33.86 -19.95
CA LYS D 369 23.14 -33.88 -20.09
C LYS D 369 22.47 -34.09 -18.74
N LEU D 370 21.56 -33.17 -18.38
CA LEU D 370 20.79 -33.25 -17.14
C LEU D 370 19.59 -34.17 -17.38
N ASP D 371 19.31 -35.07 -16.43
CA ASP D 371 18.20 -36.01 -16.55
C ASP D 371 16.86 -35.30 -16.32
N ILE D 372 16.36 -34.64 -17.37
CA ILE D 372 15.09 -33.91 -17.35
C ILE D 372 13.97 -34.95 -17.52
N PRO D 373 12.92 -34.96 -16.66
CA PRO D 373 11.84 -35.93 -16.84
C PRO D 373 11.01 -35.61 -18.09
N ARG D 374 10.27 -36.62 -18.60
CA ARG D 374 9.39 -36.46 -19.75
C ARG D 374 8.38 -35.34 -19.49
N VAL D 375 7.75 -35.36 -18.30
CA VAL D 375 6.78 -34.37 -17.86
C VAL D 375 7.21 -33.84 -16.48
N LEU D 376 7.44 -32.54 -16.39
CA LEU D 376 7.79 -31.88 -15.12
C LEU D 376 6.60 -31.01 -14.71
N SER D 377 5.85 -31.45 -13.69
CA SER D 377 4.63 -30.77 -13.28
C SER D 377 4.68 -30.25 -11.84
N TYR D 378 4.23 -29.00 -11.64
CA TYR D 378 4.14 -28.43 -10.30
C TYR D 378 2.73 -28.62 -9.81
N GLU D 379 2.58 -29.34 -8.71
CA GLU D 379 1.28 -29.60 -8.12
C GLU D 379 0.92 -28.51 -7.12
N THR D 380 -0.15 -27.74 -7.40
CA THR D 380 -0.63 -26.68 -6.51
C THR D 380 -1.32 -27.32 -5.30
N GLY D 381 -1.40 -26.57 -4.21
CA GLY D 381 -1.94 -27.08 -2.95
C GLY D 381 -0.84 -27.78 -2.17
N ALA D 382 -0.29 -28.86 -2.77
CA ALA D 382 0.83 -29.63 -2.21
C ALA D 382 2.14 -28.82 -2.32
N ASN D 383 2.23 -27.92 -3.35
CA ASN D 383 3.37 -27.04 -3.64
C ASN D 383 4.66 -27.85 -3.86
N ALA D 384 4.64 -28.78 -4.84
CA ALA D 384 5.79 -29.64 -5.14
C ALA D 384 5.94 -29.94 -6.63
N TRP D 385 7.19 -29.99 -7.10
CA TRP D 385 7.54 -30.36 -8.47
C TRP D 385 7.59 -31.87 -8.57
N HIS D 386 6.91 -32.45 -9.57
CA HIS D 386 6.87 -33.90 -9.76
C HIS D 386 7.48 -34.32 -11.08
N ARG D 387 8.23 -35.44 -11.06
CA ARG D 387 8.80 -36.08 -12.25
C ARG D 387 7.82 -37.13 -12.74
N TYR D 388 7.17 -36.89 -13.89
CA TYR D 388 6.20 -37.83 -14.45
C TYR D 388 6.68 -38.42 -15.76
N ASP D 389 6.23 -39.64 -16.08
CA ASP D 389 6.60 -40.32 -17.32
C ASP D 389 5.66 -39.94 -18.47
N ASP D 390 4.45 -39.44 -18.13
CA ASP D 390 3.43 -39.01 -19.11
C ASP D 390 2.45 -38.03 -18.47
N TRP D 391 1.64 -37.35 -19.31
CA TRP D 391 0.61 -36.43 -18.83
C TRP D 391 -0.77 -36.83 -19.37
N PRO D 392 -1.70 -37.28 -18.48
CA PRO D 392 -1.57 -37.38 -17.01
C PRO D 392 -0.72 -38.58 -16.58
N PRO D 393 -0.17 -38.58 -15.32
CA PRO D 393 0.62 -39.75 -14.88
C PRO D 393 -0.21 -41.03 -14.83
N GLU D 394 0.41 -42.17 -15.18
CA GLU D 394 -0.20 -43.51 -15.24
C GLU D 394 -0.62 -43.99 -13.85
N GLU D 400 -0.83 -44.93 -8.17
CA GLU D 400 -1.95 -45.46 -8.92
C GLU D 400 -2.91 -44.35 -9.35
N ALA D 401 -3.49 -44.47 -10.56
CA ALA D 401 -4.39 -43.47 -11.14
C ALA D 401 -5.65 -44.09 -11.73
N HIS D 402 -6.81 -43.41 -11.58
CA HIS D 402 -8.07 -43.86 -12.15
C HIS D 402 -9.00 -42.69 -12.53
N TYR D 403 -9.79 -42.88 -13.60
CA TYR D 403 -10.74 -41.90 -14.14
C TYR D 403 -12.04 -41.98 -13.35
N CYS D 404 -12.50 -40.84 -12.78
CA CYS D 404 -13.72 -40.81 -11.96
C CYS D 404 -14.69 -39.72 -12.45
N ASP D 405 -15.98 -39.93 -12.19
CA ASP D 405 -17.03 -38.97 -12.53
C ASP D 405 -17.51 -38.26 -11.28
N LEU D 406 -17.45 -36.92 -11.29
CA LEU D 406 -17.89 -36.07 -10.18
C LEU D 406 -19.23 -35.43 -10.57
N TYR D 407 -20.33 -36.10 -10.20
CA TYR D 407 -21.70 -35.74 -10.58
C TYR D 407 -22.25 -34.54 -9.85
N VAL D 408 -23.02 -33.70 -10.58
CA VAL D 408 -23.76 -32.60 -9.98
C VAL D 408 -25.02 -33.24 -9.36
N GLN D 409 -25.34 -32.88 -8.11
CA GLN D 409 -26.45 -33.52 -7.40
C GLN D 409 -27.47 -32.50 -6.92
N GLU D 410 -28.56 -32.99 -6.30
CA GLU D 410 -29.63 -32.17 -5.74
C GLU D 410 -29.14 -31.40 -4.52
N ASP D 411 -29.86 -30.30 -4.17
CA ASP D 411 -29.58 -29.44 -3.00
C ASP D 411 -28.16 -28.84 -3.04
N GLY D 412 -27.71 -28.48 -4.24
CA GLY D 412 -26.39 -27.88 -4.48
C GLY D 412 -25.22 -28.77 -4.10
N LYS D 413 -25.39 -30.10 -4.20
CA LYS D 413 -24.36 -31.05 -3.83
C LYS D 413 -23.55 -31.55 -5.03
N LEU D 414 -22.34 -32.03 -4.76
CA LEU D 414 -21.39 -32.57 -5.72
C LEU D 414 -20.78 -33.82 -5.12
N GLY D 415 -20.84 -34.94 -5.84
CA GLY D 415 -20.34 -36.21 -5.32
C GLY D 415 -20.09 -37.29 -6.36
N PHE D 416 -19.57 -38.44 -5.90
CA PHE D 416 -19.26 -39.57 -6.76
C PHE D 416 -20.46 -40.53 -6.94
N GLU D 417 -21.62 -40.18 -6.33
CA GLU D 417 -22.84 -40.99 -6.44
C GLU D 417 -23.62 -40.61 -7.70
N MET D 418 -23.79 -41.58 -8.62
CA MET D 418 -24.54 -41.39 -9.86
C MET D 418 -26.03 -41.22 -9.55
N PRO D 419 -26.71 -40.18 -10.10
CA PRO D 419 -28.14 -40.00 -9.78
C PRO D 419 -29.01 -41.12 -10.37
N ALA D 420 -30.09 -41.48 -9.64
CA ALA D 420 -31.02 -42.51 -10.07
C ALA D 420 -32.38 -41.91 -10.45
N ALA D 421 -32.55 -40.59 -10.23
CA ALA D 421 -33.78 -39.85 -10.55
C ALA D 421 -34.12 -39.91 -12.05
N LYS D 422 -35.42 -39.86 -12.37
CA LYS D 422 -35.89 -39.89 -13.76
C LYS D 422 -36.10 -38.46 -14.28
N GLN D 423 -36.49 -37.54 -13.38
CA GLN D 423 -36.69 -36.14 -13.71
C GLN D 423 -36.09 -35.26 -12.61
N ALA D 424 -34.90 -34.71 -12.88
CA ALA D 424 -34.15 -33.86 -11.94
C ALA D 424 -33.22 -32.91 -12.70
N PHE D 425 -33.28 -31.61 -12.38
CA PHE D 425 -32.46 -30.57 -13.01
C PHE D 425 -32.39 -29.32 -12.14
N ASP D 426 -31.39 -28.48 -12.40
CA ASP D 426 -31.22 -27.18 -11.77
C ASP D 426 -31.48 -26.12 -12.83
N GLU D 427 -32.36 -25.17 -12.53
CA GLU D 427 -32.82 -24.18 -13.51
C GLU D 427 -32.38 -22.75 -13.19
N TYR D 428 -32.09 -21.96 -14.24
CA TYR D 428 -31.78 -20.53 -14.17
C TYR D 428 -32.13 -19.83 -15.49
N VAL D 429 -32.42 -18.53 -15.40
CA VAL D 429 -32.75 -17.72 -16.57
C VAL D 429 -31.52 -16.88 -16.95
N SER D 430 -31.04 -17.04 -18.18
CA SER D 430 -29.91 -16.27 -18.69
C SER D 430 -30.42 -15.05 -19.45
N ASP D 431 -30.02 -13.85 -19.00
CA ASP D 431 -30.45 -12.59 -19.60
C ASP D 431 -29.27 -11.91 -20.34
N PRO D 432 -29.30 -11.86 -21.70
CA PRO D 432 -28.19 -11.22 -22.43
C PRO D 432 -28.10 -9.71 -22.20
N ALA D 433 -29.20 -9.05 -21.77
CA ALA D 433 -29.19 -7.62 -21.45
C ALA D 433 -28.37 -7.37 -20.17
N LYS D 434 -28.30 -8.38 -19.28
CA LYS D 434 -27.51 -8.34 -18.05
C LYS D 434 -26.49 -9.50 -18.02
N PRO D 435 -25.44 -9.51 -18.90
CA PRO D 435 -24.51 -10.64 -18.91
C PRO D 435 -23.68 -10.72 -17.62
N VAL D 436 -23.23 -11.92 -17.27
CA VAL D 436 -22.46 -12.15 -16.06
C VAL D 436 -21.03 -11.55 -16.24
N PRO D 437 -20.62 -10.61 -15.37
CA PRO D 437 -19.26 -10.04 -15.50
C PRO D 437 -18.19 -11.10 -15.19
N TYR D 438 -17.22 -11.30 -16.12
CA TYR D 438 -16.16 -12.31 -15.96
C TYR D 438 -15.27 -11.99 -14.74
N ARG D 439 -15.22 -10.71 -14.35
CA ARG D 439 -14.53 -10.20 -13.18
C ARG D 439 -15.37 -9.14 -12.52
N GLN D 440 -15.08 -8.81 -11.24
CA GLN D 440 -15.77 -7.72 -10.54
C GLN D 440 -15.49 -6.41 -11.24
N ARG D 441 -16.53 -5.60 -11.44
CA ARG D 441 -16.41 -4.33 -12.14
C ARG D 441 -15.74 -3.23 -11.27
N PRO D 442 -15.02 -2.26 -11.87
CA PRO D 442 -14.85 -2.01 -13.31
C PRO D 442 -13.85 -2.95 -13.99
N THR D 443 -14.21 -3.43 -15.19
CA THR D 443 -13.33 -4.28 -16.00
C THR D 443 -12.52 -3.35 -16.90
N ILE D 444 -11.20 -3.52 -16.88
CA ILE D 444 -10.30 -2.64 -17.62
C ILE D 444 -9.44 -3.44 -18.61
N PRO D 445 -8.84 -2.79 -19.65
CA PRO D 445 -8.01 -3.53 -20.60
C PRO D 445 -6.79 -4.18 -19.94
N SER D 446 -6.30 -5.27 -20.56
CA SER D 446 -5.15 -6.04 -20.08
C SER D 446 -3.86 -5.20 -20.04
N TYR D 447 -3.68 -4.28 -21.01
CA TYR D 447 -2.49 -3.44 -21.12
C TYR D 447 -2.50 -2.22 -20.17
N ALA D 448 -3.60 -2.00 -19.40
CA ALA D 448 -3.69 -0.87 -18.47
C ALA D 448 -2.64 -0.99 -17.34
N ALA D 449 -2.17 0.16 -16.82
CA ALA D 449 -1.13 0.23 -15.78
C ALA D 449 -1.53 -0.52 -14.48
N GLU D 450 -2.79 -0.36 -14.04
CA GLU D 450 -3.30 -0.95 -12.81
C GLU D 450 -4.02 -2.32 -13.03
N SER D 451 -3.86 -2.90 -14.24
CA SER D 451 -4.49 -4.18 -14.61
C SER D 451 -3.96 -5.35 -13.80
N THR D 452 -4.86 -6.28 -13.41
CA THR D 452 -4.51 -7.52 -12.71
C THR D 452 -4.94 -8.72 -13.59
N TRP D 453 -4.92 -8.51 -14.94
CA TRP D 453 -5.28 -9.49 -15.98
C TRP D 453 -4.54 -10.82 -15.78
N GLY D 454 -3.27 -10.73 -15.37
CA GLY D 454 -2.43 -11.89 -15.11
C GLY D 454 -2.89 -12.78 -13.96
N GLU D 455 -3.73 -12.25 -13.05
CA GLU D 455 -4.21 -13.01 -11.88
C GLU D 455 -5.70 -13.39 -11.96
N TRP D 456 -6.37 -13.11 -13.09
CA TRP D 456 -7.81 -13.31 -13.20
C TRP D 456 -8.27 -14.80 -13.14
N LEU D 457 -7.41 -15.75 -13.50
CA LEU D 457 -7.83 -17.16 -13.47
C LEU D 457 -7.89 -17.74 -12.05
N VAL D 458 -7.32 -17.04 -11.06
CA VAL D 458 -7.37 -17.48 -9.65
C VAL D 458 -8.32 -16.56 -8.83
N ASP D 459 -9.15 -15.75 -9.54
CA ASP D 459 -10.14 -14.83 -8.95
C ASP D 459 -11.16 -15.57 -8.08
N ASP D 460 -11.56 -14.92 -6.97
CA ASP D 460 -12.63 -15.42 -6.10
C ASP D 460 -13.93 -15.45 -6.90
N GLN D 461 -14.67 -16.56 -6.81
CA GLN D 461 -15.90 -16.71 -7.58
C GLN D 461 -17.16 -16.56 -6.70
N ARG D 462 -17.03 -15.96 -5.51
CA ARG D 462 -18.18 -15.70 -4.63
C ARG D 462 -19.12 -14.65 -5.23
N HIS D 463 -18.58 -13.70 -6.06
CA HIS D 463 -19.40 -12.67 -6.67
C HIS D 463 -20.46 -13.27 -7.63
N THR D 464 -20.14 -14.42 -8.28
CA THR D 464 -21.08 -15.11 -9.17
C THR D 464 -21.89 -16.18 -8.42
N ALA D 465 -21.32 -16.74 -7.32
CA ALA D 465 -21.97 -17.79 -6.51
C ALA D 465 -23.35 -17.38 -5.97
N SER D 466 -23.52 -16.09 -5.58
CA SER D 466 -24.80 -15.60 -5.03
C SER D 466 -25.80 -15.16 -6.12
N ARG D 467 -25.37 -15.15 -7.41
CA ARG D 467 -26.23 -14.73 -8.53
C ARG D 467 -27.25 -15.80 -8.87
N THR D 468 -28.47 -15.38 -9.24
CA THR D 468 -29.57 -16.29 -9.61
C THR D 468 -29.41 -16.81 -11.06
N ASP D 469 -28.54 -16.17 -11.87
CA ASP D 469 -28.29 -16.61 -13.26
C ASP D 469 -27.00 -17.46 -13.34
N VAL D 470 -26.59 -18.06 -12.18
CA VAL D 470 -25.43 -18.93 -12.04
C VAL D 470 -25.83 -20.14 -11.18
N LEU D 471 -25.41 -21.36 -11.57
CA LEU D 471 -25.69 -22.57 -10.79
C LEU D 471 -24.46 -22.96 -9.96
N VAL D 472 -24.69 -23.42 -8.73
CA VAL D 472 -23.60 -23.74 -7.79
C VAL D 472 -23.75 -25.14 -7.21
N TRP D 473 -22.66 -25.92 -7.23
CA TRP D 473 -22.58 -27.26 -6.63
C TRP D 473 -21.27 -27.39 -5.91
N ALA D 474 -21.28 -27.97 -4.71
CA ALA D 474 -20.06 -28.17 -3.94
C ALA D 474 -20.13 -29.41 -3.08
N THR D 475 -18.95 -30.01 -2.82
CA THR D 475 -18.84 -31.17 -1.94
C THR D 475 -18.87 -30.67 -0.50
N GLU D 476 -18.90 -31.59 0.46
CA GLU D 476 -18.75 -31.25 1.87
C GLU D 476 -17.24 -31.03 2.12
N PRO D 477 -16.78 -30.31 3.17
CA PRO D 477 -15.34 -30.18 3.38
C PRO D 477 -14.64 -31.54 3.39
N LEU D 478 -13.52 -31.67 2.66
CA LEU D 478 -12.78 -32.94 2.56
C LEU D 478 -12.11 -33.31 3.88
N LYS D 479 -12.18 -34.59 4.24
CA LYS D 479 -11.57 -35.12 5.46
C LYS D 479 -10.12 -35.48 5.19
N GLU D 480 -9.86 -36.01 3.99
CA GLU D 480 -8.54 -36.44 3.52
C GLU D 480 -8.18 -35.65 2.25
N PRO D 481 -6.86 -35.50 1.90
CA PRO D 481 -6.52 -34.77 0.67
C PRO D 481 -6.94 -35.52 -0.59
N LEU D 482 -7.36 -34.77 -1.63
CA LEU D 482 -7.75 -35.34 -2.92
C LEU D 482 -6.86 -34.77 -4.02
N ARG D 483 -6.04 -35.62 -4.64
CA ARG D 483 -5.13 -35.23 -5.72
C ARG D 483 -5.77 -35.43 -7.08
N VAL D 484 -5.77 -34.39 -7.92
CA VAL D 484 -6.28 -34.44 -9.31
C VAL D 484 -5.16 -34.03 -10.29
N ALA D 485 -5.10 -34.70 -11.45
CA ALA D 485 -4.10 -34.44 -12.48
C ALA D 485 -4.70 -34.62 -13.88
N GLY D 486 -4.05 -34.05 -14.89
CA GLY D 486 -4.48 -34.14 -16.28
C GLY D 486 -5.52 -33.12 -16.67
N GLN D 487 -6.40 -33.50 -17.62
CA GLN D 487 -7.43 -32.62 -18.16
C GLN D 487 -8.84 -33.03 -17.71
N PRO D 488 -9.52 -32.20 -16.89
CA PRO D 488 -10.91 -32.52 -16.54
C PRO D 488 -11.84 -32.27 -17.72
N VAL D 489 -12.80 -33.16 -17.95
CA VAL D 489 -13.73 -33.03 -19.06
C VAL D 489 -15.14 -32.90 -18.50
N ALA D 490 -15.83 -31.81 -18.87
CA ALA D 490 -17.19 -31.57 -18.42
C ALA D 490 -18.19 -32.26 -19.34
N ARG D 491 -18.84 -33.33 -18.85
CA ARG D 491 -19.89 -34.04 -19.56
C ARG D 491 -21.20 -33.39 -19.13
N LEU D 492 -21.61 -32.34 -19.84
CA LEU D 492 -22.79 -31.55 -19.50
C LEU D 492 -24.03 -31.97 -20.28
N PHE D 493 -25.11 -32.25 -19.54
CA PHE D 493 -26.43 -32.54 -20.09
C PHE D 493 -27.30 -31.34 -19.78
N ALA D 494 -27.55 -30.49 -20.79
CA ALA D 494 -28.27 -29.26 -20.56
C ALA D 494 -29.27 -28.93 -21.65
N SER D 495 -30.31 -28.15 -21.30
CA SER D 495 -31.33 -27.69 -22.22
C SER D 495 -31.50 -26.18 -22.10
N THR D 496 -31.94 -25.55 -23.20
CA THR D 496 -32.21 -24.11 -23.25
C THR D 496 -33.52 -23.89 -24.00
N SER D 497 -34.31 -22.88 -23.58
CA SER D 497 -35.56 -22.53 -24.25
C SER D 497 -35.28 -21.77 -25.57
N GLY D 498 -34.03 -21.32 -25.73
CA GLY D 498 -33.56 -20.63 -26.92
C GLY D 498 -33.08 -21.58 -27.99
N SER D 499 -32.36 -21.06 -29.02
CA SER D 499 -31.84 -21.89 -30.12
C SER D 499 -30.30 -21.78 -30.26
N ASP D 500 -29.65 -21.17 -29.26
CA ASP D 500 -28.19 -21.02 -29.14
C ASP D 500 -27.84 -20.66 -27.70
N ALA D 501 -26.64 -21.06 -27.22
CA ALA D 501 -26.22 -20.82 -25.84
C ALA D 501 -24.73 -21.00 -25.66
N ASP D 502 -24.15 -20.28 -24.70
CA ASP D 502 -22.77 -20.47 -24.26
C ASP D 502 -22.83 -21.21 -22.94
N TRP D 503 -21.90 -22.14 -22.72
CA TRP D 503 -21.88 -22.87 -21.47
C TRP D 503 -20.52 -22.71 -20.79
N VAL D 504 -20.50 -21.97 -19.67
CA VAL D 504 -19.30 -21.73 -18.88
C VAL D 504 -19.27 -22.75 -17.73
N VAL D 505 -18.23 -23.58 -17.68
CA VAL D 505 -18.06 -24.57 -16.61
C VAL D 505 -16.83 -24.17 -15.79
N LYS D 506 -17.00 -24.04 -14.47
CA LYS D 506 -15.89 -23.64 -13.60
C LYS D 506 -15.62 -24.67 -12.52
N ILE D 507 -14.33 -25.06 -12.35
CA ILE D 507 -13.90 -25.93 -11.25
C ILE D 507 -13.25 -25.02 -10.22
N ILE D 508 -13.73 -25.07 -8.97
CA ILE D 508 -13.27 -24.18 -7.92
C ILE D 508 -12.78 -24.97 -6.70
N ASP D 509 -11.73 -24.45 -6.04
CA ASP D 509 -11.25 -24.96 -4.77
C ASP D 509 -11.77 -24.02 -3.70
N VAL D 510 -12.79 -24.46 -2.94
CA VAL D 510 -13.34 -23.63 -1.88
C VAL D 510 -12.45 -23.77 -0.66
N TRP D 511 -11.74 -22.69 -0.30
CA TRP D 511 -10.87 -22.65 0.86
C TRP D 511 -11.70 -22.80 2.17
N PRO D 512 -11.13 -23.33 3.28
CA PRO D 512 -11.94 -23.52 4.50
C PRO D 512 -12.58 -22.23 5.02
N ASP D 513 -13.69 -22.35 5.77
CA ASP D 513 -14.44 -21.23 6.37
C ASP D 513 -13.49 -20.22 7.04
N GLU D 514 -12.45 -20.75 7.72
CA GLU D 514 -11.39 -19.99 8.38
C GLU D 514 -10.04 -20.56 7.98
N VAL D 515 -9.08 -19.68 7.62
CA VAL D 515 -7.75 -20.09 7.15
C VAL D 515 -6.67 -19.54 8.13
N PRO D 516 -6.04 -20.41 8.95
CA PRO D 516 -5.06 -19.90 9.94
C PRO D 516 -3.80 -19.28 9.32
N GLU D 517 -3.38 -19.74 8.13
CA GLU D 517 -2.19 -19.25 7.41
C GLU D 517 -2.42 -17.83 6.86
N ASN D 518 -3.67 -17.50 6.48
CA ASN D 518 -4.07 -16.20 5.94
C ASN D 518 -5.58 -15.99 6.19
N PRO D 519 -5.95 -15.36 7.35
CA PRO D 519 -7.38 -15.23 7.71
C PRO D 519 -8.26 -14.57 6.65
N LYS D 520 -7.75 -13.55 5.93
CA LYS D 520 -8.52 -12.85 4.89
C LYS D 520 -8.92 -13.79 3.70
N LEU D 521 -8.47 -15.06 3.72
CA LEU D 521 -8.79 -16.02 2.66
C LEU D 521 -9.88 -17.04 3.03
N GLY D 522 -10.58 -16.81 4.16
CA GLY D 522 -11.65 -17.69 4.60
C GLY D 522 -12.86 -17.67 3.67
N GLY D 523 -13.24 -18.85 3.18
CA GLY D 523 -14.37 -19.02 2.26
C GLY D 523 -14.06 -18.68 0.82
N TYR D 524 -12.77 -18.42 0.52
CA TYR D 524 -12.27 -18.05 -0.80
C TYR D 524 -12.59 -19.13 -1.85
N GLN D 525 -13.42 -18.75 -2.84
CA GLN D 525 -13.83 -19.65 -3.92
C GLN D 525 -12.83 -19.52 -5.08
N GLN D 526 -11.65 -20.09 -4.88
CA GLN D 526 -10.52 -20.04 -5.80
C GLN D 526 -10.79 -20.82 -7.09
N MET D 527 -10.79 -20.12 -8.25
CA MET D 527 -10.96 -20.75 -9.55
C MET D 527 -9.69 -21.56 -9.88
N LEU D 528 -9.87 -22.81 -10.32
CA LEU D 528 -8.74 -23.69 -10.61
C LEU D 528 -8.66 -24.00 -12.11
N SER D 529 -9.79 -24.37 -12.72
CA SER D 529 -9.88 -24.74 -14.12
C SER D 529 -11.25 -24.39 -14.65
N ALA D 530 -11.31 -23.55 -15.71
CA ALA D 530 -12.58 -23.11 -16.27
C ALA D 530 -12.47 -22.80 -17.74
N ASP D 531 -13.55 -23.05 -18.48
CA ASP D 531 -13.64 -22.70 -19.89
C ASP D 531 -15.08 -22.54 -20.34
N ILE D 532 -15.26 -21.97 -21.54
CA ILE D 532 -16.56 -21.71 -22.14
C ILE D 532 -16.69 -22.49 -23.47
N PHE D 533 -17.92 -22.94 -23.76
CA PHE D 533 -18.25 -23.65 -24.98
C PHE D 533 -19.38 -22.92 -25.69
N ARG D 534 -19.21 -22.62 -26.99
CA ARG D 534 -20.26 -21.97 -27.79
C ARG D 534 -21.15 -23.08 -28.38
N GLY D 535 -22.38 -23.15 -27.86
CA GLY D 535 -23.38 -24.19 -28.15
C GLY D 535 -23.65 -24.56 -29.59
N ARG D 536 -23.55 -23.58 -30.51
CA ARG D 536 -23.79 -23.81 -31.95
C ARG D 536 -22.79 -24.82 -32.57
N TYR D 537 -21.69 -25.11 -31.86
CA TYR D 537 -20.66 -26.04 -32.33
C TYR D 537 -20.68 -27.38 -31.56
N ARG D 538 -21.79 -27.68 -30.85
CA ARG D 538 -21.97 -28.88 -30.03
C ARG D 538 -21.54 -30.18 -30.75
N GLU D 539 -22.04 -30.41 -31.97
CA GLU D 539 -21.78 -31.63 -32.73
C GLU D 539 -20.54 -31.52 -33.62
N ASP D 540 -20.31 -30.32 -34.20
CA ASP D 540 -19.16 -30.08 -35.08
C ASP D 540 -18.67 -28.65 -34.92
N PHE D 541 -17.37 -28.48 -34.63
CA PHE D 541 -16.76 -27.16 -34.45
C PHE D 541 -16.68 -26.39 -35.79
N ALA D 542 -16.63 -27.12 -36.92
CA ALA D 542 -16.49 -26.55 -38.26
C ALA D 542 -17.79 -25.92 -38.81
N VAL D 543 -18.97 -26.38 -38.34
CA VAL D 543 -20.26 -25.83 -38.81
C VAL D 543 -21.15 -25.38 -37.64
N ALA D 544 -21.72 -24.16 -37.75
CA ALA D 544 -22.65 -23.64 -36.76
C ALA D 544 -24.03 -24.27 -36.96
N LYS D 545 -24.63 -24.78 -35.87
CA LYS D 545 -25.92 -25.48 -35.93
C LYS D 545 -26.84 -25.01 -34.79
N PRO D 546 -28.13 -24.69 -35.08
CA PRO D 546 -29.01 -24.25 -33.99
C PRO D 546 -29.33 -25.36 -32.97
N LEU D 547 -29.51 -24.96 -31.70
CA LEU D 547 -29.86 -25.89 -30.62
C LEU D 547 -31.36 -26.12 -30.61
N VAL D 548 -31.79 -27.32 -30.20
CA VAL D 548 -33.21 -27.67 -30.13
C VAL D 548 -33.82 -27.05 -28.87
N PRO D 549 -34.81 -26.14 -28.99
CA PRO D 549 -35.38 -25.51 -27.78
C PRO D 549 -36.07 -26.53 -26.87
N ASP D 550 -35.78 -26.44 -25.55
CA ASP D 550 -36.35 -27.27 -24.47
C ASP D 550 -35.92 -28.76 -24.54
N LYS D 551 -34.85 -29.07 -25.30
CA LYS D 551 -34.35 -30.44 -25.44
C LYS D 551 -33.02 -30.63 -24.69
N VAL D 552 -32.91 -31.73 -23.93
CA VAL D 552 -31.69 -32.08 -23.20
C VAL D 552 -30.63 -32.54 -24.21
N LEU D 553 -29.53 -31.78 -24.31
CA LEU D 553 -28.44 -32.07 -25.24
C LEU D 553 -27.13 -32.31 -24.51
N GLU D 554 -26.30 -33.23 -25.02
CA GLU D 554 -25.02 -33.61 -24.42
C GLU D 554 -23.88 -32.76 -24.97
N TYR D 555 -23.06 -32.22 -24.07
CA TYR D 555 -21.90 -31.40 -24.40
C TYR D 555 -20.63 -32.00 -23.81
N ARG D 556 -19.55 -32.04 -24.60
CA ARG D 556 -18.25 -32.50 -24.15
C ARG D 556 -17.33 -31.28 -24.09
N ILE D 557 -17.02 -30.81 -22.87
CA ILE D 557 -16.20 -29.60 -22.70
C ILE D 557 -14.88 -29.92 -21.96
N PRO D 558 -13.76 -30.12 -22.70
CA PRO D 558 -12.46 -30.32 -22.03
C PRO D 558 -12.03 -29.01 -21.38
N LEU D 559 -11.60 -29.08 -20.10
CA LEU D 559 -11.23 -27.90 -19.33
C LEU D 559 -9.69 -27.79 -19.14
N PRO D 560 -9.16 -26.58 -18.80
CA PRO D 560 -7.69 -26.44 -18.63
C PRO D 560 -7.09 -27.46 -17.67
N GLN D 561 -5.80 -27.81 -17.89
CA GLN D 561 -5.05 -28.80 -17.10
C GLN D 561 -5.06 -28.51 -15.60
N VAL D 562 -5.09 -29.58 -14.80
CA VAL D 562 -5.03 -29.51 -13.35
C VAL D 562 -3.85 -30.35 -12.86
N SER D 563 -3.25 -29.90 -11.78
CA SER D 563 -2.18 -30.56 -11.03
C SER D 563 -2.34 -30.01 -9.64
N HIS D 564 -3.33 -30.54 -8.92
CA HIS D 564 -3.74 -29.94 -7.66
C HIS D 564 -4.10 -30.95 -6.59
N THR D 565 -3.87 -30.57 -5.33
CA THR D 565 -4.30 -31.31 -4.16
C THR D 565 -5.36 -30.48 -3.45
N PHE D 566 -6.60 -30.99 -3.40
CA PHE D 566 -7.66 -30.37 -2.63
C PHE D 566 -7.39 -30.78 -1.19
N LEU D 567 -6.79 -29.87 -0.41
CA LEU D 567 -6.37 -30.14 0.97
C LEU D 567 -7.56 -30.37 1.92
N PRO D 568 -7.35 -31.04 3.10
CA PRO D 568 -8.47 -31.24 4.04
C PRO D 568 -9.10 -29.92 4.48
N GLY D 569 -10.42 -29.89 4.62
CA GLY D 569 -11.16 -28.70 4.99
C GLY D 569 -11.65 -27.91 3.78
N HIS D 570 -11.01 -28.13 2.61
CA HIS D 570 -11.39 -27.49 1.35
C HIS D 570 -12.55 -28.25 0.71
N ARG D 571 -13.30 -27.58 -0.19
CA ARG D 571 -14.38 -28.23 -0.93
C ARG D 571 -14.08 -28.16 -2.42
N ILE D 572 -14.63 -29.12 -3.19
CA ILE D 572 -14.56 -29.06 -4.65
C ILE D 572 -15.87 -28.42 -5.11
N MET D 573 -15.79 -27.35 -5.92
CA MET D 573 -16.99 -26.65 -6.38
C MET D 573 -17.04 -26.56 -7.89
N VAL D 574 -18.26 -26.70 -8.45
CA VAL D 574 -18.54 -26.49 -9.86
C VAL D 574 -19.56 -25.36 -9.99
N GLN D 575 -19.30 -24.42 -10.92
CA GLN D 575 -20.20 -23.31 -11.23
C GLN D 575 -20.50 -23.30 -12.72
N VAL D 576 -21.79 -23.11 -13.09
CA VAL D 576 -22.20 -23.06 -14.49
C VAL D 576 -22.96 -21.75 -14.74
N GLN D 577 -22.62 -21.06 -15.84
CA GLN D 577 -23.26 -19.82 -16.27
C GLN D 577 -23.28 -19.75 -17.81
N SER D 578 -24.03 -18.79 -18.38
CA SER D 578 -24.21 -18.69 -19.83
C SER D 578 -23.48 -17.49 -20.45
N SER D 579 -22.76 -16.69 -19.64
CA SER D 579 -22.01 -15.53 -20.14
C SER D 579 -20.75 -15.28 -19.28
N TRP D 580 -19.75 -14.60 -19.88
CA TRP D 580 -18.44 -14.28 -19.30
C TRP D 580 -17.95 -12.94 -19.90
N PHE D 581 -18.75 -11.87 -19.68
CA PHE D 581 -18.60 -10.54 -20.26
C PHE D 581 -17.67 -9.57 -19.47
N PRO D 582 -16.91 -8.66 -20.14
CA PRO D 582 -16.85 -8.39 -21.59
C PRO D 582 -15.79 -9.18 -22.35
N LEU D 583 -14.95 -10.00 -21.65
CA LEU D 583 -13.89 -10.80 -22.29
C LEU D 583 -14.44 -11.56 -23.50
N TYR D 584 -15.56 -12.28 -23.33
CA TYR D 584 -16.24 -12.98 -24.42
C TYR D 584 -17.48 -12.23 -24.83
N ASP D 585 -17.78 -12.18 -26.14
CA ASP D 585 -18.99 -11.52 -26.62
C ASP D 585 -20.20 -12.36 -26.21
N ARG D 586 -21.38 -11.72 -26.13
CA ARG D 586 -22.59 -12.42 -25.70
C ARG D 586 -23.10 -13.35 -26.75
N ASN D 587 -23.62 -14.50 -26.33
CA ASN D 587 -24.33 -15.40 -27.21
C ASN D 587 -25.75 -14.83 -27.28
N PRO D 588 -26.30 -14.54 -28.48
CA PRO D 588 -27.65 -13.94 -28.55
C PRO D 588 -28.73 -14.82 -27.92
N GLN D 589 -28.48 -16.15 -27.85
CA GLN D 589 -29.36 -17.18 -27.29
C GLN D 589 -30.52 -17.52 -28.23
N THR D 590 -30.45 -16.95 -29.45
CA THR D 590 -31.27 -17.30 -30.62
C THR D 590 -30.25 -17.52 -31.72
N PHE D 591 -30.48 -18.50 -32.61
CA PHE D 591 -29.49 -18.77 -33.64
C PHE D 591 -29.47 -17.69 -34.71
N VAL D 592 -28.26 -17.16 -34.96
CA VAL D 592 -27.97 -16.16 -36.00
C VAL D 592 -26.81 -16.72 -36.85
N PRO D 593 -26.70 -16.38 -38.16
CA PRO D 593 -25.59 -16.93 -38.97
C PRO D 593 -24.21 -16.53 -38.43
N ASN D 594 -24.03 -15.25 -38.05
CA ASN D 594 -22.76 -14.75 -37.53
C ASN D 594 -22.99 -13.85 -36.30
N ILE D 595 -22.54 -14.31 -35.12
CA ILE D 595 -22.69 -13.60 -33.84
C ILE D 595 -21.93 -12.25 -33.85
N MET D 596 -20.86 -12.14 -34.68
CA MET D 596 -20.09 -10.89 -34.85
C MET D 596 -21.01 -9.72 -35.23
N PHE D 597 -22.06 -10.00 -36.04
CA PHE D 597 -22.99 -8.98 -36.52
C PHE D 597 -24.44 -9.27 -36.11
N ALA D 598 -24.63 -10.00 -34.97
CA ALA D 598 -25.94 -10.36 -34.44
C ALA D 598 -26.81 -9.11 -34.19
N PRO D 599 -28.02 -9.01 -34.81
CA PRO D 599 -28.87 -7.82 -34.59
C PRO D 599 -29.37 -7.70 -33.14
N PRO D 600 -29.70 -6.48 -32.65
CA PRO D 600 -30.12 -6.32 -31.24
C PRO D 600 -31.37 -7.13 -30.85
N GLU D 601 -32.34 -7.28 -31.78
CA GLU D 601 -33.59 -8.01 -31.54
C GLU D 601 -33.37 -9.54 -31.35
N SER D 602 -32.18 -10.05 -31.73
CA SER D 602 -31.84 -11.47 -31.61
C SER D 602 -31.45 -11.87 -30.17
N TYR D 603 -31.04 -10.88 -29.35
CA TYR D 603 -30.64 -11.12 -27.96
C TYR D 603 -31.87 -11.30 -27.08
N ARG D 604 -32.11 -12.54 -26.63
CA ARG D 604 -33.31 -12.86 -25.86
C ARG D 604 -33.01 -13.71 -24.63
N LYS D 605 -33.80 -13.46 -23.54
CA LYS D 605 -33.73 -14.22 -22.28
C LYS D 605 -34.06 -15.69 -22.55
N ALA D 606 -33.35 -16.60 -21.89
CA ALA D 606 -33.59 -18.03 -22.10
C ALA D 606 -33.52 -18.80 -20.79
N THR D 607 -34.42 -19.78 -20.63
CA THR D 607 -34.51 -20.65 -19.46
C THR D 607 -33.54 -21.81 -19.67
N GLN D 608 -32.48 -21.87 -18.83
CA GLN D 608 -31.44 -22.90 -18.90
C GLN D 608 -31.65 -23.94 -17.82
N ARG D 609 -31.35 -25.21 -18.14
CA ARG D 609 -31.51 -26.32 -17.19
C ARG D 609 -30.34 -27.28 -17.29
N VAL D 610 -29.72 -27.61 -16.15
CA VAL D 610 -28.62 -28.59 -16.08
C VAL D 610 -29.20 -29.84 -15.46
N TRP D 611 -29.34 -30.91 -16.25
CA TRP D 611 -29.97 -32.17 -15.84
C TRP D 611 -29.04 -33.08 -15.05
N ARG D 612 -29.61 -33.79 -14.08
CA ARG D 612 -28.89 -34.73 -13.21
C ARG D 612 -29.74 -35.99 -12.96
N THR D 613 -29.92 -36.81 -14.02
CA THR D 613 -30.72 -38.04 -13.98
C THR D 613 -29.87 -39.28 -14.36
N ALA D 614 -30.44 -40.49 -14.26
CA ALA D 614 -29.77 -41.73 -14.66
C ALA D 614 -29.48 -41.72 -16.16
N GLU D 615 -30.40 -41.14 -16.95
CA GLU D 615 -30.28 -40.99 -18.41
C GLU D 615 -29.33 -39.83 -18.75
N TYR D 616 -29.43 -38.71 -18.00
CA TYR D 616 -28.61 -37.51 -18.23
C TYR D 616 -27.75 -37.16 -16.98
N PRO D 617 -26.66 -37.91 -16.69
CA PRO D 617 -25.88 -37.60 -15.48
C PRO D 617 -24.76 -36.60 -15.73
N THR D 618 -25.04 -35.28 -15.55
CA THR D 618 -24.02 -34.24 -15.72
C THR D 618 -22.92 -34.46 -14.68
N ALA D 619 -21.65 -34.52 -15.14
CA ALA D 619 -20.51 -34.76 -14.27
C ALA D 619 -19.22 -34.16 -14.82
N ILE D 620 -18.21 -34.04 -13.94
CA ILE D 620 -16.87 -33.63 -14.31
C ILE D 620 -16.00 -34.89 -14.29
N GLU D 621 -15.50 -35.30 -15.46
CA GLU D 621 -14.63 -36.46 -15.59
C GLU D 621 -13.23 -36.05 -15.16
N ILE D 622 -12.79 -36.54 -13.98
CA ILE D 622 -11.50 -36.16 -13.40
C ILE D 622 -10.60 -37.36 -13.17
N HIS D 623 -9.28 -37.15 -13.33
CA HIS D 623 -8.26 -38.15 -13.14
C HIS D 623 -7.67 -38.00 -11.73
N ILE D 624 -8.05 -38.91 -10.81
CA ILE D 624 -7.62 -38.88 -9.40
C ILE D 624 -6.39 -39.80 -9.23
N ILE D 625 -5.34 -39.30 -8.55
CA ILE D 625 -4.11 -40.08 -8.32
C ILE D 625 -3.86 -40.30 -6.81
N SER D 626 -3.13 -41.37 -6.47
CA SER D 626 -2.80 -41.73 -5.09
C SER D 626 -1.43 -41.15 -4.70
#